data_3DN6
# 
_entry.id   3DN6 
# 
_audit_conform.dict_name       mmcif_pdbx.dic 
_audit_conform.dict_version    5.377 
_audit_conform.dict_location   http://mmcif.pdb.org/dictionaries/ascii/mmcif_pdbx.dic 
# 
loop_
_database_2.database_id 
_database_2.database_code 
_database_2.pdbx_database_accession 
_database_2.pdbx_DOI 
PDB   3DN6         pdb_00003dn6 10.2210/pdb3dn6/pdb 
RCSB  RCSB048246   ?            ?                   
WWPDB D_1000048246 ?            ?                   
# 
loop_
_pdbx_database_related.db_name 
_pdbx_database_related.db_id 
_pdbx_database_related.details 
_pdbx_database_related.content_type 
PDB 181L 'T4 lysozyme L99A bound with benzene at room temperature' unspecified 
PDB 3DKE .                                                         unspecified 
PDB 3DMV .                                                         unspecified 
PDB 3DMX .                                                         unspecified 
PDB 3DMZ .                                                         unspecified 
PDB 3DN0 .                                                         unspecified 
PDB 3DN1 .                                                         unspecified 
PDB 3DN2 .                                                         unspecified 
PDB 3DN3 .                                                         unspecified 
PDB 3DN4 .                                                         unspecified 
PDB 3DN8 .                                                         unspecified 
PDB 3DNA .                                                         unspecified 
# 
_pdbx_database_status.status_code                     REL 
_pdbx_database_status.entry_id                        3DN6 
_pdbx_database_status.recvd_initial_deposition_date   2008-07-01 
_pdbx_database_status.deposit_site                    RCSB 
_pdbx_database_status.process_site                    RCSB 
_pdbx_database_status.status_code_sf                  REL 
_pdbx_database_status.status_code_mr                  ? 
_pdbx_database_status.SG_entry                        ? 
_pdbx_database_status.pdb_format_compatible           Y 
_pdbx_database_status.status_code_cs                  ? 
_pdbx_database_status.status_code_nmr_data            ? 
_pdbx_database_status.methods_development_category    ? 
# 
loop_
_audit_author.name 
_audit_author.pdbx_ordinal 
'Liu, L.'        1 
'Matthews, B.W.' 2 
# 
_citation.id                        primary 
_citation.title                     
'Halogenated benzenes bound within a non-polar cavity in T4 lysozyme provide examples of I...S and I...Se halogen-bonding.' 
_citation.journal_abbrev            J.Mol.Biol. 
_citation.journal_volume            385 
_citation.page_first                595 
_citation.page_last                 605 
_citation.year                      2009 
_citation.journal_id_ASTM           JMOBAK 
_citation.country                   UK 
_citation.journal_id_ISSN           0022-2836 
_citation.journal_id_CSD            0070 
_citation.book_publisher            ? 
_citation.pdbx_database_id_PubMed   19014950 
_citation.pdbx_database_id_DOI      10.1016/j.jmb.2008.10.086 
# 
loop_
_citation_author.citation_id 
_citation_author.name 
_citation_author.ordinal 
_citation_author.identifier_ORCID 
primary 'Liu, L.'        1 ? 
primary 'Baase, W.A.'    2 ? 
primary 'Matthews, B.W.' 3 ? 
# 
_cell.entry_id           3DN6 
_cell.length_a           60.031 
_cell.length_b           60.031 
_cell.length_c           95.956 
_cell.angle_alpha        90.00 
_cell.angle_beta         90.00 
_cell.angle_gamma        120.00 
_cell.Z_PDB              6 
_cell.pdbx_unique_axis   ? 
_cell.length_a_esd       ? 
_cell.length_b_esd       ? 
_cell.length_c_esd       ? 
_cell.angle_alpha_esd    ? 
_cell.angle_beta_esd     ? 
_cell.angle_gamma_esd    ? 
# 
_symmetry.entry_id                         3DN6 
_symmetry.space_group_name_H-M             'P 32 2 1' 
_symmetry.pdbx_full_space_group_name_H-M   ? 
_symmetry.cell_setting                     ? 
_symmetry.Int_Tables_number                154 
_symmetry.space_group_name_Hall            ? 
# 
loop_
_entity.id 
_entity.type 
_entity.src_method 
_entity.pdbx_description 
_entity.formula_weight 
_entity.pdbx_number_of_molecules 
_entity.pdbx_ec 
_entity.pdbx_mutation 
_entity.pdbx_fragment 
_entity.details 
1 polymer     man Lysozyme                               18586.283 1   3.2.1.17 'C54T, C97A, L99A' ? ? 
2 non-polymer syn 'PHOSPHATE ION'                        94.971    2   ?        ?                  ? ? 
3 non-polymer syn 1,3,5-trichloro-2,4,6-trifluorobenzene 235.418   1   ?        ?                  ? ? 
4 non-polymer syn '2-HYDROXYETHYL DISULFIDE'             154.251   2   ?        ?                  ? ? 
5 water       nat water                                  18.015    240 ?        ?                  ? ? 
# 
_entity_name_com.entity_id   1 
_entity_name_com.name        'Lysis protein, Muramidase, Endolysin' 
# 
_entity_poly.entity_id                      1 
_entity_poly.type                           'polypeptide(L)' 
_entity_poly.nstd_linkage                   no 
_entity_poly.nstd_monomer                   no 
_entity_poly.pdbx_seq_one_letter_code       
;MNIFEMLRIDEGLRLKIYKDTEGYYTIGIGHLLTKSPSLNAAKSELDKAIGRNTNGVITKDEAEKLFNQDVDAAVRGILR
NAKLKPVYDSLDAVRRAAAINMVFQMGETGVAGFTNSLRMLQQKRWDEAAVNLAKSRWYNQTPNRAKRVITTFRTGTWDA
YKNL
;
_entity_poly.pdbx_seq_one_letter_code_can   
;MNIFEMLRIDEGLRLKIYKDTEGYYTIGIGHLLTKSPSLNAAKSELDKAIGRNTNGVITKDEAEKLFNQDVDAAVRGILR
NAKLKPVYDSLDAVRRAAAINMVFQMGETGVAGFTNSLRMLQQKRWDEAAVNLAKSRWYNQTPNRAKRVITTFRTGTWDA
YKNL
;
_entity_poly.pdbx_strand_id                 A 
_entity_poly.pdbx_target_identifier         ? 
# 
loop_
_entity_poly_seq.entity_id 
_entity_poly_seq.num 
_entity_poly_seq.mon_id 
_entity_poly_seq.hetero 
1 1   MET n 
1 2   ASN n 
1 3   ILE n 
1 4   PHE n 
1 5   GLU n 
1 6   MET n 
1 7   LEU n 
1 8   ARG n 
1 9   ILE n 
1 10  ASP n 
1 11  GLU n 
1 12  GLY n 
1 13  LEU n 
1 14  ARG n 
1 15  LEU n 
1 16  LYS n 
1 17  ILE n 
1 18  TYR n 
1 19  LYS n 
1 20  ASP n 
1 21  THR n 
1 22  GLU n 
1 23  GLY n 
1 24  TYR n 
1 25  TYR n 
1 26  THR n 
1 27  ILE n 
1 28  GLY n 
1 29  ILE n 
1 30  GLY n 
1 31  HIS n 
1 32  LEU n 
1 33  LEU n 
1 34  THR n 
1 35  LYS n 
1 36  SER n 
1 37  PRO n 
1 38  SER n 
1 39  LEU n 
1 40  ASN n 
1 41  ALA n 
1 42  ALA n 
1 43  LYS n 
1 44  SER n 
1 45  GLU n 
1 46  LEU n 
1 47  ASP n 
1 48  LYS n 
1 49  ALA n 
1 50  ILE n 
1 51  GLY n 
1 52  ARG n 
1 53  ASN n 
1 54  THR n 
1 55  ASN n 
1 56  GLY n 
1 57  VAL n 
1 58  ILE n 
1 59  THR n 
1 60  LYS n 
1 61  ASP n 
1 62  GLU n 
1 63  ALA n 
1 64  GLU n 
1 65  LYS n 
1 66  LEU n 
1 67  PHE n 
1 68  ASN n 
1 69  GLN n 
1 70  ASP n 
1 71  VAL n 
1 72  ASP n 
1 73  ALA n 
1 74  ALA n 
1 75  VAL n 
1 76  ARG n 
1 77  GLY n 
1 78  ILE n 
1 79  LEU n 
1 80  ARG n 
1 81  ASN n 
1 82  ALA n 
1 83  LYS n 
1 84  LEU n 
1 85  LYS n 
1 86  PRO n 
1 87  VAL n 
1 88  TYR n 
1 89  ASP n 
1 90  SER n 
1 91  LEU n 
1 92  ASP n 
1 93  ALA n 
1 94  VAL n 
1 95  ARG n 
1 96  ARG n 
1 97  ALA n 
1 98  ALA n 
1 99  ALA n 
1 100 ILE n 
1 101 ASN n 
1 102 MET n 
1 103 VAL n 
1 104 PHE n 
1 105 GLN n 
1 106 MET n 
1 107 GLY n 
1 108 GLU n 
1 109 THR n 
1 110 GLY n 
1 111 VAL n 
1 112 ALA n 
1 113 GLY n 
1 114 PHE n 
1 115 THR n 
1 116 ASN n 
1 117 SER n 
1 118 LEU n 
1 119 ARG n 
1 120 MET n 
1 121 LEU n 
1 122 GLN n 
1 123 GLN n 
1 124 LYS n 
1 125 ARG n 
1 126 TRP n 
1 127 ASP n 
1 128 GLU n 
1 129 ALA n 
1 130 ALA n 
1 131 VAL n 
1 132 ASN n 
1 133 LEU n 
1 134 ALA n 
1 135 LYS n 
1 136 SER n 
1 137 ARG n 
1 138 TRP n 
1 139 TYR n 
1 140 ASN n 
1 141 GLN n 
1 142 THR n 
1 143 PRO n 
1 144 ASN n 
1 145 ARG n 
1 146 ALA n 
1 147 LYS n 
1 148 ARG n 
1 149 VAL n 
1 150 ILE n 
1 151 THR n 
1 152 THR n 
1 153 PHE n 
1 154 ARG n 
1 155 THR n 
1 156 GLY n 
1 157 THR n 
1 158 TRP n 
1 159 ASP n 
1 160 ALA n 
1 161 TYR n 
1 162 LYS n 
1 163 ASN n 
1 164 LEU n 
# 
_entity_src_gen.entity_id                          1 
_entity_src_gen.pdbx_src_id                        1 
_entity_src_gen.pdbx_alt_source_flag               sample 
_entity_src_gen.pdbx_seq_type                      ? 
_entity_src_gen.pdbx_beg_seq_num                   ? 
_entity_src_gen.pdbx_end_seq_num                   ? 
_entity_src_gen.gene_src_common_name               ? 
_entity_src_gen.gene_src_genus                     ? 
_entity_src_gen.pdbx_gene_src_gene                 E 
_entity_src_gen.gene_src_species                   ? 
_entity_src_gen.gene_src_strain                    ? 
_entity_src_gen.gene_src_tissue                    ? 
_entity_src_gen.gene_src_tissue_fraction           ? 
_entity_src_gen.gene_src_details                   ? 
_entity_src_gen.pdbx_gene_src_fragment             ? 
_entity_src_gen.pdbx_gene_src_scientific_name      'Bacteriophage T4' 
_entity_src_gen.pdbx_gene_src_ncbi_taxonomy_id     10665 
_entity_src_gen.pdbx_gene_src_variant              ? 
_entity_src_gen.pdbx_gene_src_cell_line            ? 
_entity_src_gen.pdbx_gene_src_atcc                 ? 
_entity_src_gen.pdbx_gene_src_organ                ? 
_entity_src_gen.pdbx_gene_src_organelle            ? 
_entity_src_gen.pdbx_gene_src_cell                 ? 
_entity_src_gen.pdbx_gene_src_cellular_location    ? 
_entity_src_gen.host_org_common_name               ? 
_entity_src_gen.pdbx_host_org_scientific_name      'Escherichia coli' 
_entity_src_gen.pdbx_host_org_ncbi_taxonomy_id     562 
_entity_src_gen.host_org_genus                     ? 
_entity_src_gen.pdbx_host_org_gene                 ? 
_entity_src_gen.pdbx_host_org_organ                ? 
_entity_src_gen.host_org_species                   ? 
_entity_src_gen.pdbx_host_org_tissue               ? 
_entity_src_gen.pdbx_host_org_tissue_fraction      ? 
_entity_src_gen.pdbx_host_org_strain               ? 
_entity_src_gen.pdbx_host_org_variant              ? 
_entity_src_gen.pdbx_host_org_cell_line            ? 
_entity_src_gen.pdbx_host_org_atcc                 ? 
_entity_src_gen.pdbx_host_org_culture_collection   ? 
_entity_src_gen.pdbx_host_org_cell                 ? 
_entity_src_gen.pdbx_host_org_organelle            ? 
_entity_src_gen.pdbx_host_org_cellular_location    ? 
_entity_src_gen.pdbx_host_org_vector_type          ? 
_entity_src_gen.pdbx_host_org_vector               ? 
_entity_src_gen.host_org_details                   ? 
_entity_src_gen.expression_system_id               ? 
_entity_src_gen.plasmid_name                       ? 
_entity_src_gen.plasmid_details                    ? 
_entity_src_gen.pdbx_description                   ? 
# 
_struct_ref.id                         1 
_struct_ref.db_name                    UNP 
_struct_ref.db_code                    LYS_BPT4 
_struct_ref.pdbx_db_accession          P00720 
_struct_ref.entity_id                  1 
_struct_ref.pdbx_seq_one_letter_code   
;MNIFEMLRIDEGLRLKIYKDTEGYYTIGIGHLLTKSPSLNAAKSELDKAIGRNCNGVITKDEAEKLFNQDVDAAVRGILR
NAKLKPVYDSLDAVRRCALINMVFQMGETGVAGFTNSLRMLQQKRWDEAAVNLAKSRWYNQTPNRAKRVITTFRTGTWDA
YKNL
;
_struct_ref.pdbx_align_begin           1 
_struct_ref.pdbx_db_isoform            ? 
# 
_struct_ref_seq.align_id                      1 
_struct_ref_seq.ref_id                        1 
_struct_ref_seq.pdbx_PDB_id_code              3DN6 
_struct_ref_seq.pdbx_strand_id                A 
_struct_ref_seq.seq_align_beg                 1 
_struct_ref_seq.pdbx_seq_align_beg_ins_code   ? 
_struct_ref_seq.seq_align_end                 164 
_struct_ref_seq.pdbx_seq_align_end_ins_code   ? 
_struct_ref_seq.pdbx_db_accession             P00720 
_struct_ref_seq.db_align_beg                  1 
_struct_ref_seq.pdbx_db_align_beg_ins_code    ? 
_struct_ref_seq.db_align_end                  164 
_struct_ref_seq.pdbx_db_align_end_ins_code    ? 
_struct_ref_seq.pdbx_auth_seq_align_beg       1 
_struct_ref_seq.pdbx_auth_seq_align_end       164 
# 
loop_
_struct_ref_seq_dif.align_id 
_struct_ref_seq_dif.pdbx_pdb_id_code 
_struct_ref_seq_dif.mon_id 
_struct_ref_seq_dif.pdbx_pdb_strand_id 
_struct_ref_seq_dif.seq_num 
_struct_ref_seq_dif.pdbx_pdb_ins_code 
_struct_ref_seq_dif.pdbx_seq_db_name 
_struct_ref_seq_dif.pdbx_seq_db_accession_code 
_struct_ref_seq_dif.db_mon_id 
_struct_ref_seq_dif.pdbx_seq_db_seq_num 
_struct_ref_seq_dif.details 
_struct_ref_seq_dif.pdbx_auth_seq_num 
_struct_ref_seq_dif.pdbx_ordinal 
1 3DN6 THR A 54 ? UNP P00720 CYS 54 'engineered mutation' 54 1 
1 3DN6 ALA A 97 ? UNP P00720 CYS 97 'engineered mutation' 97 2 
1 3DN6 ALA A 99 ? UNP P00720 LEU 99 'engineered mutation' 99 3 
# 
loop_
_chem_comp.id 
_chem_comp.type 
_chem_comp.mon_nstd_flag 
_chem_comp.name 
_chem_comp.pdbx_synonyms 
_chem_comp.formula 
_chem_comp.formula_weight 
ALA 'L-peptide linking' y ALANINE                                ? 'C3 H7 N O2'     89.093  
ARG 'L-peptide linking' y ARGININE                               ? 'C6 H15 N4 O2 1' 175.209 
ASN 'L-peptide linking' y ASPARAGINE                             ? 'C4 H8 N2 O3'    132.118 
ASP 'L-peptide linking' y 'ASPARTIC ACID'                        ? 'C4 H7 N O4'     133.103 
CYS 'L-peptide linking' y CYSTEINE                               ? 'C3 H7 N O2 S'   121.158 
F3B non-polymer         . 1,3,5-trichloro-2,4,6-trifluorobenzene ? 'C6 Cl3 F3'      235.418 
GLN 'L-peptide linking' y GLUTAMINE                              ? 'C5 H10 N2 O3'   146.144 
GLU 'L-peptide linking' y 'GLUTAMIC ACID'                        ? 'C5 H9 N O4'     147.129 
GLY 'peptide linking'   y GLYCINE                                ? 'C2 H5 N O2'     75.067  
HED non-polymer         . '2-HYDROXYETHYL DISULFIDE'             ? 'C4 H10 O2 S2'   154.251 
HIS 'L-peptide linking' y HISTIDINE                              ? 'C6 H10 N3 O2 1' 156.162 
HOH non-polymer         . WATER                                  ? 'H2 O'           18.015  
ILE 'L-peptide linking' y ISOLEUCINE                             ? 'C6 H13 N O2'    131.173 
LEU 'L-peptide linking' y LEUCINE                                ? 'C6 H13 N O2'    131.173 
LYS 'L-peptide linking' y LYSINE                                 ? 'C6 H15 N2 O2 1' 147.195 
MET 'L-peptide linking' y METHIONINE                             ? 'C5 H11 N O2 S'  149.211 
PHE 'L-peptide linking' y PHENYLALANINE                          ? 'C9 H11 N O2'    165.189 
PO4 non-polymer         . 'PHOSPHATE ION'                        ? 'O4 P -3'        94.971  
PRO 'L-peptide linking' y PROLINE                                ? 'C5 H9 N O2'     115.130 
SER 'L-peptide linking' y SERINE                                 ? 'C3 H7 N O3'     105.093 
THR 'L-peptide linking' y THREONINE                              ? 'C4 H9 N O3'     119.119 
TRP 'L-peptide linking' y TRYPTOPHAN                             ? 'C11 H12 N2 O2'  204.225 
TYR 'L-peptide linking' y TYROSINE                               ? 'C9 H11 N O3'    181.189 
VAL 'L-peptide linking' y VALINE                                 ? 'C5 H11 N O2'    117.146 
# 
_exptl.entry_id          3DN6 
_exptl.method            'X-RAY DIFFRACTION' 
_exptl.crystals_number   1 
# 
_exptl_crystal.id                    1 
_exptl_crystal.density_meas          ? 
_exptl_crystal.density_Matthews      2.69 
_exptl_crystal.density_percent_sol   54.20 
_exptl_crystal.description           ? 
_exptl_crystal.F_000                 ? 
_exptl_crystal.preparation           ? 
# 
_exptl_crystal_grow.crystal_id      1 
_exptl_crystal_grow.method          'VAPOR DIFFUSION, HANGING DROP' 
_exptl_crystal_grow.temp            277 
_exptl_crystal_grow.temp_details    ? 
_exptl_crystal_grow.pH              6.9 
_exptl_crystal_grow.pdbx_details    
;2.0-2.2 M K/Na phosphate, pH 6.9, 5mM BME and 5mM oxidized BME. Complexes were prepared by soaking or vapor diffusion methods, VAPOR DIFFUSION, HANGING DROP, temperature 277K
;
_exptl_crystal_grow.pdbx_pH_range   . 
# 
_diffrn.id                     1 
_diffrn.ambient_temp           100 
_diffrn.ambient_temp_details   ? 
_diffrn.crystal_id             1 
# 
_diffrn_detector.diffrn_id              1 
_diffrn_detector.detector               'IMAGE PLATE' 
_diffrn_detector.type                   'RIGAKU RAXIS IV' 
_diffrn_detector.pdbx_collection_date   2005-03-25 
_diffrn_detector.details                ? 
# 
_diffrn_radiation.diffrn_id                        1 
_diffrn_radiation.wavelength_id                    1 
_diffrn_radiation.pdbx_monochromatic_or_laue_m_l   M 
_diffrn_radiation.monochromator                    Graphite 
_diffrn_radiation.pdbx_diffrn_protocol             'SINGLE WAVELENGTH' 
_diffrn_radiation.pdbx_scattering_type             x-ray 
# 
_diffrn_radiation_wavelength.id           1 
_diffrn_radiation_wavelength.wavelength   1.542 
_diffrn_radiation_wavelength.wt           1.0 
# 
_diffrn_source.diffrn_id                   1 
_diffrn_source.source                      'ROTATING ANODE' 
_diffrn_source.type                        'RIGAKU RUH3R' 
_diffrn_source.pdbx_synchrotron_site       ? 
_diffrn_source.pdbx_synchrotron_beamline   ? 
_diffrn_source.pdbx_wavelength             ? 
_diffrn_source.pdbx_wavelength_list        1.542 
# 
_reflns.entry_id                     3DN6 
_reflns.observed_criterion_sigma_F   2.0 
_reflns.observed_criterion_sigma_I   2.0 
_reflns.d_resolution_high            1.80 
_reflns.d_resolution_low             53 
_reflns.number_all                   ? 
_reflns.number_obs                   18504 
_reflns.percent_possible_obs         98.2 
_reflns.pdbx_Rmerge_I_obs            ? 
_reflns.pdbx_Rsym_value              ? 
_reflns.pdbx_netI_over_sigmaI        ? 
_reflns.B_iso_Wilson_estimate        ? 
_reflns.pdbx_redundancy              ? 
_reflns.R_free_details               ? 
_reflns.limit_h_max                  ? 
_reflns.limit_h_min                  ? 
_reflns.limit_k_max                  ? 
_reflns.limit_k_min                  ? 
_reflns.limit_l_max                  ? 
_reflns.limit_l_min                  ? 
_reflns.observed_criterion_F_max     ? 
_reflns.observed_criterion_F_min     ? 
_reflns.pdbx_chi_squared             ? 
_reflns.pdbx_scaling_rejects         ? 
_reflns.pdbx_diffrn_id               1 
_reflns.pdbx_ordinal                 1 
# 
_reflns_shell.d_res_high             1.80 
_reflns_shell.d_res_low              1.86 
_reflns_shell.percent_possible_all   96.4 
_reflns_shell.Rmerge_I_obs           ? 
_reflns_shell.pdbx_Rsym_value        ? 
_reflns_shell.meanI_over_sigI_obs    ? 
_reflns_shell.pdbx_redundancy        ? 
_reflns_shell.percent_possible_obs   ? 
_reflns_shell.number_unique_all      ? 
_reflns_shell.number_measured_all    ? 
_reflns_shell.number_measured_obs    ? 
_reflns_shell.number_unique_obs      ? 
_reflns_shell.pdbx_chi_squared       ? 
_reflns_shell.pdbx_diffrn_id         ? 
_reflns_shell.pdbx_ordinal           1 
# 
_refine.entry_id                                 3DN6 
_refine.ls_number_reflns_obs                     17524 
_refine.ls_number_reflns_all                     ? 
_refine.pdbx_ls_sigma_I                          ? 
_refine.pdbx_ls_sigma_F                          ? 
_refine.pdbx_data_cutoff_high_absF               ? 
_refine.pdbx_data_cutoff_low_absF                ? 
_refine.pdbx_data_cutoff_high_rms_absF           ? 
_refine.ls_d_res_low                             45.69 
_refine.ls_d_res_high                            1.80 
_refine.ls_percent_reflns_obs                    97.83 
_refine.ls_R_factor_obs                          0.18578 
_refine.ls_R_factor_all                          ? 
_refine.ls_R_factor_R_work                       0.18383 
_refine.ls_R_factor_R_free                       0.22143 
_refine.ls_R_factor_R_free_error                 ? 
_refine.ls_R_factor_R_free_error_details         ? 
_refine.ls_percent_reflns_R_free                 5.1 
_refine.ls_number_reflns_R_free                  945 
_refine.ls_number_parameters                     ? 
_refine.ls_number_restraints                     ? 
_refine.occupancy_min                            ? 
_refine.occupancy_max                            ? 
_refine.correlation_coeff_Fo_to_Fc               0.949 
_refine.correlation_coeff_Fo_to_Fc_free          0.927 
_refine.B_iso_mean                               17.442 
_refine.aniso_B[1][1]                            0.04 
_refine.aniso_B[2][2]                            0.04 
_refine.aniso_B[3][3]                            -0.06 
_refine.aniso_B[1][2]                            0.02 
_refine.aniso_B[1][3]                            0.00 
_refine.aniso_B[2][3]                            0.00 
_refine.solvent_model_details                    MASK 
_refine.solvent_model_param_ksol                 ? 
_refine.solvent_model_param_bsol                 ? 
_refine.pdbx_solvent_vdw_probe_radii             1.20 
_refine.pdbx_solvent_ion_probe_radii             0.80 
_refine.pdbx_solvent_shrinkage_radii             0.80 
_refine.pdbx_ls_cross_valid_method               THROUGHOUT 
_refine.details                                  'HYDROGENS HAVE BEEN ADDED IN THE RIDING POSITIONS' 
_refine.pdbx_starting_model                      'PDB entry 3DMV' 
_refine.pdbx_method_to_determine_struct          'MOLECULAR REPLACEMENT' 
_refine.pdbx_isotropic_thermal_model             ? 
_refine.pdbx_stereochemistry_target_values       'MAXIMUM LIKELIHOOD' 
_refine.pdbx_stereochem_target_val_spec_case     ? 
_refine.pdbx_R_Free_selection_details            RANDOM 
_refine.pdbx_overall_ESU_R                       0.130 
_refine.pdbx_overall_ESU_R_Free                  0.124 
_refine.overall_SU_ML                            0.074 
_refine.overall_SU_B                             2.319 
_refine.ls_redundancy_reflns_obs                 ? 
_refine.B_iso_min                                ? 
_refine.B_iso_max                                ? 
_refine.overall_SU_R_Cruickshank_DPI             ? 
_refine.overall_SU_R_free                        ? 
_refine.ls_wR_factor_R_free                      ? 
_refine.ls_wR_factor_R_work                      ? 
_refine.overall_FOM_free_R_set                   ? 
_refine.overall_FOM_work_R_set                   ? 
_refine.pdbx_overall_phase_error                 ? 
_refine.pdbx_refine_id                           'X-RAY DIFFRACTION' 
_refine.pdbx_diffrn_id                           1 
_refine.pdbx_TLS_residual_ADP_flag               ? 
_refine.pdbx_overall_SU_R_free_Cruickshank_DPI   ? 
_refine.pdbx_overall_SU_R_Blow_DPI               ? 
_refine.pdbx_overall_SU_R_free_Blow_DPI          ? 
# 
_refine_hist.pdbx_refine_id                   'X-RAY DIFFRACTION' 
_refine_hist.cycle_id                         LAST 
_refine_hist.pdbx_number_atoms_protein        1328 
_refine_hist.pdbx_number_atoms_nucleic_acid   0 
_refine_hist.pdbx_number_atoms_ligand         50 
_refine_hist.number_atoms_solvent             245 
_refine_hist.number_atoms_total               1623 
_refine_hist.d_res_high                       1.80 
_refine_hist.d_res_low                        45.69 
# 
loop_
_refine_ls_restr.type 
_refine_ls_restr.dev_ideal 
_refine_ls_restr.dev_ideal_target 
_refine_ls_restr.weight 
_refine_ls_restr.number 
_refine_ls_restr.pdbx_refine_id 
_refine_ls_restr.pdbx_restraint_function 
r_bond_refined_d             0.009  0.022  ? 1398 'X-RAY DIFFRACTION' ? 
r_bond_other_d               ?      ?      ? ?    'X-RAY DIFFRACTION' ? 
r_angle_refined_deg          0.974  1.988  ? 1886 'X-RAY DIFFRACTION' ? 
r_angle_other_deg            ?      ?      ? ?    'X-RAY DIFFRACTION' ? 
r_dihedral_angle_1_deg       4.772  5.000  ? 170  'X-RAY DIFFRACTION' ? 
r_dihedral_angle_2_deg       31.503 23.281 ? 64   'X-RAY DIFFRACTION' ? 
r_dihedral_angle_3_deg       12.428 15.000 ? 257  'X-RAY DIFFRACTION' ? 
r_dihedral_angle_4_deg       14.993 15.000 ? 14   'X-RAY DIFFRACTION' ? 
r_chiral_restr               0.062  0.200  ? 203  'X-RAY DIFFRACTION' ? 
r_gen_planes_refined         0.003  0.020  ? 1037 'X-RAY DIFFRACTION' ? 
r_gen_planes_other           ?      ?      ? ?    'X-RAY DIFFRACTION' ? 
r_nbd_refined                0.198  0.200  ? 664  'X-RAY DIFFRACTION' ? 
r_nbd_other                  ?      ?      ? ?    'X-RAY DIFFRACTION' ? 
r_nbtor_refined              0.291  0.200  ? 947  'X-RAY DIFFRACTION' ? 
r_nbtor_other                ?      ?      ? ?    'X-RAY DIFFRACTION' ? 
r_xyhbond_nbd_refined        0.106  0.200  ? 171  'X-RAY DIFFRACTION' ? 
r_xyhbond_nbd_other          ?      ?      ? ?    'X-RAY DIFFRACTION' ? 
r_metal_ion_refined          ?      ?      ? ?    'X-RAY DIFFRACTION' ? 
r_metal_ion_other            ?      ?      ? ?    'X-RAY DIFFRACTION' ? 
r_symmetry_vdw_refined       0.157  0.200  ? 43   'X-RAY DIFFRACTION' ? 
r_symmetry_vdw_other         ?      ?      ? ?    'X-RAY DIFFRACTION' ? 
r_symmetry_hbond_refined     0.059  0.200  ? 19   'X-RAY DIFFRACTION' ? 
r_symmetry_hbond_other       ?      ?      ? ?    'X-RAY DIFFRACTION' ? 
r_symmetry_metal_ion_refined ?      ?      ? ?    'X-RAY DIFFRACTION' ? 
r_symmetry_metal_ion_other   ?      ?      ? ?    'X-RAY DIFFRACTION' ? 
r_mcbond_it                  0.506  1.500  ? 865  'X-RAY DIFFRACTION' ? 
r_mcbond_other               ?      ?      ? ?    'X-RAY DIFFRACTION' ? 
r_mcangle_it                 0.811  2.000  ? 1325 'X-RAY DIFFRACTION' ? 
r_scbond_it                  1.255  3.000  ? 663  'X-RAY DIFFRACTION' ? 
r_scangle_it                 1.975  4.500  ? 557  'X-RAY DIFFRACTION' ? 
r_rigid_bond_restr           ?      ?      ? ?    'X-RAY DIFFRACTION' ? 
r_sphericity_free            ?      ?      ? ?    'X-RAY DIFFRACTION' ? 
r_sphericity_bonded          ?      ?      ? ?    'X-RAY DIFFRACTION' ? 
# 
_refine_ls_shell.pdbx_total_number_of_bins_used   20 
_refine_ls_shell.d_res_high                       1.80 
_refine_ls_shell.d_res_low                        1.848 
_refine_ls_shell.number_reflns_R_work             989 
_refine_ls_shell.R_factor_R_work                  0.283 
_refine_ls_shell.percent_reflns_obs               90.03 
_refine_ls_shell.R_factor_R_free                  0.418 
_refine_ls_shell.R_factor_R_free_error            ? 
_refine_ls_shell.percent_reflns_R_free            ? 
_refine_ls_shell.number_reflns_R_free             58 
_refine_ls_shell.number_reflns_all                ? 
_refine_ls_shell.R_factor_all                     ? 
_refine_ls_shell.number_reflns_obs                ? 
_refine_ls_shell.redundancy_reflns_obs            ? 
_refine_ls_shell.pdbx_refine_id                   'X-RAY DIFFRACTION' 
# 
_struct.entry_id                  3DN6 
_struct.title                     
'1,3,5-trifluoro-2,4,6-trichlorobenzene binding in the hydrophobic cavity of T4 lysozyme L99A mutant' 
_struct.pdbx_model_details        ? 
_struct.pdbx_CASP_flag            ? 
_struct.pdbx_model_type_details   ? 
# 
_struct_keywords.entry_id        3DN6 
_struct_keywords.pdbx_keywords   HYDROLASE 
_struct_keywords.text            
'T4 lysozyme, halogen bond, hydrophobic cavity, halogenated benzene, Antimicrobial, Bacteriolytic enzyme, Glycosidase, Hydrolase' 
# 
loop_
_struct_asym.id 
_struct_asym.pdbx_blank_PDB_chainid_flag 
_struct_asym.pdbx_modified 
_struct_asym.entity_id 
_struct_asym.details 
A N N 1 ? 
B N N 2 ? 
C N N 2 ? 
D N N 3 ? 
E N N 4 ? 
F N N 4 ? 
G N N 5 ? 
# 
_struct_biol.id        1 
_struct_biol.details   ? 
# 
loop_
_struct_conf.conf_type_id 
_struct_conf.id 
_struct_conf.pdbx_PDB_helix_id 
_struct_conf.beg_label_comp_id 
_struct_conf.beg_label_asym_id 
_struct_conf.beg_label_seq_id 
_struct_conf.pdbx_beg_PDB_ins_code 
_struct_conf.end_label_comp_id 
_struct_conf.end_label_asym_id 
_struct_conf.end_label_seq_id 
_struct_conf.pdbx_end_PDB_ins_code 
_struct_conf.beg_auth_comp_id 
_struct_conf.beg_auth_asym_id 
_struct_conf.beg_auth_seq_id 
_struct_conf.end_auth_comp_id 
_struct_conf.end_auth_asym_id 
_struct_conf.end_auth_seq_id 
_struct_conf.pdbx_PDB_helix_class 
_struct_conf.details 
_struct_conf.pdbx_PDB_helix_length 
HELX_P HELX_P1  1  ASN A 2   ? GLY A 12  ? ASN A 2   GLY A 12  1 ? 11 
HELX_P HELX_P2  2  SER A 38  ? GLY A 51  ? SER A 38  GLY A 51  1 ? 14 
HELX_P HELX_P3  3  THR A 59  ? ASN A 81  ? THR A 59  ASN A 81  1 ? 23 
HELX_P HELX_P4  4  LEU A 84  ? LEU A 91  ? LEU A 84  LEU A 91  1 ? 8  
HELX_P HELX_P5  5  ASP A 92  ? VAL A 111 ? ASP A 92  VAL A 111 1 ? 20 
HELX_P HELX_P6  6  PHE A 114 ? GLN A 123 ? PHE A 114 GLN A 123 1 ? 10 
HELX_P HELX_P7  7  ARG A 125 ? ALA A 134 ? ARG A 125 ALA A 134 1 ? 10 
HELX_P HELX_P8  8  SER A 136 ? THR A 142 ? SER A 136 THR A 142 1 ? 7  
HELX_P HELX_P9  9  THR A 142 ? GLY A 156 ? THR A 142 GLY A 156 1 ? 15 
HELX_P HELX_P10 10 TRP A 158 ? ASN A 163 ? TRP A 158 ASN A 163 1 ? 6  
# 
_struct_conf_type.id          HELX_P 
_struct_conf_type.criteria    ? 
_struct_conf_type.reference   ? 
# 
_struct_sheet.id               A 
_struct_sheet.type             ? 
_struct_sheet.number_strands   3 
_struct_sheet.details          ? 
# 
loop_
_struct_sheet_order.sheet_id 
_struct_sheet_order.range_id_1 
_struct_sheet_order.range_id_2 
_struct_sheet_order.offset 
_struct_sheet_order.sense 
A 1 2 ? anti-parallel 
A 2 3 ? anti-parallel 
# 
loop_
_struct_sheet_range.sheet_id 
_struct_sheet_range.id 
_struct_sheet_range.beg_label_comp_id 
_struct_sheet_range.beg_label_asym_id 
_struct_sheet_range.beg_label_seq_id 
_struct_sheet_range.pdbx_beg_PDB_ins_code 
_struct_sheet_range.end_label_comp_id 
_struct_sheet_range.end_label_asym_id 
_struct_sheet_range.end_label_seq_id 
_struct_sheet_range.pdbx_end_PDB_ins_code 
_struct_sheet_range.beg_auth_comp_id 
_struct_sheet_range.beg_auth_asym_id 
_struct_sheet_range.beg_auth_seq_id 
_struct_sheet_range.end_auth_comp_id 
_struct_sheet_range.end_auth_asym_id 
_struct_sheet_range.end_auth_seq_id 
A 1 ARG A 14 ? LYS A 19 ? ARG A 14 LYS A 19 
A 2 TYR A 25 ? GLY A 28 ? TYR A 25 GLY A 28 
A 3 HIS A 31 ? LEU A 32 ? HIS A 31 LEU A 32 
# 
loop_
_pdbx_struct_sheet_hbond.sheet_id 
_pdbx_struct_sheet_hbond.range_id_1 
_pdbx_struct_sheet_hbond.range_id_2 
_pdbx_struct_sheet_hbond.range_1_label_atom_id 
_pdbx_struct_sheet_hbond.range_1_label_comp_id 
_pdbx_struct_sheet_hbond.range_1_label_asym_id 
_pdbx_struct_sheet_hbond.range_1_label_seq_id 
_pdbx_struct_sheet_hbond.range_1_PDB_ins_code 
_pdbx_struct_sheet_hbond.range_1_auth_atom_id 
_pdbx_struct_sheet_hbond.range_1_auth_comp_id 
_pdbx_struct_sheet_hbond.range_1_auth_asym_id 
_pdbx_struct_sheet_hbond.range_1_auth_seq_id 
_pdbx_struct_sheet_hbond.range_2_label_atom_id 
_pdbx_struct_sheet_hbond.range_2_label_comp_id 
_pdbx_struct_sheet_hbond.range_2_label_asym_id 
_pdbx_struct_sheet_hbond.range_2_label_seq_id 
_pdbx_struct_sheet_hbond.range_2_PDB_ins_code 
_pdbx_struct_sheet_hbond.range_2_auth_atom_id 
_pdbx_struct_sheet_hbond.range_2_auth_comp_id 
_pdbx_struct_sheet_hbond.range_2_auth_asym_id 
_pdbx_struct_sheet_hbond.range_2_auth_seq_id 
A 1 2 N TYR A 18 ? N TYR A 18 O THR A 26 ? O THR A 26 
A 2 3 N ILE A 27 ? N ILE A 27 O HIS A 31 ? O HIS A 31 
# 
loop_
_struct_site.id 
_struct_site.pdbx_evidence_code 
_struct_site.pdbx_auth_asym_id 
_struct_site.pdbx_auth_comp_id 
_struct_site.pdbx_auth_seq_id 
_struct_site.pdbx_auth_ins_code 
_struct_site.pdbx_num_residues 
_struct_site.details 
AC1 Software A PO4 901 ? 9 'BINDING SITE FOR RESIDUE PO4 A 901' 
AC2 Software A PO4 902 ? 7 'BINDING SITE FOR RESIDUE PO4 A 902' 
AC3 Software A F3B 900 ? 9 'BINDING SITE FOR RESIDUE F3B A 900' 
AC4 Software A HED 904 ? 7 'BINDING SITE FOR RESIDUE HED A 904' 
AC5 Software A HED 905 ? 7 'BINDING SITE FOR RESIDUE HED A 905' 
# 
loop_
_struct_site_gen.id 
_struct_site_gen.site_id 
_struct_site_gen.pdbx_num_res 
_struct_site_gen.label_comp_id 
_struct_site_gen.label_asym_id 
_struct_site_gen.label_seq_id 
_struct_site_gen.pdbx_auth_ins_code 
_struct_site_gen.auth_comp_id 
_struct_site_gen.auth_asym_id 
_struct_site_gen.auth_seq_id 
_struct_site_gen.label_atom_id 
_struct_site_gen.label_alt_id 
_struct_site_gen.symmetry 
_struct_site_gen.details 
1  AC1 9 ARG A 14  ? ARG A 14   . ? 4_545 ? 
2  AC1 9 LYS A 19  ? LYS A 19   . ? 4_545 ? 
3  AC1 9 ARG A 125 ? ARG A 125  . ? 1_555 ? 
4  AC1 9 TRP A 126 ? TRP A 126  . ? 1_555 ? 
5  AC1 9 ASP A 127 ? ASP A 127  . ? 1_555 ? 
6  AC1 9 GLU A 128 ? GLU A 128  . ? 1_555 ? 
7  AC1 9 HOH G .   ? HOH A 1045 . ? 1_555 ? 
8  AC1 9 HOH G .   ? HOH A 1077 . ? 4_545 ? 
9  AC1 9 HOH G .   ? HOH A 1091 . ? 1_555 ? 
10 AC2 7 GLN A 122 ? GLN A 122  . ? 4_655 ? 
11 AC2 7 ASN A 144 ? ASN A 144  . ? 1_555 ? 
12 AC2 7 ARG A 148 ? ARG A 148  . ? 1_555 ? 
13 AC2 7 HOH G .   ? HOH A 912  . ? 1_555 ? 
14 AC2 7 HOH G .   ? HOH A 1009 . ? 1_555 ? 
15 AC2 7 HOH G .   ? HOH A 1011 . ? 1_555 ? 
16 AC2 7 HOH G .   ? HOH A 1035 . ? 1_555 ? 
17 AC3 9 ILE A 78  ? ILE A 78   . ? 1_555 ? 
18 AC3 9 LEU A 84  ? LEU A 84   . ? 1_555 ? 
19 AC3 9 TYR A 88  ? TYR A 88   . ? 1_555 ? 
20 AC3 9 LEU A 91  ? LEU A 91   . ? 1_555 ? 
21 AC3 9 ALA A 99  ? ALA A 99   . ? 1_555 ? 
22 AC3 9 MET A 102 ? MET A 102  . ? 1_555 ? 
23 AC3 9 LEU A 118 ? LEU A 118  . ? 1_555 ? 
24 AC3 9 LEU A 121 ? LEU A 121  . ? 1_555 ? 
25 AC3 9 PHE A 153 ? PHE A 153  . ? 1_555 ? 
26 AC4 7 ASN A 68  ? ASN A 68   . ? 5_555 ? 
27 AC4 7 ASP A 72  ? ASP A 72   . ? 5_555 ? 
28 AC4 7 ARG A 76  ? ARG A 76   . ? 5_555 ? 
29 AC4 7 ALA A 93  ? ALA A 93   . ? 1_555 ? 
30 AC4 7 ARG A 96  ? ARG A 96   . ? 1_555 ? 
31 AC4 7 ILE A 100 ? ILE A 100  . ? 1_555 ? 
32 AC4 7 HOH G .   ? HOH A 1024 . ? 5_555 ? 
33 AC5 7 GLY A 30  ? GLY A 30   . ? 1_555 ? 
34 AC5 7 HIS A 31  ? HIS A 31   . ? 1_555 ? 
35 AC5 7 LEU A 32  ? LEU A 32   . ? 1_555 ? 
36 AC5 7 ASP A 70  ? ASP A 70   . ? 1_555 ? 
37 AC5 7 PHE A 104 ? PHE A 104  . ? 1_555 ? 
38 AC5 7 HOH G .   ? HOH A 911  . ? 1_555 ? 
39 AC5 7 HOH G .   ? HOH A 1008 . ? 1_555 ? 
# 
_atom_sites.entry_id                    3DN6 
_atom_sites.fract_transf_matrix[1][1]   -0.01726652 
_atom_sites.fract_transf_matrix[1][2]   -0.00828494 
_atom_sites.fract_transf_matrix[1][3]   -0.00179501 
_atom_sites.fract_transf_matrix[2][1]   -0.00827223 
_atom_sites.fract_transf_matrix[2][2]   -0.00133874 
_atom_sites.fract_transf_matrix[2][3]   -0.01731367 
_atom_sites.fract_transf_matrix[3][1]   0.00458707 
_atom_sites.fract_transf_matrix[3][2]   -0.00923980 
_atom_sites.fract_transf_matrix[3][3]   -0.00147719 
_atom_sites.fract_transf_vector[1]      0.690871 
_atom_sites.fract_transf_vector[2]      0.227143 
_atom_sites.fract_transf_vector[3]      0.103967 
# 
loop_
_atom_type.symbol 
C  
CL 
F  
N  
O  
P  
S  
# 
loop_
_atom_site.group_PDB 
_atom_site.id 
_atom_site.type_symbol 
_atom_site.label_atom_id 
_atom_site.label_alt_id 
_atom_site.label_comp_id 
_atom_site.label_asym_id 
_atom_site.label_entity_id 
_atom_site.label_seq_id 
_atom_site.pdbx_PDB_ins_code 
_atom_site.Cartn_x 
_atom_site.Cartn_y 
_atom_site.Cartn_z 
_atom_site.occupancy 
_atom_site.B_iso_or_equiv 
_atom_site.pdbx_formal_charge 
_atom_site.auth_seq_id 
_atom_site.auth_comp_id 
_atom_site.auth_asym_id 
_atom_site.auth_atom_id 
_atom_site.pdbx_PDB_model_num 
ATOM   1    N  N   . MET A 1 1   ? -1.543  -2.413  17.144  1.00 14.69 ? 1    MET A N   1 
ATOM   2    C  CA  . MET A 1 1   ? -1.514  -2.024  15.700  1.00 14.54 ? 1    MET A CA  1 
ATOM   3    C  C   . MET A 1 1   ? -0.080  -1.837  15.183  1.00 13.93 ? 1    MET A C   1 
ATOM   4    O  O   . MET A 1 1   ? 0.803   -1.409  15.925  1.00 13.80 ? 1    MET A O   1 
ATOM   5    C  CB  . MET A 1 1   ? -2.350  -0.753  15.487  1.00 15.15 ? 1    MET A CB  1 
ATOM   6    C  CG  . MET A 1 1   ? -2.677  -0.409  14.033  1.00 16.90 ? 1    MET A CG  1 
ATOM   7    S  SD  . MET A 1 1   ? -3.500  -1.670  13.033  1.00 20.06 ? 1    MET A SD  1 
ATOM   8    C  CE  . MET A 1 1   ? -4.883  -2.064  14.083  1.00 16.28 ? 1    MET A CE  1 
ATOM   9    N  N   . ASN A 1 2   ? 0.131   -2.177  13.909  1.00 12.94 ? 2    ASN A N   1 
ATOM   10   C  CA  . ASN A 1 2   ? 1.413   -2.006  13.210  1.00 12.22 ? 2    ASN A CA  1 
ATOM   11   C  C   . ASN A 1 2   ? 1.158   -2.050  11.695  1.00 12.00 ? 2    ASN A C   1 
ATOM   12   O  O   . ASN A 1 2   ? 0.010   -2.240  11.283  1.00 11.29 ? 2    ASN A O   1 
ATOM   13   C  CB  . ASN A 1 2   ? 2.440   -3.065  13.651  1.00 12.49 ? 2    ASN A CB  1 
ATOM   14   C  CG  . ASN A 1 2   ? 1.978   -4.487  13.379  1.00 12.58 ? 2    ASN A CG  1 
ATOM   15   O  OD1 . ASN A 1 2   ? 1.619   -4.826  12.255  1.00 12.39 ? 2    ASN A OD1 1 
ATOM   16   N  ND2 . ASN A 1 2   ? 2.013   -5.331  14.406  1.00 10.88 ? 2    ASN A ND2 1 
ATOM   17   N  N   . ILE A 1 3   ? 2.202   -1.879  10.878  1.00 11.44 ? 3    ILE A N   1 
ATOM   18   C  CA  . ILE A 1 3   ? 2.031   -1.811  9.407   1.00 11.14 ? 3    ILE A CA  1 
ATOM   19   C  C   . ILE A 1 3   ? 1.358   -3.071  8.813   1.00 11.16 ? 3    ILE A C   1 
ATOM   20   O  O   . ILE A 1 3   ? 0.545   -2.971  7.887   1.00 10.82 ? 3    ILE A O   1 
ATOM   21   C  CB  . ILE A 1 3   ? 3.358   -1.454  8.653   1.00 11.21 ? 3    ILE A CB  1 
ATOM   22   C  CG1 . ILE A 1 3   ? 3.129   -1.308  7.141   1.00 11.01 ? 3    ILE A CG1 1 
ATOM   23   C  CG2 . ILE A 1 3   ? 4.469   -2.490  8.935   1.00 11.02 ? 3    ILE A CG2 1 
ATOM   24   C  CD1 . ILE A 1 3   ? 2.100   -0.247  6.739   1.00 10.08 ? 3    ILE A CD1 1 
ATOM   25   N  N   . PHE A 1 4   ? 1.700   -4.240  9.351   1.00 10.89 ? 4    PHE A N   1 
ATOM   26   C  CA  . PHE A 1 4   ? 1.095   -5.501  8.904   1.00 11.23 ? 4    PHE A CA  1 
ATOM   27   C  C   . PHE A 1 4   ? -0.406  -5.549  9.202   1.00 11.11 ? 4    PHE A C   1 
ATOM   28   O  O   . PHE A 1 4   ? -1.208  -5.836  8.308   1.00 11.11 ? 4    PHE A O   1 
ATOM   29   C  CB  . PHE A 1 4   ? 1.831   -6.707  9.509   1.00 11.59 ? 4    PHE A CB  1 
ATOM   30   C  CG  . PHE A 1 4   ? 3.221   -6.899  8.965   1.00 11.80 ? 4    PHE A CG  1 
ATOM   31   C  CD1 . PHE A 1 4   ? 3.441   -7.712  7.854   1.00 13.32 ? 4    PHE A CD1 1 
ATOM   32   C  CD2 . PHE A 1 4   ? 4.310   -6.258  9.553   1.00 12.57 ? 4    PHE A CD2 1 
ATOM   33   C  CE1 . PHE A 1 4   ? 4.730   -7.890  7.334   1.00 13.93 ? 4    PHE A CE1 1 
ATOM   34   C  CE2 . PHE A 1 4   ? 5.602   -6.427  9.046   1.00 13.04 ? 4    PHE A CE2 1 
ATOM   35   C  CZ  . PHE A 1 4   ? 5.810   -7.250  7.932   1.00 13.36 ? 4    PHE A CZ  1 
ATOM   36   N  N   . GLU A 1 5   ? -0.784  -5.240  10.443  1.00 10.98 ? 5    GLU A N   1 
ATOM   37   C  CA  . GLU A 1 5   ? -2.199  -5.236  10.849  1.00 11.08 ? 5    GLU A CA  1 
ATOM   38   C  C   . GLU A 1 5   ? -3.002  -4.172  10.086  1.00 10.97 ? 5    GLU A C   1 
ATOM   39   O  O   . GLU A 1 5   ? -4.159  -4.394  9.710   1.00 10.44 ? 5    GLU A O   1 
ATOM   40   C  CB  . GLU A 1 5   ? -2.326  -4.990  12.353  1.00 11.00 ? 5    GLU A CB  1 
ATOM   41   C  CG  . GLU A 1 5   ? -1.805  -6.129  13.237  1.00 11.74 ? 5    GLU A CG  1 
ATOM   42   C  CD  . GLU A 1 5   ? -2.042  -5.891  14.728  1.00 12.64 ? 5    GLU A CD  1 
ATOM   43   O  OE1 . GLU A 1 5   ? -2.970  -5.134  15.093  1.00 15.64 ? 5    GLU A OE1 1 
ATOM   44   O  OE2 . GLU A 1 5   ? -1.310  -6.483  15.542  1.00 15.73 ? 5    GLU A OE2 1 
ATOM   45   N  N   . MET A 1 6   ? -2.363  -3.028  9.866   1.00 10.84 ? 6    MET A N   1 
ATOM   46   C  CA  . MET A 1 6   ? -2.959  -1.878  9.177   1.00 11.08 ? 6    MET A CA  1 
ATOM   47   C  C   . MET A 1 6   ? -3.307  -2.229  7.728   1.00 10.84 ? 6    MET A C   1 
ATOM   48   O  O   . MET A 1 6   ? -4.443  -2.028  7.285   1.00 10.78 ? 6    MET A O   1 
ATOM   49   C  CB  . MET A 1 6   ? -1.985  -0.697  9.228   1.00 10.78 ? 6    MET A CB  1 
ATOM   50   C  CG  . MET A 1 6   ? -2.489  0.593   8.583   1.00 11.22 ? 6    MET A CG  1 
ATOM   51   S  SD  . MET A 1 6   ? -1.115  1.706   8.243   1.00 11.39 ? 6    MET A SD  1 
ATOM   52   C  CE  . MET A 1 6   ? -1.943  3.304   8.223   1.00 12.13 ? 6    MET A CE  1 
ATOM   53   N  N   . LEU A 1 7   ? -2.332  -2.767  6.999   1.00 10.80 ? 7    LEU A N   1 
ATOM   54   C  CA  . LEU A 1 7   ? -2.545  -3.152  5.605   1.00 10.87 ? 7    LEU A CA  1 
ATOM   55   C  C   . LEU A 1 7   ? -3.482  -4.355  5.471   1.00 11.12 ? 7    LEU A C   1 
ATOM   56   O  O   . LEU A 1 7   ? -4.245  -4.451  4.505   1.00 11.07 ? 7    LEU A O   1 
ATOM   57   C  CB  . LEU A 1 7   ? -1.211  -3.409  4.898   1.00 10.78 ? 7    LEU A CB  1 
ATOM   58   C  CG  . LEU A 1 7   ? -0.519  -2.143  4.385   1.00 10.58 ? 7    LEU A CG  1 
ATOM   59   C  CD1 . LEU A 1 7   ? 0.936   -2.428  3.998   1.00 11.02 ? 7    LEU A CD1 1 
ATOM   60   C  CD2 . LEU A 1 7   ? -1.297  -1.548  3.201   1.00 10.64 ? 7    LEU A CD2 1 
ATOM   61   N  N   . ARG A 1 8   ? -3.439  -5.260  6.446   1.00 11.06 ? 8    ARG A N   1 
ATOM   62   C  CA  . ARG A 1 8   ? -4.406  -6.362  6.500   1.00 11.32 ? 8    ARG A CA  1 
ATOM   63   C  C   . ARG A 1 8   ? -5.855  -5.840  6.534   1.00 11.13 ? 8    ARG A C   1 
ATOM   64   O  O   . ARG A 1 8   ? -6.720  -6.361  5.831   1.00 11.06 ? 8    ARG A O   1 
ATOM   65   C  CB  . ARG A 1 8   ? -4.117  -7.288  7.689   1.00 11.57 ? 8    ARG A CB  1 
ATOM   66   C  CG  . ARG A 1 8   ? -5.127  -8.404  7.914   1.00 12.56 ? 8    ARG A CG  1 
ATOM   67   C  CD  . ARG A 1 8   ? -5.304  -9.336  6.706   1.00 14.79 ? 8    ARG A CD  1 
ATOM   68   N  NE  . ARG A 1 8   ? -6.333  -10.336 6.974   1.00 16.60 ? 8    ARG A NE  1 
ATOM   69   C  CZ  . ARG A 1 8   ? -7.641  -10.142 6.813   1.00 17.20 ? 8    ARG A CZ  1 
ATOM   70   N  NH1 . ARG A 1 8   ? -8.111  -8.978  6.368   1.00 17.50 ? 8    ARG A NH1 1 
ATOM   71   N  NH2 . ARG A 1 8   ? -8.485  -11.119 7.100   1.00 18.46 ? 8    ARG A NH2 1 
ATOM   72   N  N   . ILE A 1 9   ? -6.103  -4.802  7.331   1.00 11.09 ? 9    ILE A N   1 
ATOM   73   C  CA  . ILE A 1 9   ? -7.421  -4.156  7.372   1.00 10.97 ? 9    ILE A CA  1 
ATOM   74   C  C   . ILE A 1 9   ? -7.760  -3.502  6.018   1.00 10.92 ? 9    ILE A C   1 
ATOM   75   O  O   . ILE A 1 9   ? -8.849  -3.714  5.475   1.00 10.99 ? 9    ILE A O   1 
ATOM   76   C  CB  . ILE A 1 9   ? -7.512  -3.126  8.548   1.00 11.10 ? 9    ILE A CB  1 
ATOM   77   C  CG1 . ILE A 1 9   ? -7.617  -3.857  9.892   1.00 10.71 ? 9    ILE A CG1 1 
ATOM   78   C  CG2 . ILE A 1 9   ? -8.689  -2.159  8.360   1.00 11.68 ? 9    ILE A CG2 1 
ATOM   79   C  CD1 . ILE A 1 9   ? -7.316  -2.965  11.116  1.00 10.73 ? 9    ILE A CD1 1 
ATOM   80   N  N   . ASP A 1 10  ? -6.820  -2.733  5.475   1.00 10.97 ? 10   ASP A N   1 
ATOM   81   C  CA  . ASP A 1 10  ? -7.055  -1.953  4.254   1.00 11.60 ? 10   ASP A CA  1 
ATOM   82   C  C   . ASP A 1 10  ? -7.172  -2.807  2.993   1.00 11.48 ? 10   ASP A C   1 
ATOM   83   O  O   . ASP A 1 10  ? -7.942  -2.471  2.086   1.00 12.20 ? 10   ASP A O   1 
ATOM   84   C  CB  . ASP A 1 10  ? -5.974  -0.878  4.072   1.00 11.45 ? 10   ASP A CB  1 
ATOM   85   C  CG  . ASP A 1 10  ? -6.168  0.315   5.005   1.00 12.28 ? 10   ASP A CG  1 
ATOM   86   O  OD1 . ASP A 1 10  ? -7.309  0.536   5.472   1.00 12.74 ? 10   ASP A OD1 1 
ATOM   87   O  OD2 . ASP A 1 10  ? -5.177  1.032   5.264   1.00 11.84 ? 10   ASP A OD2 1 
ATOM   88   N  N   . GLU A 1 11  ? -6.438  -3.917  2.950   1.00 11.34 ? 11   GLU A N   1 
ATOM   89   C  CA  . GLU A 1 11  ? -6.374  -4.753  1.739   1.00 11.63 ? 11   GLU A CA  1 
ATOM   90   C  C   . GLU A 1 11  ? -7.252  -6.007  1.781   1.00 11.98 ? 11   GLU A C   1 
ATOM   91   O  O   . GLU A 1 11  ? -7.623  -6.544  0.733   1.00 12.07 ? 11   GLU A O   1 
ATOM   92   C  CB  . GLU A 1 11  ? -4.922  -5.150  1.429   1.00 11.55 ? 11   GLU A CB  1 
ATOM   93   C  CG  . GLU A 1 11  ? -3.973  -3.980  1.135   1.00 12.40 ? 11   GLU A CG  1 
ATOM   94   C  CD  . GLU A 1 11  ? -4.277  -3.264  -0.176  1.00 12.97 ? 11   GLU A CD  1 
ATOM   95   O  OE1 . GLU A 1 11  ? -5.128  -3.746  -0.958  1.00 13.23 ? 11   GLU A OE1 1 
ATOM   96   O  OE2 . GLU A 1 11  ? -3.643  -2.222  -0.436  1.00 14.99 ? 11   GLU A OE2 1 
ATOM   97   N  N   . GLY A 1 12  ? -7.567  -6.476  2.986   1.00 12.07 ? 12   GLY A N   1 
ATOM   98   C  CA  . GLY A 1 12  ? -8.310  -7.732  3.167   1.00 12.72 ? 12   GLY A CA  1 
ATOM   99   C  C   . GLY A 1 12  ? -7.454  -8.964  2.901   1.00 12.83 ? 12   GLY A C   1 
ATOM   100  O  O   . GLY A 1 12  ? -6.240  -8.854  2.727   1.00 12.81 ? 12   GLY A O   1 
ATOM   101  N  N   . LEU A 1 13  ? -8.084  -10.140 2.893   1.00 13.21 ? 13   LEU A N   1 
ATOM   102  C  CA  . LEU A 1 13  ? -7.400  -11.386 2.535   1.00 13.23 ? 13   LEU A CA  1 
ATOM   103  C  C   . LEU A 1 13  ? -8.314  -12.261 1.683   1.00 13.59 ? 13   LEU A C   1 
ATOM   104  O  O   . LEU A 1 13  ? -9.386  -12.673 2.139   1.00 13.28 ? 13   LEU A O   1 
ATOM   105  C  CB  . LEU A 1 13  ? -6.941  -12.149 3.792   1.00 13.10 ? 13   LEU A CB  1 
ATOM   106  C  CG  . LEU A 1 13  ? -6.432  -13.596 3.639   1.00 13.49 ? 13   LEU A CG  1 
ATOM   107  C  CD1 . LEU A 1 13  ? -5.073  -13.638 2.961   1.00 14.45 ? 13   LEU A CD1 1 
ATOM   108  C  CD2 . LEU A 1 13  ? -6.375  -14.321 4.976   1.00 14.03 ? 13   LEU A CD2 1 
ATOM   109  N  N   . ARG A 1 14  ? -7.881  -12.529 0.450   1.00 13.62 ? 14   ARG A N   1 
ATOM   110  C  CA  . ARG A 1 14  ? -8.607  -13.394 -0.478  1.00 14.41 ? 14   ARG A CA  1 
ATOM   111  C  C   . ARG A 1 14  ? -7.637  -14.396 -1.119  1.00 14.10 ? 14   ARG A C   1 
ATOM   112  O  O   . ARG A 1 14  ? -6.563  -14.014 -1.588  1.00 14.03 ? 14   ARG A O   1 
ATOM   113  C  CB  . ARG A 1 14  ? -9.329  -12.559 -1.540  1.00 14.37 ? 14   ARG A CB  1 
ATOM   114  C  CG  . ARG A 1 14  ? -10.372 -11.593 -0.959  1.00 15.34 ? 14   ARG A CG  1 
ATOM   115  C  CD  . ARG A 1 14  ? -11.108 -10.801 -2.037  1.00 16.31 ? 14   ARG A CD  1 
ATOM   116  N  NE  . ARG A 1 14  ? -12.036 -11.645 -2.785  1.00 19.87 ? 14   ARG A NE  1 
ATOM   117  C  CZ  . ARG A 1 14  ? -12.865 -11.211 -3.733  1.00 20.79 ? 14   ARG A CZ  1 
ATOM   118  N  NH1 . ARG A 1 14  ? -12.907 -9.927  -4.064  1.00 20.20 ? 14   ARG A NH1 1 
ATOM   119  N  NH2 . ARG A 1 14  ? -13.657 -12.074 -4.354  1.00 21.88 ? 14   ARG A NH2 1 
ATOM   120  N  N   . LEU A 1 15  ? -8.019  -15.671 -1.137  1.00 13.82 ? 15   LEU A N   1 
ATOM   121  C  CA  . LEU A 1 15  ? -7.091  -16.737 -1.527  1.00 13.69 ? 15   LEU A CA  1 
ATOM   122  C  C   . LEU A 1 15  ? -7.179  -17.175 -2.992  1.00 13.73 ? 15   LEU A C   1 
ATOM   123  O  O   . LEU A 1 15  ? -6.376  -17.993 -3.452  1.00 13.62 ? 15   LEU A O   1 
ATOM   124  C  CB  . LEU A 1 15  ? -7.226  -17.938 -0.579  1.00 13.61 ? 15   LEU A CB  1 
ATOM   125  C  CG  . LEU A 1 15  ? -6.982  -17.695 0.918   1.00 13.89 ? 15   LEU A CG  1 
ATOM   126  C  CD1 . LEU A 1 15  ? -7.193  -19.000 1.685   1.00 14.61 ? 15   LEU A CD1 1 
ATOM   127  C  CD2 . LEU A 1 15  ? -5.585  -17.119 1.196   1.00 12.99 ? 15   LEU A CD2 1 
ATOM   128  N  N   . LYS A 1 16  ? -8.141  -16.614 -3.721  1.00 13.85 ? 16   LYS A N   1 
ATOM   129  C  CA  . LYS A 1 16  ? -8.268  -16.834 -5.156  1.00 14.01 ? 16   LYS A CA  1 
ATOM   130  C  C   . LYS A 1 16  ? -8.079  -15.504 -5.882  1.00 13.47 ? 16   LYS A C   1 
ATOM   131  O  O   . LYS A 1 16  ? -8.390  -14.439 -5.325  1.00 13.44 ? 16   LYS A O   1 
ATOM   132  C  CB  . LYS A 1 16  ? -9.643  -17.415 -5.495  1.00 14.39 ? 16   LYS A CB  1 
ATOM   133  C  CG  . LYS A 1 16  ? -10.073 -18.584 -4.625  1.00 17.06 ? 16   LYS A CG  1 
ATOM   134  C  CD  . LYS A 1 16  ? -11.574 -18.829 -4.774  1.00 21.11 ? 16   LYS A CD  1 
ATOM   135  C  CE  . LYS A 1 16  ? -12.071 -19.878 -3.796  1.00 23.19 ? 16   LYS A CE  1 
ATOM   136  N  NZ  . LYS A 1 16  ? -13.566 -19.923 -3.780  1.00 25.66 ? 16   LYS A NZ  1 
ATOM   137  N  N   . ILE A 1 17  ? -7.566  -15.565 -7.112  1.00 12.99 ? 17   ILE A N   1 
ATOM   138  C  CA  . ILE A 1 17  ? -7.374  -14.362 -7.935  1.00 12.63 ? 17   ILE A CA  1 
ATOM   139  C  C   . ILE A 1 17  ? -8.665  -13.534 -7.995  1.00 12.99 ? 17   ILE A C   1 
ATOM   140  O  O   . ILE A 1 17  ? -9.750  -14.076 -8.260  1.00 12.62 ? 17   ILE A O   1 
ATOM   141  C  CB  . ILE A 1 17  ? -6.885  -14.701 -9.376  1.00 12.32 ? 17   ILE A CB  1 
ATOM   142  C  CG1 . ILE A 1 17  ? -5.454  -15.259 -9.351  1.00 12.18 ? 17   ILE A CG1 1 
ATOM   143  C  CG2 . ILE A 1 17  ? -6.973  -13.466 -10.290 1.00 11.67 ? 17   ILE A CG2 1 
ATOM   144  C  CD1 . ILE A 1 17  ? -4.998  -15.903 -10.674 1.00 12.86 ? 17   ILE A CD1 1 
ATOM   145  N  N   . TYR A 1 18  ? -8.531  -12.237 -7.702  1.00 12.76 ? 18   TYR A N   1 
ATOM   146  C  CA  . TYR A 1 18  ? -9.634  -11.271 -7.765  1.00 13.30 ? 18   TYR A CA  1 
ATOM   147  C  C   . TYR A 1 18  ? -9.141  -9.968  -8.401  1.00 13.17 ? 18   TYR A C   1 
ATOM   148  O  O   . TYR A 1 18  ? -7.941  -9.781  -8.583  1.00 12.93 ? 18   TYR A O   1 
ATOM   149  C  CB  . TYR A 1 18  ? -10.198 -11.000 -6.359  1.00 13.94 ? 18   TYR A CB  1 
ATOM   150  C  CG  . TYR A 1 18  ? -9.257  -10.256 -5.423  1.00 14.60 ? 18   TYR A CG  1 
ATOM   151  C  CD1 . TYR A 1 18  ? -8.275  -10.939 -4.696  1.00 14.55 ? 18   TYR A CD1 1 
ATOM   152  C  CD2 . TYR A 1 18  ? -9.353  -8.866  -5.253  1.00 14.56 ? 18   TYR A CD2 1 
ATOM   153  C  CE1 . TYR A 1 18  ? -7.406  -10.256 -3.832  1.00 15.85 ? 18   TYR A CE1 1 
ATOM   154  C  CE2 . TYR A 1 18  ? -8.488  -8.176  -4.386  1.00 15.69 ? 18   TYR A CE2 1 
ATOM   155  C  CZ  . TYR A 1 18  ? -7.520  -8.879  -3.679  1.00 15.87 ? 18   TYR A CZ  1 
ATOM   156  O  OH  . TYR A 1 18  ? -6.654  -8.220  -2.820  1.00 15.79 ? 18   TYR A OH  1 
ATOM   157  N  N   . LYS A 1 19  ? -10.066 -9.069  -8.740  1.00 13.13 ? 19   LYS A N   1 
ATOM   158  C  CA  . LYS A 1 19  ? -9.693  -7.768  -9.290  1.00 13.02 ? 19   LYS A CA  1 
ATOM   159  C  C   . LYS A 1 19  ? -9.714  -6.695  -8.202  1.00 12.99 ? 19   LYS A C   1 
ATOM   160  O  O   . LYS A 1 19  ? -10.675 -6.593  -7.428  1.00 12.75 ? 19   LYS A O   1 
ATOM   161  C  CB  . LYS A 1 19  ? -10.608 -7.368  -10.454 1.00 12.89 ? 19   LYS A CB  1 
ATOM   162  C  CG  . LYS A 1 19  ? -10.457 -8.231  -11.707 1.00 12.80 ? 19   LYS A CG  1 
ATOM   163  C  CD  . LYS A 1 19  ? -11.323 -7.688  -12.833 1.00 13.51 ? 19   LYS A CD  1 
ATOM   164  C  CE  . LYS A 1 19  ? -11.288 -8.588  -14.056 1.00 14.95 ? 19   LYS A CE  1 
ATOM   165  N  NZ  . LYS A 1 19  ? -12.210 -8.047  -15.108 1.00 15.35 ? 19   LYS A NZ  1 
ATOM   166  N  N   . ASP A 1 20  ? -8.646  -5.902  -8.142  1.00 13.19 ? 20   ASP A N   1 
ATOM   167  C  CA  . ASP A 1 20  ? -8.532  -4.841  -7.131  1.00 13.13 ? 20   ASP A CA  1 
ATOM   168  C  C   . ASP A 1 20  ? -9.437  -3.642  -7.462  1.00 13.48 ? 20   ASP A C   1 
ATOM   169  O  O   . ASP A 1 20  ? -10.256 -3.713  -8.390  1.00 13.29 ? 20   ASP A O   1 
ATOM   170  C  CB  . ASP A 1 20  ? -7.060  -4.435  -6.913  1.00 13.34 ? 20   ASP A CB  1 
ATOM   171  C  CG  . ASP A 1 20  ? -6.474  -3.598  -8.060  1.00 13.65 ? 20   ASP A CG  1 
ATOM   172  O  OD1 . ASP A 1 20  ? -7.206  -3.179  -8.977  1.00 12.41 ? 20   ASP A OD1 1 
ATOM   173  O  OD2 . ASP A 1 20  ? -5.247  -3.354  -8.036  1.00 15.20 ? 20   ASP A OD2 1 
ATOM   174  N  N   . THR A 1 21  ? -9.287  -2.547  -6.713  1.00 13.51 ? 21   THR A N   1 
ATOM   175  C  CA  . THR A 1 21  ? -10.164 -1.380  -6.887  1.00 13.64 ? 21   THR A CA  1 
ATOM   176  C  C   . THR A 1 21  ? -10.029 -0.719  -8.264  1.00 13.71 ? 21   THR A C   1 
ATOM   177  O  O   . THR A 1 21  ? -10.945 -0.023  -8.710  1.00 13.29 ? 21   THR A O   1 
ATOM   178  C  CB  . THR A 1 21  ? -9.946  -0.317  -5.783  1.00 13.82 ? 21   THR A CB  1 
ATOM   179  O  OG1 . THR A 1 21  ? -8.620  0.213   -5.876  1.00 14.35 ? 21   THR A OG1 1 
ATOM   180  C  CG2 . THR A 1 21  ? -10.154 -0.920  -4.399  1.00 14.25 ? 21   THR A CG2 1 
ATOM   181  N  N   . GLU A 1 22  ? -8.889  -0.938  -8.924  1.00 13.76 ? 22   GLU A N   1 
ATOM   182  C  CA  . GLU A 1 22  ? -8.621  -0.391  -10.257 1.00 14.24 ? 22   GLU A CA  1 
ATOM   183  C  C   . GLU A 1 22  ? -8.944  -1.376  -11.388 1.00 14.04 ? 22   GLU A C   1 
ATOM   184  O  O   . GLU A 1 22  ? -8.766  -1.057  -12.576 1.00 13.69 ? 22   GLU A O   1 
ATOM   185  C  CB  . GLU A 1 22  ? -7.154  0.056   -10.365 1.00 14.46 ? 22   GLU A CB  1 
ATOM   186  C  CG  . GLU A 1 22  ? -6.752  1.183   -9.408  1.00 16.83 ? 22   GLU A CG  1 
ATOM   187  C  CD  . GLU A 1 22  ? -7.379  2.531   -9.770  1.00 20.48 ? 22   GLU A CD  1 
ATOM   188  O  OE1 . GLU A 1 22  ? -7.800  2.717   -10.932 1.00 21.06 ? 22   GLU A OE1 1 
ATOM   189  O  OE2 . GLU A 1 22  ? -7.446  3.411   -8.887  1.00 22.75 ? 22   GLU A OE2 1 
ATOM   190  N  N   . GLY A 1 23  ? -9.397  -2.571  -11.019 1.00 13.71 ? 23   GLY A N   1 
ATOM   191  C  CA  . GLY A 1 23  ? -9.760  -3.603  -11.993 1.00 13.44 ? 23   GLY A CA  1 
ATOM   192  C  C   . GLY A 1 23  ? -8.626  -4.541  -12.363 1.00 13.56 ? 23   GLY A C   1 
ATOM   193  O  O   . GLY A 1 23  ? -8.731  -5.285  -13.341 1.00 13.62 ? 23   GLY A O   1 
ATOM   194  N  N   . TYR A 1 24  ? -7.553  -4.527  -11.571 1.00 13.68 ? 24   TYR A N   1 
ATOM   195  C  CA  . TYR A 1 24  ? -6.352  -5.320  -11.862 1.00 13.59 ? 24   TYR A CA  1 
ATOM   196  C  C   . TYR A 1 24  ? -6.305  -6.615  -11.066 1.00 13.32 ? 24   TYR A C   1 
ATOM   197  O  O   . TYR A 1 24  ? -6.608  -6.624  -9.864  1.00 13.02 ? 24   TYR A O   1 
ATOM   198  C  CB  . TYR A 1 24  ? -5.084  -4.522  -11.562 1.00 14.29 ? 24   TYR A CB  1 
ATOM   199  C  CG  . TYR A 1 24  ? -4.937  -3.250  -12.366 1.00 15.24 ? 24   TYR A CG  1 
ATOM   200  C  CD1 . TYR A 1 24  ? -5.208  -3.231  -13.736 1.00 15.59 ? 24   TYR A CD1 1 
ATOM   201  C  CD2 . TYR A 1 24  ? -4.526  -2.067  -11.754 1.00 15.93 ? 24   TYR A CD2 1 
ATOM   202  C  CE1 . TYR A 1 24  ? -5.075  -2.055  -14.480 1.00 17.15 ? 24   TYR A CE1 1 
ATOM   203  C  CE2 . TYR A 1 24  ? -4.386  -0.892  -12.487 1.00 16.47 ? 24   TYR A CE2 1 
ATOM   204  C  CZ  . TYR A 1 24  ? -4.664  -0.893  -13.845 1.00 17.11 ? 24   TYR A CZ  1 
ATOM   205  O  OH  . TYR A 1 24  ? -4.525  0.268   -14.578 1.00 18.19 ? 24   TYR A OH  1 
ATOM   206  N  N   . TYR A 1 25  ? -5.891  -7.693  -11.733 1.00 13.15 ? 25   TYR A N   1 
ATOM   207  C  CA  . TYR A 1 25  ? -5.773  -9.005  -11.091 1.00 12.97 ? 25   TYR A CA  1 
ATOM   208  C  C   . TYR A 1 25  ? -4.804  -8.981  -9.910  1.00 12.60 ? 25   TYR A C   1 
ATOM   209  O  O   . TYR A 1 25  ? -3.674  -8.498  -10.026 1.00 12.79 ? 25   TYR A O   1 
ATOM   210  C  CB  . TYR A 1 25  ? -5.351  -10.071 -12.102 1.00 13.48 ? 25   TYR A CB  1 
ATOM   211  C  CG  . TYR A 1 25  ? -6.415  -10.377 -13.128 1.00 13.73 ? 25   TYR A CG  1 
ATOM   212  C  CD1 . TYR A 1 25  ? -7.649  -10.907 -12.744 1.00 13.87 ? 25   TYR A CD1 1 
ATOM   213  C  CD2 . TYR A 1 25  ? -6.188  -10.142 -14.482 1.00 13.75 ? 25   TYR A CD2 1 
ATOM   214  C  CE1 . TYR A 1 25  ? -8.633  -11.185 -13.683 1.00 15.02 ? 25   TYR A CE1 1 
ATOM   215  C  CE2 . TYR A 1 25  ? -7.168  -10.421 -15.432 1.00 14.20 ? 25   TYR A CE2 1 
ATOM   216  C  CZ  . TYR A 1 25  ? -8.382  -10.942 -15.024 1.00 14.59 ? 25   TYR A CZ  1 
ATOM   217  O  OH  . TYR A 1 25  ? -9.354  -11.224 -15.956 1.00 16.15 ? 25   TYR A OH  1 
ATOM   218  N  N   . THR A 1 26  ? -5.276  -9.527  -8.789  1.00 12.17 ? 26   THR A N   1 
ATOM   219  C  CA  . THR A 1 26  ? -4.622  -9.443  -7.487  1.00 11.74 ? 26   THR A CA  1 
ATOM   220  C  C   . THR A 1 26  ? -4.915  -10.734 -6.712  1.00 11.62 ? 26   THR A C   1 
ATOM   221  O  O   . THR A 1 26  ? -5.863  -11.459 -7.035  1.00 11.44 ? 26   THR A O   1 
ATOM   222  C  CB  . THR A 1 26  ? -5.142  -8.189  -6.710  1.00 11.73 ? 26   THR A CB  1 
ATOM   223  O  OG1 . THR A 1 26  ? -4.922  -7.010  -7.499  1.00 10.96 ? 26   THR A OG1 1 
ATOM   224  C  CG2 . THR A 1 26  ? -4.457  -8.005  -5.358  1.00 11.63 ? 26   THR A CG2 1 
ATOM   225  N  N   . ILE A 1 27  ? -4.101  -11.024 -5.701  1.00 11.30 ? 27   ILE A N   1 
ATOM   226  C  CA  . ILE A 1 27  ? -4.333  -12.173 -4.816  1.00 11.30 ? 27   ILE A CA  1 
ATOM   227  C  C   . ILE A 1 27  ? -3.824  -11.883 -3.395  1.00 11.38 ? 27   ILE A C   1 
ATOM   228  O  O   . ILE A 1 27  ? -3.036  -10.953 -3.187  1.00 10.97 ? 27   ILE A O   1 
ATOM   229  C  CB  . ILE A 1 27  ? -3.715  -13.492 -5.383  1.00 11.42 ? 27   ILE A CB  1 
ATOM   230  C  CG1 . ILE A 1 27  ? -4.419  -14.726 -4.780  1.00 11.55 ? 27   ILE A CG1 1 
ATOM   231  C  CG2 . ILE A 1 27  ? -2.203  -13.530 -5.154  1.00 10.95 ? 27   ILE A CG2 1 
ATOM   232  C  CD1 . ILE A 1 27  ? -4.312  -16.003 -5.609  1.00 12.01 ? 27   ILE A CD1 1 
ATOM   233  N  N   . GLY A 1 28  ? -4.288  -12.679 -2.430  1.00 11.16 ? 28   GLY A N   1 
ATOM   234  C  CA  . GLY A 1 28  ? -3.809  -12.606 -1.049  1.00 11.67 ? 28   GLY A CA  1 
ATOM   235  C  C   . GLY A 1 28  ? -4.170  -11.304 -0.359  1.00 11.43 ? 28   GLY A C   1 
ATOM   236  O  O   . GLY A 1 28  ? -5.335  -10.900 -0.338  1.00 11.31 ? 28   GLY A O   1 
ATOM   237  N  N   . ILE A 1 29  ? -3.157  -10.648 0.195   1.00 11.54 ? 29   ILE A N   1 
ATOM   238  C  CA  . ILE A 1 29  ? -3.344  -9.391  0.912   1.00 11.66 ? 29   ILE A CA  1 
ATOM   239  C  C   . ILE A 1 29  ? -2.863  -8.247  0.016   1.00 11.62 ? 29   ILE A C   1 
ATOM   240  O  O   . ILE A 1 29  ? -1.781  -7.682  0.208   1.00 12.03 ? 29   ILE A O   1 
ATOM   241  C  CB  . ILE A 1 29  ? -2.647  -9.403  2.301   1.00 11.85 ? 29   ILE A CB  1 
ATOM   242  C  CG1 . ILE A 1 29  ? -3.089  -10.642 3.096   1.00 11.88 ? 29   ILE A CG1 1 
ATOM   243  C  CG2 . ILE A 1 29  ? -2.969  -8.121  3.081   1.00 11.16 ? 29   ILE A CG2 1 
ATOM   244  C  CD1 . ILE A 1 29  ? -2.275  -10.932 4.344   1.00 12.48 ? 29   ILE A CD1 1 
ATOM   245  N  N   . GLY A 1 30  ? -3.677  -7.947  -0.995  1.00 11.56 ? 30   GLY A N   1 
ATOM   246  C  CA  . GLY A 1 30  ? -3.383  -6.876  -1.943  1.00 11.36 ? 30   GLY A CA  1 
ATOM   247  C  C   . GLY A 1 30  ? -2.110  -7.075  -2.756  1.00 11.19 ? 30   GLY A C   1 
ATOM   248  O  O   . GLY A 1 30  ? -1.430  -6.101  -3.077  1.00 11.29 ? 30   GLY A O   1 
ATOM   249  N  N   . HIS A 1 31  ? -1.771  -8.326  -3.072  1.00 11.05 ? 31   HIS A N   1 
ATOM   250  C  CA  . HIS A 1 31  ? -0.627  -8.585  -3.960  1.00 11.26 ? 31   HIS A CA  1 
ATOM   251  C  C   . HIS A 1 31  ? -1.017  -8.432  -5.432  1.00 11.41 ? 31   HIS A C   1 
ATOM   252  O  O   . HIS A 1 31  ? -1.621  -9.333  -6.022  1.00 10.84 ? 31   HIS A O   1 
ATOM   253  C  CB  . HIS A 1 31  ? 0.022   -9.961  -3.730  1.00 11.17 ? 31   HIS A CB  1 
ATOM   254  C  CG  . HIS A 1 31  ? 1.210   -10.206 -4.615  1.00 11.92 ? 31   HIS A CG  1 
ATOM   255  N  ND1 . HIS A 1 31  ? 2.470   -9.747  -4.305  1.00 13.38 ? 31   HIS A ND1 1 
ATOM   256  C  CD2 . HIS A 1 31  ? 1.318   -10.820 -5.818  1.00 13.52 ? 31   HIS A CD2 1 
ATOM   257  C  CE1 . HIS A 1 31  ? 3.310   -10.076 -5.273  1.00 13.46 ? 31   HIS A CE1 1 
ATOM   258  N  NE2 . HIS A 1 31  ? 2.636   -10.724 -6.205  1.00 13.23 ? 31   HIS A NE2 1 
ATOM   259  N  N   . LEU A 1 32  ? -0.664  -7.286  -6.012  1.00 11.72 ? 32   LEU A N   1 
ATOM   260  C  CA  . LEU A 1 32  ? -0.908  -7.028  -7.431  1.00 12.48 ? 32   LEU A CA  1 
ATOM   261  C  C   . LEU A 1 32  ? -0.118  -8.019  -8.288  1.00 12.58 ? 32   LEU A C   1 
ATOM   262  O  O   . LEU A 1 32  ? 1.096   -8.174  -8.115  1.00 12.23 ? 32   LEU A O   1 
ATOM   263  C  CB  . LEU A 1 32  ? -0.531  -5.580  -7.787  1.00 12.35 ? 32   LEU A CB  1 
ATOM   264  C  CG  . LEU A 1 32  ? -0.708  -5.133  -9.246  1.00 13.25 ? 32   LEU A CG  1 
ATOM   265  C  CD1 . LEU A 1 32  ? -2.174  -5.238  -9.677  1.00 13.69 ? 32   LEU A CD1 1 
ATOM   266  C  CD2 . LEU A 1 32  ? -0.180  -3.715  -9.474  1.00 13.23 ? 32   LEU A CD2 1 
ATOM   267  N  N   . LEU A 1 33  ? -0.814  -8.695  -9.196  1.00 12.67 ? 33   LEU A N   1 
ATOM   268  C  CA  . LEU A 1 33  ? -0.182  -9.682  -10.066 1.00 13.57 ? 33   LEU A CA  1 
ATOM   269  C  C   . LEU A 1 33  ? 0.271   -9.060  -11.387 1.00 14.46 ? 33   LEU A C   1 
ATOM   270  O  O   . LEU A 1 33  ? 1.378   -9.331  -11.856 1.00 14.31 ? 33   LEU A O   1 
ATOM   271  C  CB  . LEU A 1 33  ? -1.126  -10.868 -10.317 1.00 13.57 ? 33   LEU A CB  1 
ATOM   272  C  CG  . LEU A 1 33  ? -1.393  -11.785 -9.118  1.00 13.59 ? 33   LEU A CG  1 
ATOM   273  C  CD1 . LEU A 1 33  ? -2.625  -12.673 -9.340  1.00 14.33 ? 33   LEU A CD1 1 
ATOM   274  C  CD2 . LEU A 1 33  ? -0.159  -12.627 -8.769  1.00 13.54 ? 33   LEU A CD2 1 
ATOM   275  N  N   . THR A 1 34  ? -0.592  -8.222  -11.965 1.00 15.12 ? 34   THR A N   1 
ATOM   276  C  CA  . THR A 1 34  ? -0.378  -7.645  -13.294 1.00 15.69 ? 34   THR A CA  1 
ATOM   277  C  C   . THR A 1 34  ? -1.470  -6.625  -13.618 1.00 16.43 ? 34   THR A C   1 
ATOM   278  O  O   . THR A 1 34  ? -2.585  -6.714  -13.097 1.00 16.26 ? 34   THR A O   1 
ATOM   279  C  CB  . THR A 1 34  ? -0.346  -8.742  -14.402 1.00 15.78 ? 34   THR A CB  1 
ATOM   280  O  OG1 . THR A 1 34  ? -0.065  -8.146  -15.674 1.00 15.40 ? 34   THR A OG1 1 
ATOM   281  C  CG2 . THR A 1 34  ? -1.675  -9.498  -14.470 1.00 15.73 ? 34   THR A CG2 1 
ATOM   282  N  N   . LYS A 1 35  ? -1.132  -5.655  -14.467 1.00 17.30 ? 35   LYS A N   1 
ATOM   283  C  CA  . LYS A 1 35  ? -2.111  -4.695  -14.983 1.00 18.23 ? 35   LYS A CA  1 
ATOM   284  C  C   . LYS A 1 35  ? -2.733  -5.187  -16.292 1.00 18.40 ? 35   LYS A C   1 
ATOM   285  O  O   . LYS A 1 35  ? -3.662  -4.561  -16.828 1.00 18.22 ? 35   LYS A O   1 
ATOM   286  C  CB  . LYS A 1 35  ? -1.482  -3.301  -15.138 1.00 18.30 ? 35   LYS A CB  1 
ATOM   287  C  CG  . LYS A 1 35  ? -1.155  -2.647  -13.798 1.00 18.74 ? 35   LYS A CG  1 
ATOM   288  C  CD  . LYS A 1 35  ? -0.780  -1.177  -13.911 1.00 19.57 ? 35   LYS A CD  1 
ATOM   289  C  CE  . LYS A 1 35  ? -0.269  -0.663  -12.571 1.00 22.01 ? 35   LYS A CE  1 
ATOM   290  N  NZ  . LYS A 1 35  ? 0.082   0.792   -12.606 1.00 24.25 ? 35   LYS A NZ  1 
ATOM   291  N  N   . SER A 1 36  ? -2.229  -6.320  -16.785 1.00 18.43 ? 36   SER A N   1 
ATOM   292  C  CA  . SER A 1 36  ? -2.749  -6.974  -17.995 1.00 18.57 ? 36   SER A CA  1 
ATOM   293  C  C   . SER A 1 36  ? -4.186  -7.481  -17.830 1.00 18.53 ? 36   SER A C   1 
ATOM   294  O  O   . SER A 1 36  ? -4.527  -8.055  -16.790 1.00 18.28 ? 36   SER A O   1 
ATOM   295  C  CB  . SER A 1 36  ? -1.839  -8.140  -18.395 1.00 18.73 ? 36   SER A CB  1 
ATOM   296  O  OG  . SER A 1 36  ? -2.457  -8.966  -19.367 1.00 18.46 ? 36   SER A OG  1 
ATOM   297  N  N   . PRO A 1 37  ? -5.031  -7.294  -18.866 1.00 18.70 ? 37   PRO A N   1 
ATOM   298  C  CA  . PRO A 1 37  ? -6.412  -7.777  -18.794 1.00 18.57 ? 37   PRO A CA  1 
ATOM   299  C  C   . PRO A 1 37  ? -6.541  -9.290  -19.015 1.00 18.22 ? 37   PRO A C   1 
ATOM   300  O  O   . PRO A 1 37  ? -7.651  -9.827  -18.980 1.00 18.37 ? 37   PRO A O   1 
ATOM   301  C  CB  . PRO A 1 37  ? -7.106  -7.000  -19.917 1.00 18.80 ? 37   PRO A CB  1 
ATOM   302  C  CG  . PRO A 1 37  ? -6.039  -6.793  -20.926 1.00 18.96 ? 37   PRO A CG  1 
ATOM   303  C  CD  . PRO A 1 37  ? -4.756  -6.615  -20.150 1.00 18.87 ? 37   PRO A CD  1 
ATOM   304  N  N   . SER A 1 38  ? -5.412  -9.963  -19.234 1.00 17.74 ? 38   SER A N   1 
ATOM   305  C  CA  . SER A 1 38  ? -5.384  -11.406 -19.452 1.00 17.41 ? 38   SER A CA  1 
ATOM   306  C  C   . SER A 1 38  ? -5.285  -12.189 -18.142 1.00 17.08 ? 38   SER A C   1 
ATOM   307  O  O   . SER A 1 38  ? -4.287  -12.076 -17.421 1.00 16.47 ? 38   SER A O   1 
ATOM   308  C  CB  . SER A 1 38  ? -4.213  -11.776 -20.366 1.00 17.37 ? 38   SER A CB  1 
ATOM   309  O  OG  . SER A 1 38  ? -3.976  -13.174 -20.350 1.00 17.47 ? 38   SER A OG  1 
ATOM   310  N  N   . LEU A 1 39  ? -6.307  -12.991 -17.849 1.00 17.13 ? 39   LEU A N   1 
ATOM   311  C  CA  . LEU A 1 39  ? -6.288  -13.863 -16.667 1.00 17.11 ? 39   LEU A CA  1 
ATOM   312  C  C   . LEU A 1 39  ? -5.135  -14.863 -16.712 1.00 16.76 ? 39   LEU A C   1 
ATOM   313  O  O   . LEU A 1 39  ? -4.526  -15.161 -15.677 1.00 16.59 ? 39   LEU A O   1 
ATOM   314  C  CB  . LEU A 1 39  ? -7.622  -14.599 -16.492 1.00 17.21 ? 39   LEU A CB  1 
ATOM   315  C  CG  . LEU A 1 39  ? -7.776  -15.580 -15.313 1.00 17.18 ? 39   LEU A CG  1 
ATOM   316  C  CD1 . LEU A 1 39  ? -7.525  -14.918 -13.949 1.00 17.89 ? 39   LEU A CD1 1 
ATOM   317  C  CD2 . LEU A 1 39  ? -9.147  -16.228 -15.343 1.00 17.90 ? 39   LEU A CD2 1 
ATOM   318  N  N   . ASN A 1 40  ? -4.846  -15.390 -17.902 1.00 16.63 ? 40   ASN A N   1 
ATOM   319  C  CA  . ASN A 1 40  ? -3.709  -16.297 -18.074 1.00 16.45 ? 40   ASN A CA  1 
ATOM   320  C  C   . ASN A 1 40  ? -2.371  -15.660 -17.717 1.00 15.64 ? 40   ASN A C   1 
ATOM   321  O  O   . ASN A 1 40  ? -1.517  -16.320 -17.119 1.00 15.29 ? 40   ASN A O   1 
ATOM   322  C  CB  . ASN A 1 40  ? -3.662  -16.871 -19.497 1.00 17.11 ? 40   ASN A CB  1 
ATOM   323  C  CG  . ASN A 1 40  ? -4.694  -17.958 -19.718 1.00 18.48 ? 40   ASN A CG  1 
ATOM   324  O  OD1 . ASN A 1 40  ? -4.976  -18.761 -18.825 1.00 21.63 ? 40   ASN A OD1 1 
ATOM   325  N  ND2 . ASN A 1 40  ? -5.265  -17.992 -20.916 1.00 21.71 ? 40   ASN A ND2 1 
ATOM   326  N  N   . ALA A 1 41  ? -2.203  -14.388 -18.081 1.00 14.79 ? 41   ALA A N   1 
ATOM   327  C  CA  . ALA A 1 41  ? -1.007  -13.621 -17.730 1.00 14.08 ? 41   ALA A CA  1 
ATOM   328  C  C   . ALA A 1 41  ? -0.897  -13.472 -16.217 1.00 13.70 ? 41   ALA A C   1 
ATOM   329  O  O   . ALA A 1 41  ? 0.195   -13.601 -15.660 1.00 13.02 ? 41   ALA A O   1 
ATOM   330  C  CB  . ALA A 1 41  ? -1.020  -12.247 -18.402 1.00 14.41 ? 41   ALA A CB  1 
ATOM   331  N  N   . ALA A 1 42  ? -2.033  -13.208 -15.570 1.00 12.78 ? 42   ALA A N   1 
ATOM   332  C  CA  . ALA A 1 42  ? -2.101  -13.093 -14.107 1.00 12.94 ? 42   ALA A CA  1 
ATOM   333  C  C   . ALA A 1 42  ? -1.726  -14.405 -13.424 1.00 12.65 ? 42   ALA A C   1 
ATOM   334  O  O   . ALA A 1 42  ? -0.962  -14.407 -12.445 1.00 12.68 ? 42   ALA A O   1 
ATOM   335  C  CB  . ALA A 1 42  ? -3.499  -12.637 -13.668 1.00 12.73 ? 42   ALA A CB  1 
ATOM   336  N  N   . LYS A 1 43  ? -2.254  -15.509 -13.957 1.00 12.66 ? 43   LYS A N   1 
ATOM   337  C  CA  A LYS A 1 43  ? -1.972  -16.845 -13.420 0.60 12.96 ? 43   LYS A CA  1 
ATOM   338  C  CA  B LYS A 1 43  ? -1.975  -16.838 -13.427 0.40 12.63 ? 43   LYS A CA  1 
ATOM   339  C  C   . LYS A 1 43  ? -0.481  -17.170 -13.520 1.00 12.63 ? 43   LYS A C   1 
ATOM   340  O  O   . LYS A 1 43  ? 0.087   -17.781 -12.605 1.00 12.81 ? 43   LYS A O   1 
ATOM   341  C  CB  A LYS A 1 43  ? -2.814  -17.920 -14.127 0.60 12.80 ? 43   LYS A CB  1 
ATOM   342  C  CB  B LYS A 1 43  ? -2.799  -17.888 -14.171 0.40 12.48 ? 43   LYS A CB  1 
ATOM   343  C  CG  A LYS A 1 43  ? -4.271  -17.968 -13.676 0.60 13.46 ? 43   LYS A CG  1 
ATOM   344  C  CG  B LYS A 1 43  ? -3.091  -19.099 -13.336 0.40 12.09 ? 43   LYS A CG  1 
ATOM   345  C  CD  A LYS A 1 43  ? -5.099  -18.963 -14.485 0.60 13.55 ? 43   LYS A CD  1 
ATOM   346  C  CD  B LYS A 1 43  ? -2.643  -20.355 -14.036 0.40 11.60 ? 43   LYS A CD  1 
ATOM   347  C  CE  A LYS A 1 43  ? -6.503  -19.105 -13.906 0.60 14.59 ? 43   LYS A CE  1 
ATOM   348  C  CE  B LYS A 1 43  ? -1.703  -21.097 -13.118 0.40 11.24 ? 43   LYS A CE  1 
ATOM   349  N  NZ  A LYS A 1 43  ? -7.300  -20.127 -14.646 0.60 16.40 ? 43   LYS A NZ  1 
ATOM   350  N  NZ  B LYS A 1 43  ? -1.412  -22.486 -13.510 0.40 9.22  ? 43   LYS A NZ  1 
ATOM   351  N  N   . SER A 1 44  ? 0.142   -16.755 -14.626 1.00 12.67 ? 44   SER A N   1 
ATOM   352  C  CA  A SER A 1 44  ? 1.578   -16.940 -14.832 0.50 12.73 ? 44   SER A CA  1 
ATOM   353  C  CA  B SER A 1 44  ? 1.582   -16.940 -14.832 0.50 12.61 ? 44   SER A CA  1 
ATOM   354  C  C   . SER A 1 44  ? 2.379   -16.176 -13.778 1.00 12.65 ? 44   SER A C   1 
ATOM   355  O  O   . SER A 1 44  ? 3.311   -16.723 -13.174 1.00 12.28 ? 44   SER A O   1 
ATOM   356  C  CB  A SER A 1 44  ? 1.984   -16.490 -16.240 0.50 12.78 ? 44   SER A CB  1 
ATOM   357  C  CB  B SER A 1 44  ? 1.997   -16.499 -16.242 0.50 12.64 ? 44   SER A CB  1 
ATOM   358  O  OG  A SER A 1 44  ? 3.328   -16.839 -16.512 0.50 13.75 ? 44   SER A OG  1 
ATOM   359  O  OG  B SER A 1 44  ? 1.662   -17.482 -17.207 0.50 12.89 ? 44   SER A OG  1 
ATOM   360  N  N   . GLU A 1 45  ? 2.004   -14.915 -13.556 1.00 12.57 ? 45   GLU A N   1 
ATOM   361  C  CA  . GLU A 1 45  ? 2.636   -14.082 -12.530 1.00 12.79 ? 45   GLU A CA  1 
ATOM   362  C  C   . GLU A 1 45  ? 2.510   -14.708 -11.143 1.00 12.83 ? 45   GLU A C   1 
ATOM   363  O  O   . GLU A 1 45  ? 3.465   -14.690 -10.369 1.00 13.05 ? 45   GLU A O   1 
ATOM   364  C  CB  . GLU A 1 45  ? 2.067   -12.659 -12.527 1.00 12.76 ? 45   GLU A CB  1 
ATOM   365  C  CG  . GLU A 1 45  ? 2.474   -11.810 -13.736 1.00 13.85 ? 45   GLU A CG  1 
ATOM   366  C  CD  . GLU A 1 45  ? 3.982   -11.638 -13.889 1.00 15.87 ? 45   GLU A CD  1 
ATOM   367  O  OE1 . GLU A 1 45  ? 4.675   -11.327 -12.895 1.00 16.80 ? 45   GLU A OE1 1 
ATOM   368  O  OE2 . GLU A 1 45  ? 4.473   -11.805 -15.021 1.00 17.07 ? 45   GLU A OE2 1 
ATOM   369  N  N   . LEU A 1 46  ? 1.340   -15.276 -10.847 1.00 12.58 ? 46   LEU A N   1 
ATOM   370  C  CA  . LEU A 1 46  ? 1.112   -15.961 -9.578  1.00 12.14 ? 46   LEU A CA  1 
ATOM   371  C  C   . LEU A 1 46  ? 2.060   -17.152 -9.404  1.00 12.09 ? 46   LEU A C   1 
ATOM   372  O  O   . LEU A 1 46  ? 2.740   -17.255 -8.385  1.00 11.24 ? 46   LEU A O   1 
ATOM   373  C  CB  . LEU A 1 46  ? -0.351  -16.399 -9.442  1.00 12.31 ? 46   LEU A CB  1 
ATOM   374  C  CG  . LEU A 1 46  ? -0.743  -17.134 -8.155  1.00 12.70 ? 46   LEU A CG  1 
ATOM   375  C  CD1 . LEU A 1 46  ? -0.400  -16.320 -6.911  1.00 13.30 ? 46   LEU A CD1 1 
ATOM   376  C  CD2 . LEU A 1 46  ? -2.228  -17.479 -8.184  1.00 11.91 ? 46   LEU A CD2 1 
ATOM   377  N  N   . ASP A 1 47  ? 2.113   -18.026 -10.408 1.00 12.09 ? 47   ASP A N   1 
ATOM   378  C  CA  . ASP A 1 47  ? 2.990   -19.204 -10.375 1.00 12.46 ? 47   ASP A CA  1 
ATOM   379  C  C   . ASP A 1 47  ? 4.454   -18.832 -10.141 1.00 12.24 ? 47   ASP A C   1 
ATOM   380  O  O   . ASP A 1 47  ? 5.152   -19.473 -9.344  1.00 12.14 ? 47   ASP A O   1 
ATOM   381  C  CB  . ASP A 1 47  ? 2.865   -20.005 -11.676 1.00 12.63 ? 47   ASP A CB  1 
ATOM   382  C  CG  . ASP A 1 47  ? 1.499   -20.646 -11.847 1.00 13.63 ? 47   ASP A CG  1 
ATOM   383  O  OD1 . ASP A 1 47  ? 0.700   -20.665 -10.885 1.00 12.88 ? 47   ASP A OD1 1 
ATOM   384  O  OD2 . ASP A 1 47  ? 1.229   -21.139 -12.963 1.00 14.39 ? 47   ASP A OD2 1 
ATOM   385  N  N   . LYS A 1 48  ? 4.899   -17.787 -10.835 1.00 12.32 ? 48   LYS A N   1 
ATOM   386  C  CA  . LYS A 1 48  ? 6.262   -17.263 -10.719 1.00 12.75 ? 48   LYS A CA  1 
ATOM   387  C  C   . LYS A 1 48  ? 6.530   -16.732 -9.304  1.00 12.55 ? 48   LYS A C   1 
ATOM   388  O  O   . LYS A 1 48  ? 7.606   -16.970 -8.739  1.00 11.92 ? 48   LYS A O   1 
ATOM   389  C  CB  . LYS A 1 48  ? 6.491   -16.183 -11.789 1.00 12.60 ? 48   LYS A CB  1 
ATOM   390  C  CG  . LYS A 1 48  ? 7.753   -15.333 -11.639 1.00 13.22 ? 48   LYS A CG  1 
ATOM   391  C  CD  . LYS A 1 48  ? 8.088   -14.564 -12.926 1.00 13.51 ? 48   LYS A CD  1 
ATOM   392  C  CE  . LYS A 1 48  ? 7.044   -13.512 -13.291 1.00 14.44 ? 48   LYS A CE  1 
ATOM   393  N  NZ  . LYS A 1 48  ? 7.279   -12.187 -12.656 1.00 13.72 ? 48   LYS A NZ  1 
ATOM   394  N  N   . ALA A 1 49  ? 5.539   -16.047 -8.729  1.00 12.66 ? 49   ALA A N   1 
ATOM   395  C  CA  . ALA A 1 49  ? 5.665   -15.479 -7.381  1.00 13.14 ? 49   ALA A CA  1 
ATOM   396  C  C   . ALA A 1 49  ? 5.711   -16.551 -6.283  1.00 13.60 ? 49   ALA A C   1 
ATOM   397  O  O   . ALA A 1 49  ? 6.482   -16.429 -5.326  1.00 13.72 ? 49   ALA A O   1 
ATOM   398  C  CB  . ALA A 1 49  ? 4.546   -14.468 -7.109  1.00 13.21 ? 49   ALA A CB  1 
ATOM   399  N  N   . ILE A 1 50  ? 4.894   -17.597 -6.438  1.00 14.00 ? 50   ILE A N   1 
ATOM   400  C  CA  . ILE A 1 50  ? 4.759   -18.670 -5.437  1.00 14.93 ? 50   ILE A CA  1 
ATOM   401  C  C   . ILE A 1 50  ? 5.813   -19.774 -5.612  1.00 15.14 ? 50   ILE A C   1 
ATOM   402  O  O   . ILE A 1 50  ? 6.230   -20.419 -4.637  1.00 14.84 ? 50   ILE A O   1 
ATOM   403  C  CB  . ILE A 1 50  ? 3.329   -19.313 -5.480  1.00 15.09 ? 50   ILE A CB  1 
ATOM   404  C  CG1 . ILE A 1 50  ? 2.235   -18.260 -5.234  1.00 16.12 ? 50   ILE A CG1 1 
ATOM   405  C  CG2 . ILE A 1 50  ? 3.204   -20.506 -4.501  1.00 16.33 ? 50   ILE A CG2 1 
ATOM   406  C  CD1 . ILE A 1 50  ? 2.258   -17.598 -3.851  1.00 18.04 ? 50   ILE A CD1 1 
ATOM   407  N  N   . GLY A 1 51  ? 6.223   -19.999 -6.857  1.00 15.03 ? 51   GLY A N   1 
ATOM   408  C  CA  . GLY A 1 51  ? 7.178   -21.056 -7.181  1.00 16.28 ? 51   GLY A CA  1 
ATOM   409  C  C   . GLY A 1 51  ? 6.556   -22.428 -7.391  1.00 16.74 ? 51   GLY A C   1 
ATOM   410  O  O   . GLY A 1 51  ? 7.214   -23.449 -7.171  1.00 17.02 ? 51   GLY A O   1 
ATOM   411  N  N   . ARG A 1 52  ? 5.294   -22.455 -7.818  1.00 17.29 ? 52   ARG A N   1 
ATOM   412  C  CA  . ARG A 1 52  ? 4.598   -23.704 -8.162  1.00 17.83 ? 52   ARG A CA  1 
ATOM   413  C  C   . ARG A 1 52  ? 3.408   -23.442 -9.092  1.00 18.18 ? 52   ARG A C   1 
ATOM   414  O  O   . ARG A 1 52  ? 2.942   -22.308 -9.214  1.00 17.69 ? 52   ARG A O   1 
ATOM   415  C  CB  . ARG A 1 52  ? 4.143   -24.462 -6.905  1.00 17.96 ? 52   ARG A CB  1 
ATOM   416  C  CG  . ARG A 1 52  ? 3.088   -23.733 -6.083  1.00 18.06 ? 52   ARG A CG  1 
ATOM   417  C  CD  . ARG A 1 52  ? 2.558   -24.554 -4.903  1.00 17.90 ? 52   ARG A CD  1 
ATOM   418  N  NE  . ARG A 1 52  ? 1.475   -23.828 -4.241  1.00 16.94 ? 52   ARG A NE  1 
ATOM   419  C  CZ  . ARG A 1 52  ? 0.189   -23.905 -4.581  1.00 16.62 ? 52   ARG A CZ  1 
ATOM   420  N  NH1 . ARG A 1 52  ? -0.206  -24.709 -5.567  1.00 17.19 ? 52   ARG A NH1 1 
ATOM   421  N  NH2 . ARG A 1 52  ? -0.711  -23.181 -3.927  1.00 16.52 ? 52   ARG A NH2 1 
ATOM   422  N  N   . ASN A 1 53  ? 2.927   -24.502 -9.739  1.00 18.62 ? 53   ASN A N   1 
ATOM   423  C  CA  . ASN A 1 53  ? 1.778   -24.416 -10.643 1.00 19.34 ? 53   ASN A CA  1 
ATOM   424  C  C   . ASN A 1 53  ? 0.475   -24.403 -9.831  1.00 19.27 ? 53   ASN A C   1 
ATOM   425  O  O   . ASN A 1 53  ? 0.027   -25.448 -9.355  1.00 19.35 ? 53   ASN A O   1 
ATOM   426  C  CB  . ASN A 1 53  ? 1.808   -25.596 -11.630 1.00 19.60 ? 53   ASN A CB  1 
ATOM   427  C  CG  . ASN A 1 53  ? 0.989   -25.348 -12.891 1.00 21.09 ? 53   ASN A CG  1 
ATOM   428  O  OD1 . ASN A 1 53  ? 0.172   -24.431 -12.958 1.00 23.52 ? 53   ASN A OD1 1 
ATOM   429  N  ND2 . ASN A 1 53  ? 1.209   -26.179 -13.902 1.00 23.13 ? 53   ASN A ND2 1 
ATOM   430  N  N   . THR A 1 54  ? -0.123  -23.218 -9.686  1.00 19.30 ? 54   THR A N   1 
ATOM   431  C  CA  . THR A 1 54  ? -1.232  -22.994 -8.739  1.00 19.57 ? 54   THR A CA  1 
ATOM   432  C  C   . THR A 1 54  ? -2.636  -23.036 -9.351  1.00 19.69 ? 54   THR A C   1 
ATOM   433  O  O   . THR A 1 54  ? -3.599  -23.411 -8.681  1.00 19.82 ? 54   THR A O   1 
ATOM   434  C  CB  . THR A 1 54  ? -1.128  -21.605 -8.034  1.00 19.44 ? 54   THR A CB  1 
ATOM   435  O  OG1 . THR A 1 54  ? -1.377  -20.563 -8.989  1.00 20.03 ? 54   THR A OG1 1 
ATOM   436  C  CG2 . THR A 1 54  ? 0.234   -21.391 -7.383  1.00 19.29 ? 54   THR A CG2 1 
ATOM   437  N  N   . ASN A 1 55  ? -2.753  -22.606 -10.604 1.00 19.98 ? 55   ASN A N   1 
ATOM   438  C  CA  . ASN A 1 55  ? -4.057  -22.301 -11.221 1.00 20.02 ? 55   ASN A CA  1 
ATOM   439  C  C   . ASN A 1 55  ? -4.993  -21.464 -10.334 1.00 19.59 ? 55   ASN A C   1 
ATOM   440  O  O   . ASN A 1 55  ? -6.145  -21.847 -10.067 1.00 20.04 ? 55   ASN A O   1 
ATOM   441  C  CB  . ASN A 1 55  ? -4.756  -23.566 -11.724 1.00 20.59 ? 55   ASN A CB  1 
ATOM   442  C  CG  . ASN A 1 55  ? -5.807  -23.278 -12.787 1.00 21.20 ? 55   ASN A CG  1 
ATOM   443  O  OD1 . ASN A 1 55  ? -5.658  -22.363 -13.599 1.00 22.59 ? 55   ASN A OD1 1 
ATOM   444  N  ND2 . ASN A 1 55  ? -6.869  -24.072 -12.793 1.00 22.99 ? 55   ASN A ND2 1 
ATOM   445  N  N   . GLY A 1 56  ? -4.469  -20.338 -9.855  1.00 18.68 ? 56   GLY A N   1 
ATOM   446  C  CA  . GLY A 1 56  ? -5.298  -19.271 -9.303  1.00 17.45 ? 56   GLY A CA  1 
ATOM   447  C  C   . GLY A 1 56  ? -5.664  -19.268 -7.828  1.00 16.51 ? 56   GLY A C   1 
ATOM   448  O  O   . GLY A 1 56  ? -6.328  -18.342 -7.379  1.00 15.82 ? 56   GLY A O   1 
ATOM   449  N  N   . VAL A 1 57  ? -5.253  -20.292 -7.077  1.00 15.77 ? 57   VAL A N   1 
ATOM   450  C  CA  . VAL A 1 57  ? -5.584  -20.390 -5.652  1.00 15.33 ? 57   VAL A CA  1 
ATOM   451  C  C   . VAL A 1 57  ? -4.324  -20.641 -4.829  1.00 14.82 ? 57   VAL A C   1 
ATOM   452  O  O   . VAL A 1 57  ? -3.485  -21.457 -5.216  1.00 14.51 ? 57   VAL A O   1 
ATOM   453  C  CB  . VAL A 1 57  ? -6.603  -21.526 -5.358  1.00 15.46 ? 57   VAL A CB  1 
ATOM   454  C  CG1 . VAL A 1 57  ? -7.041  -21.499 -3.888  1.00 16.28 ? 57   VAL A CG1 1 
ATOM   455  C  CG2 . VAL A 1 57  ? -7.826  -21.425 -6.278  1.00 16.19 ? 57   VAL A CG2 1 
ATOM   456  N  N   . ILE A 1 58  ? -4.209  -19.935 -3.704  1.00 14.02 ? 58   ILE A N   1 
ATOM   457  C  CA  . ILE A 1 58  ? -3.079  -20.096 -2.781  1.00 13.60 ? 58   ILE A CA  1 
ATOM   458  C  C   . ILE A 1 58  ? -3.571  -20.327 -1.345  1.00 13.53 ? 58   ILE A C   1 
ATOM   459  O  O   . ILE A 1 58  ? -4.760  -20.156 -1.049  1.00 13.30 ? 58   ILE A O   1 
ATOM   460  C  CB  . ILE A 1 58  ? -2.094  -18.882 -2.834  1.00 13.63 ? 58   ILE A CB  1 
ATOM   461  C  CG1 . ILE A 1 58  ? -2.784  -17.583 -2.392  1.00 13.58 ? 58   ILE A CG1 1 
ATOM   462  C  CG2 . ILE A 1 58  ? -1.455  -18.746 -4.235  1.00 13.79 ? 58   ILE A CG2 1 
ATOM   463  C  CD1 . ILE A 1 58  ? -1.844  -16.359 -2.328  1.00 13.30 ? 58   ILE A CD1 1 
ATOM   464  N  N   . THR A 1 59  ? -2.655  -20.726 -0.463  1.00 13.68 ? 59   THR A N   1 
ATOM   465  C  CA  . THR A 1 59  ? -2.977  -20.952 0.948   1.00 13.83 ? 59   THR A CA  1 
ATOM   466  C  C   . THR A 1 59  ? -2.775  -19.651 1.729   1.00 13.72 ? 59   THR A C   1 
ATOM   467  O  O   . THR A 1 59  ? -2.170  -18.710 1.214   1.00 13.01 ? 59   THR A O   1 
ATOM   468  C  CB  . THR A 1 59  ? -2.084  -22.046 1.573   1.00 14.00 ? 59   THR A CB  1 
ATOM   469  O  OG1 . THR A 1 59  ? -0.730  -21.580 1.638   1.00 13.93 ? 59   THR A OG1 1 
ATOM   470  C  CG2 . THR A 1 59  ? -2.143  -23.345 0.758   1.00 14.85 ? 59   THR A CG2 1 
ATOM   471  N  N   . LYS A 1 60  ? -3.274  -19.606 2.962   1.00 13.70 ? 60   LYS A N   1 
ATOM   472  C  CA  . LYS A 1 60  ? -3.058  -18.439 3.830   1.00 14.22 ? 60   LYS A CA  1 
ATOM   473  C  C   . LYS A 1 60  ? -1.574  -18.207 4.105   1.00 13.59 ? 60   LYS A C   1 
ATOM   474  O  O   . LYS A 1 60  ? -1.122  -17.062 4.097   1.00 13.13 ? 60   LYS A O   1 
ATOM   475  C  CB  . LYS A 1 60  ? -3.834  -18.556 5.147   1.00 14.13 ? 60   LYS A CB  1 
ATOM   476  C  CG  . LYS A 1 60  ? -3.780  -17.287 6.007   1.00 15.37 ? 60   LYS A CG  1 
ATOM   477  C  CD  . LYS A 1 60  ? -4.587  -17.457 7.284   1.00 15.79 ? 60   LYS A CD  1 
ATOM   478  C  CE  . LYS A 1 60  ? -4.750  -16.141 8.010   1.00 18.82 ? 60   LYS A CE  1 
ATOM   479  N  NZ  . LYS A 1 60  ? -5.335  -16.344 9.363   1.00 21.64 ? 60   LYS A NZ  1 
ATOM   480  N  N   . ASP A 1 61  ? -0.833  -19.290 4.357   1.00 13.64 ? 61   ASP A N   1 
ATOM   481  C  CA  . ASP A 1 61  ? 0.616   -19.212 4.585   1.00 13.76 ? 61   ASP A CA  1 
ATOM   482  C  C   . ASP A 1 61  ? 1.311   -18.562 3.392   1.00 13.01 ? 61   ASP A C   1 
ATOM   483  O  O   . ASP A 1 61  ? 2.149   -17.671 3.556   1.00 12.61 ? 61   ASP A O   1 
ATOM   484  C  CB  . ASP A 1 61  ? 1.214   -20.601 4.858   1.00 14.12 ? 61   ASP A CB  1 
ATOM   485  C  CG  . ASP A 1 61  ? 0.982   -21.086 6.288   1.00 16.13 ? 61   ASP A CG  1 
ATOM   486  O  OD1 . ASP A 1 61  ? 0.289   -20.403 7.077   1.00 17.47 ? 61   ASP A OD1 1 
ATOM   487  O  OD2 . ASP A 1 61  ? 1.512   -22.172 6.623   1.00 18.48 ? 61   ASP A OD2 1 
ATOM   488  N  N   . GLU A 1 62  ? 0.938   -18.998 2.188   1.00 12.55 ? 62   GLU A N   1 
ATOM   489  C  CA  . GLU A 1 62  ? 1.489   -18.434 0.958   1.00 12.22 ? 62   GLU A CA  1 
ATOM   490  C  C   . GLU A 1 62  ? 1.127   -16.952 0.798   1.00 11.56 ? 62   GLU A C   1 
ATOM   491  O  O   . GLU A 1 62  ? 1.986   -16.142 0.464   1.00 11.54 ? 62   GLU A O   1 
ATOM   492  C  CB  . GLU A 1 62  ? 1.053   -19.256 -0.263  1.00 12.08 ? 62   GLU A CB  1 
ATOM   493  C  CG  . GLU A 1 62  ? 1.713   -20.637 -0.321  1.00 12.74 ? 62   GLU A CG  1 
ATOM   494  C  CD  . GLU A 1 62  ? 1.094   -21.571 -1.355  1.00 12.41 ? 62   GLU A CD  1 
ATOM   495  O  OE1 . GLU A 1 62  ? -0.048  -21.330 -1.796  1.00 12.08 ? 62   GLU A OE1 1 
ATOM   496  O  OE2 . GLU A 1 62  ? 1.768   -22.551 -1.734  1.00 13.18 ? 62   GLU A OE2 1 
ATOM   497  N  N   . ALA A 1 63  ? -0.135  -16.601 1.061   1.00 11.48 ? 63   ALA A N   1 
ATOM   498  C  CA  . ALA A 1 63  ? -0.564  -15.200 1.017   1.00 10.91 ? 63   ALA A CA  1 
ATOM   499  C  C   . ALA A 1 63  ? 0.262   -14.322 1.967   1.00 10.92 ? 63   ALA A C   1 
ATOM   500  O  O   . ALA A 1 63  ? 0.710   -13.242 1.582   1.00 10.28 ? 63   ALA A O   1 
ATOM   501  C  CB  . ALA A 1 63  ? -2.066  -15.072 1.320   1.00 11.18 ? 63   ALA A CB  1 
ATOM   502  N  N   . GLU A 1 64  ? 0.473   -14.800 3.197   1.00 10.98 ? 64   GLU A N   1 
ATOM   503  C  CA  . GLU A 1 64  ? 1.260   -14.060 4.192   1.00 11.41 ? 64   GLU A CA  1 
ATOM   504  C  C   . GLU A 1 64  ? 2.737   -13.942 3.809   1.00 11.01 ? 64   GLU A C   1 
ATOM   505  O  O   . GLU A 1 64  ? 3.386   -12.928 4.114   1.00 10.87 ? 64   GLU A O   1 
ATOM   506  C  CB  . GLU A 1 64  ? 1.088   -14.666 5.591   1.00 11.18 ? 64   GLU A CB  1 
ATOM   507  C  CG  . GLU A 1 64  ? -0.313  -14.427 6.171   1.00 11.87 ? 64   GLU A CG  1 
ATOM   508  C  CD  . GLU A 1 64  ? -0.579  -15.175 7.463   1.00 13.44 ? 64   GLU A CD  1 
ATOM   509  O  OE1 . GLU A 1 64  ? -1.558  -14.808 8.150   1.00 16.81 ? 64   GLU A OE1 1 
ATOM   510  O  OE2 . GLU A 1 64  ? 0.179   -16.119 7.793   1.00 15.35 ? 64   GLU A OE2 1 
ATOM   511  N  N   . LYS A 1 65  ? 3.262   -14.964 3.133   1.00 11.01 ? 65   LYS A N   1 
ATOM   512  C  CA  . LYS A 1 65  ? 4.646   -14.920 2.634   1.00 11.33 ? 65   LYS A CA  1 
ATOM   513  C  C   . LYS A 1 65  ? 4.828   -13.788 1.612   1.00 10.99 ? 65   LYS A C   1 
ATOM   514  O  O   . LYS A 1 65  ? 5.735   -12.958 1.749   1.00 11.14 ? 65   LYS A O   1 
ATOM   515  C  CB  . LYS A 1 65  ? 5.067   -16.269 2.035   1.00 11.11 ? 65   LYS A CB  1 
ATOM   516  C  CG  . LYS A 1 65  ? 6.538   -16.316 1.603   1.00 12.11 ? 65   LYS A CG  1 
ATOM   517  C  CD  . LYS A 1 65  ? 6.931   -17.695 1.101   1.00 12.32 ? 65   LYS A CD  1 
ATOM   518  C  CE  . LYS A 1 65  ? 8.338   -17.700 0.502   1.00 14.40 ? 65   LYS A CE  1 
ATOM   519  N  NZ  . LYS A 1 65  ? 9.412   -17.493 1.516   1.00 16.01 ? 65   LYS A NZ  1 
ATOM   520  N  N   . LEU A 1 66  ? 3.952   -13.747 0.608   1.00 10.72 ? 66   LEU A N   1 
ATOM   521  C  CA  . LEU A 1 66  ? 3.936   -12.650 -0.366  1.00 10.55 ? 66   LEU A CA  1 
ATOM   522  C  C   . LEU A 1 66  ? 3.743   -11.278 0.296   1.00 10.54 ? 66   LEU A C   1 
ATOM   523  O  O   . LEU A 1 66  ? 4.373   -10.298 -0.108  1.00 9.90  ? 66   LEU A O   1 
ATOM   524  C  CB  . LEU A 1 66  ? 2.848   -12.874 -1.419  1.00 10.82 ? 66   LEU A CB  1 
ATOM   525  C  CG  . LEU A 1 66  ? 2.972   -14.077 -2.364  1.00 11.06 ? 66   LEU A CG  1 
ATOM   526  C  CD1 . LEU A 1 66  ? 1.890   -13.997 -3.429  1.00 12.33 ? 66   LEU A CD1 1 
ATOM   527  C  CD2 . LEU A 1 66  ? 4.359   -14.153 -3.010  1.00 11.20 ? 66   LEU A CD2 1 
ATOM   528  N  N   . PHE A 1 67  ? 2.871   -11.224 1.305   1.00 10.54 ? 67   PHE A N   1 
ATOM   529  C  CA  . PHE A 1 67  ? 2.570   -9.977  2.027   1.00 11.24 ? 67   PHE A CA  1 
ATOM   530  C  C   . PHE A 1 67  ? 3.822   -9.410  2.707   1.00 11.43 ? 67   PHE A C   1 
ATOM   531  O  O   . PHE A 1 67  ? 4.146   -8.222  2.552   1.00 10.95 ? 67   PHE A O   1 
ATOM   532  C  CB  . PHE A 1 67  ? 1.423   -10.215 3.023   1.00 11.25 ? 67   PHE A CB  1 
ATOM   533  C  CG  . PHE A 1 67  ? 0.990   -8.987  3.802   1.00 11.79 ? 67   PHE A CG  1 
ATOM   534  C  CD1 . PHE A 1 67  ? 0.824   -7.745  3.176   1.00 11.78 ? 67   PHE A CD1 1 
ATOM   535  C  CD2 . PHE A 1 67  ? 0.704   -9.095  5.163   1.00 12.37 ? 67   PHE A CD2 1 
ATOM   536  C  CE1 . PHE A 1 67  ? 0.406   -6.624  3.915   1.00 11.92 ? 67   PHE A CE1 1 
ATOM   537  C  CE2 . PHE A 1 67  ? 0.281   -7.988  5.904   1.00 12.21 ? 67   PHE A CE2 1 
ATOM   538  C  CZ  . PHE A 1 67  ? 0.135   -6.752  5.275   1.00 11.77 ? 67   PHE A CZ  1 
ATOM   539  N  N   . ASN A 1 68  ? 4.540   -10.268 3.431   1.00 11.67 ? 68   ASN A N   1 
ATOM   540  C  CA  . ASN A 1 68  ? 5.794   -9.866  4.080   1.00 12.43 ? 68   ASN A CA  1 
ATOM   541  C  C   . ASN A 1 68  ? 6.813   -9.337  3.070   1.00 12.18 ? 68   ASN A C   1 
ATOM   542  O  O   . ASN A 1 68  ? 7.441   -8.296  3.294   1.00 12.16 ? 68   ASN A O   1 
ATOM   543  C  CB  . ASN A 1 68  ? 6.377   -11.031 4.889   1.00 12.72 ? 68   ASN A CB  1 
ATOM   544  C  CG  . ASN A 1 68  ? 7.460   -10.589 5.876   1.00 14.59 ? 68   ASN A CG  1 
ATOM   545  O  OD1 . ASN A 1 68  ? 8.161   -9.586  5.672   1.00 17.18 ? 68   ASN A OD1 1 
ATOM   546  N  ND2 . ASN A 1 68  ? 7.609   -11.351 6.947   1.00 15.01 ? 68   ASN A ND2 1 
ATOM   547  N  N   . GLN A 1 69  ? 6.962   -10.047 1.951   1.00 11.91 ? 69   GLN A N   1 
ATOM   548  C  CA  . GLN A 1 69  ? 7.855   -9.614  0.872   1.00 11.74 ? 69   GLN A CA  1 
ATOM   549  C  C   . GLN A 1 69  ? 7.455   -8.246  0.321   1.00 11.94 ? 69   GLN A C   1 
ATOM   550  O  O   . GLN A 1 69  ? 8.311   -7.385  0.095   1.00 11.46 ? 69   GLN A O   1 
ATOM   551  C  CB  . GLN A 1 69  ? 7.889   -10.657 -0.249  1.00 11.56 ? 69   GLN A CB  1 
ATOM   552  C  CG  . GLN A 1 69  ? 8.615   -11.940 0.152   1.00 11.36 ? 69   GLN A CG  1 
ATOM   553  C  CD  . GLN A 1 69  ? 8.583   -13.030 -0.905  1.00 11.94 ? 69   GLN A CD  1 
ATOM   554  O  OE1 . GLN A 1 69  ? 9.294   -14.030 -0.786  1.00 13.62 ? 69   GLN A OE1 1 
ATOM   555  N  NE2 . GLN A 1 69  ? 7.763   -12.852 -1.938  1.00 11.73 ? 69   GLN A NE2 1 
ATOM   556  N  N   . ASP A 1 70  ? 6.150   -8.051  0.128   1.00 11.92 ? 70   ASP A N   1 
ATOM   557  C  CA  . ASP A 1 70  ? 5.621   -6.795  -0.405  1.00 12.11 ? 70   ASP A CA  1 
ATOM   558  C  C   . ASP A 1 70  ? 5.846   -5.598  0.525   1.00 12.26 ? 70   ASP A C   1 
ATOM   559  O  O   . ASP A 1 70  ? 6.227   -4.510  0.062   1.00 11.80 ? 70   ASP A O   1 
ATOM   560  C  CB  . ASP A 1 70  ? 4.139   -6.945  -0.766  1.00 12.03 ? 70   ASP A CB  1 
ATOM   561  C  CG  . ASP A 1 70  ? 3.915   -7.880  -1.953  1.00 12.57 ? 70   ASP A CG  1 
ATOM   562  O  OD1 . ASP A 1 70  ? 4.892   -8.228  -2.657  1.00 10.46 ? 70   ASP A OD1 1 
ATOM   563  O  OD2 . ASP A 1 70  ? 2.753   -8.272  -2.178  1.00 12.93 ? 70   ASP A OD2 1 
ATOM   564  N  N   . VAL A 1 71  ? 5.616   -5.804  1.821   1.00 12.52 ? 71   VAL A N   1 
ATOM   565  C  CA  . VAL A 1 71  ? 5.864   -4.769  2.838   1.00 13.11 ? 71   VAL A CA  1 
ATOM   566  C  C   . VAL A 1 71  ? 7.357   -4.407  2.848   1.00 13.66 ? 71   VAL A C   1 
ATOM   567  O  O   . VAL A 1 71  ? 7.722   -3.229  2.829   1.00 13.46 ? 71   VAL A O   1 
ATOM   568  C  CB  . VAL A 1 71  ? 5.394   -5.225  4.251   1.00 13.12 ? 71   VAL A CB  1 
ATOM   569  C  CG1 . VAL A 1 71  ? 5.896   -4.264  5.344   1.00 13.22 ? 71   VAL A CG1 1 
ATOM   570  C  CG2 . VAL A 1 71  ? 3.872   -5.334  4.305   1.00 12.58 ? 71   VAL A CG2 1 
ATOM   571  N  N   . ASP A 1 72  ? 8.203   -5.438  2.864   1.00 14.29 ? 72   ASP A N   1 
ATOM   572  C  CA  . ASP A 1 72  ? 9.656   -5.282  2.808   1.00 15.11 ? 72   ASP A CA  1 
ATOM   573  C  C   . ASP A 1 72  ? 10.065  -4.469  1.572   1.00 15.04 ? 72   ASP A C   1 
ATOM   574  O  O   . ASP A 1 72  ? 10.784  -3.477  1.685   1.00 15.20 ? 72   ASP A O   1 
ATOM   575  C  CB  . ASP A 1 72  ? 10.315  -6.667  2.789   1.00 15.64 ? 72   ASP A CB  1 
ATOM   576  C  CG  . ASP A 1 72  ? 11.723  -6.664  3.355   1.00 17.50 ? 72   ASP A CG  1 
ATOM   577  O  OD1 . ASP A 1 72  ? 12.159  -5.633  3.921   1.00 20.53 ? 72   ASP A OD1 1 
ATOM   578  O  OD2 . ASP A 1 72  ? 12.394  -7.707  3.235   1.00 18.50 ? 72   ASP A OD2 1 
ATOM   579  N  N   . ALA A 1 73  ? 9.564   -4.874  0.405   1.00 15.05 ? 73   ALA A N   1 
ATOM   580  C  CA  . ALA A 1 73  ? 9.841   -4.184  -0.858  1.00 15.00 ? 73   ALA A CA  1 
ATOM   581  C  C   . ALA A 1 73  ? 9.434   -2.706  -0.848  1.00 14.80 ? 73   ALA A C   1 
ATOM   582  O  O   . ALA A 1 73  ? 10.140  -1.864  -1.418  1.00 14.75 ? 73   ALA A O   1 
ATOM   583  C  CB  . ALA A 1 73  ? 9.175   -4.916  -2.018  1.00 15.29 ? 73   ALA A CB  1 
ATOM   584  N  N   . ALA A 1 74  ? 8.306   -2.396  -0.205  1.00 14.31 ? 74   ALA A N   1 
ATOM   585  C  CA  . ALA A 1 74  ? 7.804   -1.017  -0.144  1.00 14.07 ? 74   ALA A CA  1 
ATOM   586  C  C   . ALA A 1 74  ? 8.742   -0.118  0.665   1.00 14.14 ? 74   ALA A C   1 
ATOM   587  O  O   . ALA A 1 74  ? 9.064   1.002   0.241   1.00 13.54 ? 74   ALA A O   1 
ATOM   588  C  CB  . ALA A 1 74  ? 6.388   -0.980  0.425   1.00 13.61 ? 74   ALA A CB  1 
ATOM   589  N  N   . VAL A 1 75  ? 9.172   -0.630  1.819   1.00 14.13 ? 75   VAL A N   1 
ATOM   590  C  CA  . VAL A 1 75  ? 10.130  0.044   2.699   1.00 14.96 ? 75   VAL A CA  1 
ATOM   591  C  C   . VAL A 1 75  ? 11.463  0.249   1.984   1.00 15.30 ? 75   VAL A C   1 
ATOM   592  O  O   . VAL A 1 75  ? 11.980  1.372   1.930   1.00 15.18 ? 75   VAL A O   1 
ATOM   593  C  CB  . VAL A 1 75  ? 10.359  -0.767  4.004   1.00 14.78 ? 75   VAL A CB  1 
ATOM   594  C  CG1 . VAL A 1 75  ? 11.520  -0.179  4.828   1.00 15.27 ? 75   VAL A CG1 1 
ATOM   595  C  CG2 . VAL A 1 75  ? 9.092   -0.829  4.821   1.00 15.50 ? 75   VAL A CG2 1 
ATOM   596  N  N   . ARG A 1 76  ? 12.003  -0.837  1.428   1.00 15.86 ? 76   ARG A N   1 
ATOM   597  C  CA  A ARG A 1 76  ? 13.283  -0.778  0.730   0.60 16.50 ? 76   ARG A CA  1 
ATOM   598  C  CA  B ARG A 1 76  ? 13.278  -0.806  0.702   0.40 16.44 ? 76   ARG A CA  1 
ATOM   599  C  C   . ARG A 1 76  ? 13.230  0.225   -0.423  1.00 16.51 ? 76   ARG A C   1 
ATOM   600  O  O   . ARG A 1 76  ? 14.196  0.960   -0.651  1.00 16.93 ? 76   ARG A O   1 
ATOM   601  C  CB  A ARG A 1 76  ? 13.722  -2.175  0.270   0.60 16.63 ? 76   ARG A CB  1 
ATOM   602  C  CB  B ARG A 1 76  ? 13.630  -2.190  0.125   0.40 16.61 ? 76   ARG A CB  1 
ATOM   603  C  CG  A ARG A 1 76  ? 14.131  -3.086  1.434   0.60 17.08 ? 76   ARG A CG  1 
ATOM   604  C  CG  B ARG A 1 76  ? 13.682  -3.360  1.125   0.40 17.40 ? 76   ARG A CG  1 
ATOM   605  C  CD  A ARG A 1 76  ? 14.360  -4.541  1.006   0.60 16.87 ? 76   ARG A CD  1 
ATOM   606  C  CD  B ARG A 1 76  ? 14.842  -3.276  2.114   0.40 18.19 ? 76   ARG A CD  1 
ATOM   607  N  NE  A ARG A 1 76  ? 15.660  -4.745  0.363   0.60 17.89 ? 76   ARG A NE  1 
ATOM   608  N  NE  B ARG A 1 76  ? 14.443  -2.658  3.375   0.40 18.56 ? 76   ARG A NE  1 
ATOM   609  C  CZ  A ARG A 1 76  ? 16.800  -4.989  1.009   0.60 18.05 ? 76   ARG A CZ  1 
ATOM   610  C  CZ  B ARG A 1 76  ? 14.298  -3.307  4.532   0.40 18.79 ? 76   ARG A CZ  1 
ATOM   611  N  NH1 A ARG A 1 76  ? 17.925  -5.162  0.321   0.60 18.31 ? 76   ARG A NH1 1 
ATOM   612  N  NH1 B ARG A 1 76  ? 13.928  -2.639  5.616   0.40 18.24 ? 76   ARG A NH1 1 
ATOM   613  N  NH2 A ARG A 1 76  ? 16.825  -5.057  2.336   0.60 17.45 ? 76   ARG A NH2 1 
ATOM   614  N  NH2 B ARG A 1 76  ? 14.523  -4.614  4.615   0.40 18.31 ? 76   ARG A NH2 1 
ATOM   615  N  N   . GLY A 1 77  ? 12.090  0.280   -1.117  1.00 16.26 ? 77   GLY A N   1 
ATOM   616  C  CA  . GLY A 1 77  ? 11.861  1.244   -2.197  1.00 16.22 ? 77   GLY A CA  1 
ATOM   617  C  C   . GLY A 1 77  ? 11.872  2.704   -1.755  1.00 16.18 ? 77   GLY A C   1 
ATOM   618  O  O   . GLY A 1 77  ? 12.512  3.557   -2.394  1.00 16.24 ? 77   GLY A O   1 
ATOM   619  N  N   . ILE A 1 78  ? 11.159  2.995   -0.666  1.00 15.61 ? 78   ILE A N   1 
ATOM   620  C  CA  . ILE A 1 78  ? 11.185  4.320   -0.044  1.00 15.58 ? 78   ILE A CA  1 
ATOM   621  C  C   . ILE A 1 78  ? 12.622  4.749   0.268   1.00 15.85 ? 78   ILE A C   1 
ATOM   622  O  O   . ILE A 1 78  ? 13.030  5.872   -0.056  1.00 15.61 ? 78   ILE A O   1 
ATOM   623  C  CB  . ILE A 1 78  ? 10.328  4.360   1.254   1.00 15.52 ? 78   ILE A CB  1 
ATOM   624  C  CG1 . ILE A 1 78  ? 8.832   4.314   0.911   1.00 15.61 ? 78   ILE A CG1 1 
ATOM   625  C  CG2 . ILE A 1 78  ? 10.657  5.606   2.088   1.00 15.09 ? 78   ILE A CG2 1 
ATOM   626  C  CD1 . ILE A 1 78  ? 7.925   3.952   2.085   1.00 15.41 ? 78   ILE A CD1 1 
ATOM   627  N  N   . LEU A 1 79  ? 13.388  3.845   0.883   1.00 16.06 ? 79   LEU A N   1 
ATOM   628  C  CA  . LEU A 1 79  ? 14.754  4.162   1.309   1.00 16.72 ? 79   LEU A CA  1 
ATOM   629  C  C   . LEU A 1 79  ? 15.723  4.420   0.142   1.00 17.29 ? 79   LEU A C   1 
ATOM   630  O  O   . LEU A 1 79  ? 16.723  5.126   0.304   1.00 17.33 ? 79   LEU A O   1 
ATOM   631  C  CB  . LEU A 1 79  ? 15.287  3.082   2.263   1.00 16.69 ? 79   LEU A CB  1 
ATOM   632  C  CG  . LEU A 1 79  ? 14.539  2.903   3.595   1.00 16.93 ? 79   LEU A CG  1 
ATOM   633  C  CD1 . LEU A 1 79  ? 15.117  1.727   4.394   1.00 17.55 ? 79   LEU A CD1 1 
ATOM   634  C  CD2 . LEU A 1 79  ? 14.522  4.182   4.443   1.00 17.42 ? 79   LEU A CD2 1 
ATOM   635  N  N   . ARG A 1 80  ? 15.401  3.877   -1.033  1.00 17.73 ? 80   ARG A N   1 
ATOM   636  C  CA  . ARG A 1 80  ? 16.224  4.051   -2.236  1.00 18.50 ? 80   ARG A CA  1 
ATOM   637  C  C   . ARG A 1 80  ? 15.779  5.224   -3.117  1.00 18.52 ? 80   ARG A C   1 
ATOM   638  O  O   . ARG A 1 80  ? 16.462  5.575   -4.088  1.00 18.56 ? 80   ARG A O   1 
ATOM   639  C  CB  . ARG A 1 80  ? 16.245  2.755   -3.049  1.00 18.95 ? 80   ARG A CB  1 
ATOM   640  C  CG  . ARG A 1 80  ? 17.258  1.745   -2.537  1.00 21.06 ? 80   ARG A CG  1 
ATOM   641  C  CD  . ARG A 1 80  ? 16.850  0.318   -2.880  1.00 24.43 ? 80   ARG A CD  1 
ATOM   642  N  NE  . ARG A 1 80  ? 17.776  -0.668  -2.324  1.00 27.16 ? 80   ARG A NE  1 
ATOM   643  C  CZ  . ARG A 1 80  ? 17.813  -1.049  -1.045  1.00 29.71 ? 80   ARG A CZ  1 
ATOM   644  N  NH1 . ARG A 1 80  ? 16.974  -0.527  -0.150  1.00 30.97 ? 80   ARG A NH1 1 
ATOM   645  N  NH2 . ARG A 1 80  ? 18.701  -1.956  -0.658  1.00 30.38 ? 80   ARG A NH2 1 
ATOM   646  N  N   . ASN A 1 81  ? 14.638  5.820   -2.774  1.00 18.09 ? 81   ASN A N   1 
ATOM   647  C  CA  . ASN A 1 81  ? 14.088  6.951   -3.516  1.00 18.29 ? 81   ASN A CA  1 
ATOM   648  C  C   . ASN A 1 81  ? 14.489  8.281   -2.870  1.00 18.27 ? 81   ASN A C   1 
ATOM   649  O  O   . ASN A 1 81  ? 14.148  8.539   -1.716  1.00 18.08 ? 81   ASN A O   1 
ATOM   650  C  CB  . ASN A 1 81  ? 12.559  6.822   -3.595  1.00 18.35 ? 81   ASN A CB  1 
ATOM   651  C  CG  . ASN A 1 81  ? 11.925  7.865   -4.496  1.00 18.94 ? 81   ASN A CG  1 
ATOM   652  O  OD1 . ASN A 1 81  ? 12.147  9.064   -4.331  1.00 19.58 ? 81   ASN A OD1 1 
ATOM   653  N  ND2 . ASN A 1 81  ? 11.119  7.409   -5.449  1.00 17.65 ? 81   ASN A ND2 1 
ATOM   654  N  N   . ALA A 1 82  ? 15.202  9.120   -3.624  1.00 18.54 ? 82   ALA A N   1 
ATOM   655  C  CA  . ALA A 1 82  ? 15.707  10.404  -3.112  1.00 18.94 ? 82   ALA A CA  1 
ATOM   656  C  C   . ALA A 1 82  ? 14.612  11.401  -2.718  1.00 19.28 ? 82   ALA A C   1 
ATOM   657  O  O   . ALA A 1 82  ? 14.829  12.263  -1.859  1.00 19.19 ? 82   ALA A O   1 
ATOM   658  C  CB  . ALA A 1 82  ? 16.665  11.043  -4.119  1.00 19.18 ? 82   ALA A CB  1 
ATOM   659  N  N   . LYS A 1 83  ? 13.444  11.279  -3.348  1.00 19.39 ? 83   LYS A N   1 
ATOM   660  C  CA  . LYS A 1 83  ? 12.309  12.158  -3.083  1.00 19.93 ? 83   LYS A CA  1 
ATOM   661  C  C   . LYS A 1 83  ? 11.479  11.718  -1.877  1.00 19.18 ? 83   LYS A C   1 
ATOM   662  O  O   . LYS A 1 83  ? 10.644  12.485  -1.390  1.00 19.62 ? 83   LYS A O   1 
ATOM   663  C  CB  . LYS A 1 83  ? 11.401  12.251  -4.316  1.00 20.38 ? 83   LYS A CB  1 
ATOM   664  C  CG  . LYS A 1 83  ? 12.004  12.999  -5.498  1.00 21.55 ? 83   LYS A CG  1 
ATOM   665  C  CD  . LYS A 1 83  ? 10.999  13.100  -6.634  1.00 21.80 ? 83   LYS A CD  1 
ATOM   666  C  CE  . LYS A 1 83  ? 11.394  14.176  -7.647  1.00 25.21 ? 83   LYS A CE  1 
ATOM   667  N  NZ  . LYS A 1 83  ? 12.469  13.723  -8.575  1.00 26.39 ? 83   LYS A NZ  1 
ATOM   668  N  N   . LEU A 1 84  ? 11.711  10.493  -1.400  1.00 17.87 ? 84   LEU A N   1 
ATOM   669  C  CA  . LEU A 1 84  ? 10.892  9.897   -0.339  1.00 16.82 ? 84   LEU A CA  1 
ATOM   670  C  C   . LEU A 1 84  ? 11.650  9.640   0.964   1.00 15.98 ? 84   LEU A C   1 
ATOM   671  O  O   . LEU A 1 84  ? 11.085  9.778   2.053   1.00 15.31 ? 84   LEU A O   1 
ATOM   672  C  CB  . LEU A 1 84  ? 10.262  8.583   -0.829  1.00 16.83 ? 84   LEU A CB  1 
ATOM   673  C  CG  . LEU A 1 84  ? 9.278   8.631   -2.002  1.00 17.08 ? 84   LEU A CG  1 
ATOM   674  C  CD1 . LEU A 1 84  ? 8.797   7.220   -2.355  1.00 17.88 ? 84   LEU A CD1 1 
ATOM   675  C  CD2 . LEU A 1 84  ? 8.093   9.548   -1.700  1.00 17.90 ? 84   LEU A CD2 1 
ATOM   676  N  N   . LYS A 1 85  ? 12.921  9.265   0.850   1.00 15.36 ? 85   LYS A N   1 
ATOM   677  C  CA  . LYS A 1 85  ? 13.730  8.916   2.022   1.00 15.40 ? 85   LYS A CA  1 
ATOM   678  C  C   . LYS A 1 85  ? 13.805  10.034  3.089   1.00 15.27 ? 85   LYS A C   1 
ATOM   679  O  O   . LYS A 1 85  ? 13.621  9.749   4.274   1.00 14.45 ? 85   LYS A O   1 
ATOM   680  C  CB  . LYS A 1 85  ? 15.132  8.442   1.607   1.00 15.51 ? 85   LYS A CB  1 
ATOM   681  C  CG  . LYS A 1 85  ? 15.999  7.952   2.764   1.00 15.65 ? 85   LYS A CG  1 
ATOM   682  C  CD  . LYS A 1 85  ? 17.430  7.676   2.298   1.00 16.31 ? 85   LYS A CD  1 
ATOM   683  C  CE  . LYS A 1 85  ? 18.261  6.987   3.378   1.00 18.57 ? 85   LYS A CE  1 
ATOM   684  N  NZ  . LYS A 1 85  ? 18.490  7.847   4.570   1.00 19.18 ? 85   LYS A NZ  1 
ATOM   685  N  N   . PRO A 1 86  ? 14.073  11.299  2.676   1.00 15.31 ? 86   PRO A N   1 
ATOM   686  C  CA  . PRO A 1 86  ? 14.151  12.366  3.686   1.00 15.14 ? 86   PRO A CA  1 
ATOM   687  C  C   . PRO A 1 86  ? 12.864  12.535  4.498   1.00 14.70 ? 86   PRO A C   1 
ATOM   688  O  O   . PRO A 1 86  ? 12.929  12.675  5.721   1.00 14.11 ? 86   PRO A O   1 
ATOM   689  C  CB  . PRO A 1 86  ? 14.433  13.629  2.858   1.00 15.50 ? 86   PRO A CB  1 
ATOM   690  C  CG  . PRO A 1 86  ? 15.002  13.131  1.573   1.00 15.66 ? 86   PRO A CG  1 
ATOM   691  C  CD  . PRO A 1 86  ? 14.332  11.822  1.317   1.00 15.58 ? 86   PRO A CD  1 
ATOM   692  N  N   . VAL A 1 87  ? 11.709  12.518  3.832   1.00 14.33 ? 87   VAL A N   1 
ATOM   693  C  CA  . VAL A 1 87  ? 10.435  12.693  4.533   1.00 14.30 ? 87   VAL A CA  1 
ATOM   694  C  C   . VAL A 1 87  ? 10.181  11.510  5.466   1.00 13.99 ? 87   VAL A C   1 
ATOM   695  O  O   . VAL A 1 87  ? 9.811   11.692  6.629   1.00 13.49 ? 87   VAL A O   1 
ATOM   696  C  CB  . VAL A 1 87  ? 9.256   12.910  3.557   1.00 14.63 ? 87   VAL A CB  1 
ATOM   697  C  CG1 . VAL A 1 87  ? 7.967   13.192  4.314   1.00 14.63 ? 87   VAL A CG1 1 
ATOM   698  C  CG2 . VAL A 1 87  ? 9.565   14.069  2.636   1.00 15.74 ? 87   VAL A CG2 1 
ATOM   699  N  N   . TYR A 1 88  ? 10.435  10.303  4.961   1.00 13.61 ? 88   TYR A N   1 
ATOM   700  C  CA  . TYR A 1 88  ? 10.287  9.080   5.755   1.00 13.59 ? 88   TYR A CA  1 
ATOM   701  C  C   . TYR A 1 88  ? 11.162  9.112   7.016   1.00 13.50 ? 88   TYR A C   1 
ATOM   702  O  O   . TYR A 1 88  ? 10.673  8.867   8.117   1.00 13.34 ? 88   TYR A O   1 
ATOM   703  C  CB  . TYR A 1 88  ? 10.605  7.855   4.894   1.00 13.89 ? 88   TYR A CB  1 
ATOM   704  C  CG  . TYR A 1 88  ? 10.376  6.539   5.596   1.00 14.00 ? 88   TYR A CG  1 
ATOM   705  C  CD1 . TYR A 1 88  ? 9.113   5.940   5.607   1.00 15.23 ? 88   TYR A CD1 1 
ATOM   706  C  CD2 . TYR A 1 88  ? 11.420  5.893   6.251   1.00 14.48 ? 88   TYR A CD2 1 
ATOM   707  C  CE1 . TYR A 1 88  ? 8.900   4.722   6.259   1.00 15.06 ? 88   TYR A CE1 1 
ATOM   708  C  CE2 . TYR A 1 88  ? 11.217  4.682   6.907   1.00 15.46 ? 88   TYR A CE2 1 
ATOM   709  C  CZ  . TYR A 1 88  ? 9.961   4.105   6.907   1.00 14.48 ? 88   TYR A CZ  1 
ATOM   710  O  OH  . TYR A 1 88  ? 9.766   2.908   7.548   1.00 15.05 ? 88   TYR A OH  1 
ATOM   711  N  N   . ASP A 1 89  ? 12.441  9.447   6.848   1.00 13.46 ? 89   ASP A N   1 
ATOM   712  C  CA  . ASP A 1 89  ? 13.381  9.570   7.973   1.00 13.65 ? 89   ASP A CA  1 
ATOM   713  C  C   . ASP A 1 89  ? 12.929  10.589  9.022   1.00 13.38 ? 89   ASP A C   1 
ATOM   714  O  O   . ASP A 1 89  ? 13.216  10.434  10.213  1.00 13.48 ? 89   ASP A O   1 
ATOM   715  C  CB  . ASP A 1 89  ? 14.782  9.945   7.468   1.00 14.01 ? 89   ASP A CB  1 
ATOM   716  C  CG  . ASP A 1 89  ? 15.531  8.771   6.847   1.00 14.86 ? 89   ASP A CG  1 
ATOM   717  O  OD1 . ASP A 1 89  ? 15.118  7.603   7.024   1.00 17.10 ? 89   ASP A OD1 1 
ATOM   718  O  OD2 . ASP A 1 89  ? 16.552  9.025   6.178   1.00 17.19 ? 89   ASP A OD2 1 
ATOM   719  N  N   . SER A 1 90  ? 12.213  11.622  8.576   1.00 12.98 ? 90   SER A N   1 
ATOM   720  C  CA  . SER A 1 90  ? 11.787  12.720  9.456   1.00 12.43 ? 90   SER A CA  1 
ATOM   721  C  C   . SER A 1 90  ? 10.597  12.353  10.350  1.00 12.31 ? 90   SER A C   1 
ATOM   722  O  O   . SER A 1 90  ? 10.318  13.048  11.335  1.00 12.23 ? 90   SER A O   1 
ATOM   723  C  CB  . SER A 1 90  ? 11.464  13.967  8.627   1.00 12.59 ? 90   SER A CB  1 
ATOM   724  O  OG  . SER A 1 90  ? 10.158  13.907  8.074   1.00 12.78 ? 90   SER A OG  1 
ATOM   725  N  N   . LEU A 1 91  ? 9.903   11.266  10.000  1.00 11.60 ? 91   LEU A N   1 
ATOM   726  C  CA  . LEU A 1 91  ? 8.671   10.855  10.680  1.00 11.54 ? 91   LEU A CA  1 
ATOM   727  C  C   . LEU A 1 91  ? 8.896   9.920   11.871  1.00 11.27 ? 91   LEU A C   1 
ATOM   728  O  O   . LEU A 1 91  ? 9.909   9.215   11.937  1.00 11.58 ? 91   LEU A O   1 
ATOM   729  C  CB  . LEU A 1 91  ? 7.718   10.171  9.686   1.00 11.39 ? 91   LEU A CB  1 
ATOM   730  C  CG  . LEU A 1 91  ? 7.213   10.950  8.469   1.00 11.37 ? 91   LEU A CG  1 
ATOM   731  C  CD1 . LEU A 1 91  ? 6.559   9.969   7.499   1.00 12.20 ? 91   LEU A CD1 1 
ATOM   732  C  CD2 . LEU A 1 91  ? 6.234   12.053  8.861   1.00 11.55 ? 91   LEU A CD2 1 
ATOM   733  N  N   . ASP A 1 92  ? 7.933   9.932   12.797  1.00 10.97 ? 92   ASP A N   1 
ATOM   734  C  CA  . ASP A 1 92  ? 7.792   8.932   13.863  1.00 10.42 ? 92   ASP A CA  1 
ATOM   735  C  C   . ASP A 1 92  ? 7.308   7.611   13.257  1.00 10.61 ? 92   ASP A C   1 
ATOM   736  O  O   . ASP A 1 92  ? 6.817   7.589   12.118  1.00 9.79  ? 92   ASP A O   1 
ATOM   737  C  CB  . ASP A 1 92  ? 6.750   9.409   14.886  1.00 10.44 ? 92   ASP A CB  1 
ATOM   738  C  CG  . ASP A 1 92  ? 5.403   9.711   14.235  1.00 10.34 ? 92   ASP A CG  1 
ATOM   739  O  OD1 . ASP A 1 92  ? 5.264   10.808  13.656  1.00 10.34 ? 92   ASP A OD1 1 
ATOM   740  O  OD2 . ASP A 1 92  ? 4.512   8.838   14.266  1.00 9.82  ? 92   ASP A OD2 1 
ATOM   741  N  N   . ALA A 1 93  ? 7.404   6.526   14.034  1.00 10.33 ? 93   ALA A N   1 
ATOM   742  C  CA  . ALA A 1 93  ? 7.048   5.178   13.548  1.00 10.61 ? 93   ALA A CA  1 
ATOM   743  C  C   . ALA A 1 93  ? 5.592   4.993   13.096  1.00 10.49 ? 93   ALA A C   1 
ATOM   744  O  O   . ALA A 1 93  ? 5.332   4.224   12.162  1.00 10.24 ? 93   ALA A O   1 
ATOM   745  C  CB  . ALA A 1 93  ? 7.421   4.112   14.585  1.00 10.20 ? 93   ALA A CB  1 
ATOM   746  N  N   . VAL A 1 94  ? 4.652   5.676   13.753  1.00 10.22 ? 94   VAL A N   1 
ATOM   747  C  CA  . VAL A 1 94  ? 3.232   5.589   13.369  1.00 10.43 ? 94   VAL A CA  1 
ATOM   748  C  C   . VAL A 1 94  ? 3.013   6.211   11.977  1.00 10.29 ? 94   VAL A C   1 
ATOM   749  O  O   . VAL A 1 94  ? 2.402   5.597   11.095  1.00 10.62 ? 94   VAL A O   1 
ATOM   750  C  CB  . VAL A 1 94  ? 2.275   6.229   14.434  1.00 10.34 ? 94   VAL A CB  1 
ATOM   751  C  CG1 . VAL A 1 94  ? 0.796   6.095   14.011  1.00 10.62 ? 94   VAL A CG1 1 
ATOM   752  C  CG2 . VAL A 1 94  ? 2.480   5.604   15.823  1.00 11.36 ? 94   VAL A CG2 1 
ATOM   753  N  N   . ARG A 1 95  ? 3.533   7.419   11.780  1.00 10.20 ? 95   ARG A N   1 
ATOM   754  C  CA  . ARG A 1 95  ? 3.422   8.101   10.486  1.00 10.12 ? 95   ARG A CA  1 
ATOM   755  C  C   . ARG A 1 95  ? 4.227   7.410   9.378   1.00 10.02 ? 95   ARG A C   1 
ATOM   756  O  O   . ARG A 1 95  ? 3.828   7.424   8.204   1.00 9.71  ? 95   ARG A O   1 
ATOM   757  C  CB  . ARG A 1 95  ? 3.789   9.584   10.626  1.00 10.02 ? 95   ARG A CB  1 
ATOM   758  C  CG  . ARG A 1 95  ? 2.787   10.353  11.493  1.00 10.54 ? 95   ARG A CG  1 
ATOM   759  C  CD  . ARG A 1 95  ? 3.062   11.841  11.458  1.00 10.11 ? 95   ARG A CD  1 
ATOM   760  N  NE  . ARG A 1 95  ? 2.038   12.651  12.127  1.00 9.86  ? 95   ARG A NE  1 
ATOM   761  C  CZ  . ARG A 1 95  ? 2.069   13.012  13.412  1.00 12.21 ? 95   ARG A CZ  1 
ATOM   762  N  NH1 . ARG A 1 95  ? 3.059   12.613  14.208  1.00 11.27 ? 95   ARG A NH1 1 
ATOM   763  N  NH2 . ARG A 1 95  ? 1.098   13.779  13.908  1.00 12.61 ? 95   ARG A NH2 1 
ATOM   764  N  N   . ARG A 1 96  ? 5.343   6.784   9.753   1.00 10.05 ? 96   ARG A N   1 
ATOM   765  C  CA  . ARG A 1 96  ? 6.094   5.932   8.823   1.00 10.60 ? 96   ARG A CA  1 
ATOM   766  C  C   . ARG A 1 96  ? 5.218   4.813   8.250   1.00 10.22 ? 96   ARG A C   1 
ATOM   767  O  O   . ARG A 1 96  ? 5.310   4.502   7.055   1.00 10.12 ? 96   ARG A O   1 
ATOM   768  C  CB  . ARG A 1 96  ? 7.344   5.345   9.489   1.00 10.35 ? 96   ARG A CB  1 
ATOM   769  C  CG  . ARG A 1 96  ? 8.506   6.337   9.560   1.00 10.74 ? 96   ARG A CG  1 
ATOM   770  C  CD  . ARG A 1 96  ? 9.759   5.741   10.197  1.00 11.21 ? 96   ARG A CD  1 
ATOM   771  N  NE  . ARG A 1 96  ? 10.794  6.771   10.331  1.00 11.46 ? 96   ARG A NE  1 
ATOM   772  C  CZ  . ARG A 1 96  ? 11.852  6.700   11.135  1.00 12.24 ? 96   ARG A CZ  1 
ATOM   773  N  NH1 . ARG A 1 96  ? 12.048  5.634   11.906  1.00 13.67 ? 96   ARG A NH1 1 
ATOM   774  N  NH2 . ARG A 1 96  ? 12.712  7.712   11.182  1.00 11.47 ? 96   ARG A NH2 1 
ATOM   775  N  N   . ALA A 1 97  ? 4.375   4.221   9.099   1.00 10.37 ? 97   ALA A N   1 
ATOM   776  C  CA  . ALA A 1 97  ? 3.437   3.181   8.669   1.00 10.22 ? 97   ALA A CA  1 
ATOM   777  C  C   . ALA A 1 97  ? 2.457   3.728   7.628   1.00 10.41 ? 97   ALA A C   1 
ATOM   778  O  O   . ALA A 1 97  ? 2.203   3.079   6.611   1.00 10.18 ? 97   ALA A O   1 
ATOM   779  C  CB  . ALA A 1 97  ? 2.692   2.589   9.868   1.00 10.23 ? 97   ALA A CB  1 
ATOM   780  N  N   . ALA A 1 98  ? 1.941   4.934   7.865   1.00 10.43 ? 98   ALA A N   1 
ATOM   781  C  CA  . ALA A 1 98  ? 1.081   5.621   6.887   1.00 10.72 ? 98   ALA A CA  1 
ATOM   782  C  C   . ALA A 1 98  ? 1.774   5.823   5.525   1.00 10.63 ? 98   ALA A C   1 
ATOM   783  O  O   . ALA A 1 98  ? 1.154   5.638   4.473   1.00 10.51 ? 98   ALA A O   1 
ATOM   784  C  CB  . ALA A 1 98  ? 0.581   6.954   7.456   1.00 10.56 ? 98   ALA A CB  1 
ATOM   785  N  N   . ALA A 1 99  ? 3.060   6.180   5.553   1.00 10.28 ? 99   ALA A N   1 
ATOM   786  C  CA  . ALA A 1 99  ? 3.880   6.293   4.336   1.00 10.28 ? 99   ALA A CA  1 
ATOM   787  C  C   . ALA A 1 99  ? 4.005   4.965   3.586   1.00 10.19 ? 99   ALA A C   1 
ATOM   788  O  O   . ALA A 1 99  ? 3.836   4.917   2.356   1.00 10.16 ? 99   ALA A O   1 
ATOM   789  C  CB  . ALA A 1 99  ? 5.274   6.827   4.690   1.00 10.48 ? 99   ALA A CB  1 
ATOM   790  N  N   . ILE A 1 100 ? 4.313   3.895   4.320   1.00 10.29 ? 100  ILE A N   1 
ATOM   791  C  CA  . ILE A 1 100 ? 4.425   2.554   3.726   1.00 10.70 ? 100  ILE A CA  1 
ATOM   792  C  C   . ILE A 1 100 ? 3.096   2.133   3.094   1.00 10.64 ? 100  ILE A C   1 
ATOM   793  O  O   . ILE A 1 100 ? 3.084   1.573   1.992   1.00 10.74 ? 100  ILE A O   1 
ATOM   794  C  CB  . ILE A 1 100 ? 4.910   1.493   4.748   1.00 10.50 ? 100  ILE A CB  1 
ATOM   795  C  CG1 . ILE A 1 100 ? 6.324   1.837   5.245   1.00 11.25 ? 100  ILE A CG1 1 
ATOM   796  C  CG2 . ILE A 1 100 ? 4.877   0.073   4.129   1.00 10.80 ? 100  ILE A CG2 1 
ATOM   797  C  CD1 . ILE A 1 100 ? 6.693   1.206   6.577   1.00 12.28 ? 100  ILE A CD1 1 
ATOM   798  N  N   . ASN A 1 101 ? 1.993   2.419   3.788   1.00 10.71 ? 101  ASN A N   1 
ATOM   799  C  CA  . ASN A 1 101 ? 0.642   2.111   3.295   1.00 10.82 ? 101  ASN A CA  1 
ATOM   800  C  C   . ASN A 1 101 ? 0.406   2.702   1.895   1.00 11.11 ? 101  ASN A C   1 
ATOM   801  O  O   . ASN A 1 101 ? -0.008  1.987   0.975   1.00 10.56 ? 101  ASN A O   1 
ATOM   802  C  CB  . ASN A 1 101 ? -0.416  2.601   4.296   1.00 10.90 ? 101  ASN A CB  1 
ATOM   803  C  CG  . ASN A 1 101 ? -1.804  2.010   4.046   1.00 11.14 ? 101  ASN A CG  1 
ATOM   804  O  OD1 . ASN A 1 101 ? -2.354  2.122   2.950   1.00 10.80 ? 101  ASN A OD1 1 
ATOM   805  N  ND2 . ASN A 1 101 ? -2.387  1.407   5.083   1.00 9.52  ? 101  ASN A ND2 1 
ATOM   806  N  N   . MET A 1 102 ? 0.692   3.996   1.750   1.00 10.93 ? 102  MET A N   1 
ATOM   807  C  CA  . MET A 1 102 ? 0.574   4.700   0.467   1.00 11.98 ? 102  MET A CA  1 
ATOM   808  C  C   . MET A 1 102 ? 1.413   4.078   -0.649  1.00 11.87 ? 102  MET A C   1 
ATOM   809  O  O   . MET A 1 102 ? 0.917   3.876   -1.759  1.00 12.05 ? 102  MET A O   1 
ATOM   810  C  CB  . MET A 1 102 ? 0.936   6.181   0.626   1.00 11.65 ? 102  MET A CB  1 
ATOM   811  C  CG  . MET A 1 102 ? -0.077  7.002   1.416   1.00 12.28 ? 102  MET A CG  1 
ATOM   812  S  SD  . MET A 1 102 ? 0.308   8.771   1.389   1.00 13.82 ? 102  MET A SD  1 
ATOM   813  C  CE  . MET A 1 102 ? -0.322  9.265   -0.215  1.00 13.80 ? 102  MET A CE  1 
ATOM   814  N  N   . VAL A 1 103 ? 2.679   3.777   -0.358  1.00 12.07 ? 103  VAL A N   1 
ATOM   815  C  CA  . VAL A 1 103 ? 3.572   3.159   -1.353  1.00 12.67 ? 103  VAL A CA  1 
ATOM   816  C  C   . VAL A 1 103 ? 3.093   1.752   -1.737  1.00 13.00 ? 103  VAL A C   1 
ATOM   817  O  O   . VAL A 1 103 ? 3.130   1.379   -2.914  1.00 13.20 ? 103  VAL A O   1 
ATOM   818  C  CB  . VAL A 1 103 ? 5.053   3.144   -0.877  1.00 12.57 ? 103  VAL A CB  1 
ATOM   819  C  CG1 . VAL A 1 103 ? 5.941   2.306   -1.818  1.00 13.51 ? 103  VAL A CG1 1 
ATOM   820  C  CG2 . VAL A 1 103 ? 5.588   4.559   -0.807  1.00 13.18 ? 103  VAL A CG2 1 
ATOM   821  N  N   . PHE A 1 104 ? 2.626   0.993   -0.747  1.00 13.16 ? 104  PHE A N   1 
ATOM   822  C  CA  . PHE A 1 104 ? 2.038   -0.327  -0.987  1.00 13.55 ? 104  PHE A CA  1 
ATOM   823  C  C   . PHE A 1 104 ? 0.897   -0.228  -2.011  1.00 13.57 ? 104  PHE A C   1 
ATOM   824  O  O   . PHE A 1 104 ? 0.833   -1.020  -2.949  1.00 13.27 ? 104  PHE A O   1 
ATOM   825  C  CB  . PHE A 1 104 ? 1.538   -0.922  0.333   1.00 13.36 ? 104  PHE A CB  1 
ATOM   826  C  CG  . PHE A 1 104 ? 1.175   -2.388  0.264   1.00 13.84 ? 104  PHE A CG  1 
ATOM   827  C  CD1 . PHE A 1 104 ? -0.078  -2.799  -0.202  1.00 14.46 ? 104  PHE A CD1 1 
ATOM   828  C  CD2 . PHE A 1 104 ? 2.074   -3.356  0.713   1.00 14.67 ? 104  PHE A CD2 1 
ATOM   829  C  CE1 . PHE A 1 104 ? -0.421  -4.167  -0.241  1.00 14.46 ? 104  PHE A CE1 1 
ATOM   830  C  CE2 . PHE A 1 104 ? 1.740   -4.720  0.683   1.00 14.36 ? 104  PHE A CE2 1 
ATOM   831  C  CZ  . PHE A 1 104 ? 0.495   -5.124  0.205   1.00 13.92 ? 104  PHE A CZ  1 
ATOM   832  N  N   . GLN A 1 105 ? 0.022   0.764   -1.842  1.00 14.00 ? 105  GLN A N   1 
ATOM   833  C  CA  . GLN A 1 105 ? -1.168  0.903   -2.681  1.00 14.70 ? 105  GLN A CA  1 
ATOM   834  C  C   . GLN A 1 105 ? -0.892  1.450   -4.092  1.00 15.95 ? 105  GLN A C   1 
ATOM   835  O  O   . GLN A 1 105 ? -1.417  0.907   -5.080  1.00 15.58 ? 105  GLN A O   1 
ATOM   836  C  CB  . GLN A 1 105 ? -2.235  1.758   -1.970  1.00 14.46 ? 105  GLN A CB  1 
ATOM   837  C  CG  . GLN A 1 105 ? -3.566  1.874   -2.728  1.00 14.38 ? 105  GLN A CG  1 
ATOM   838  C  CD  . GLN A 1 105 ? -4.559  2.843   -2.094  1.00 13.95 ? 105  GLN A CD  1 
ATOM   839  O  OE1 . GLN A 1 105 ? -4.299  3.443   -1.049  1.00 12.85 ? 105  GLN A OE1 1 
ATOM   840  N  NE2 . GLN A 1 105 ? -5.714  3.000   -2.740  1.00 12.93 ? 105  GLN A NE2 1 
ATOM   841  N  N   . MET A 1 106 ? -0.066  2.497   -4.185  1.00 16.97 ? 106  MET A N   1 
ATOM   842  C  CA  A MET A 1 106 ? 0.103   3.214   -5.456  0.70 18.27 ? 106  MET A CA  1 
ATOM   843  C  CA  B MET A 1 106 ? 0.114   3.258   -5.429  0.30 17.57 ? 106  MET A CA  1 
ATOM   844  C  C   . MET A 1 106 ? 1.503   3.152   -6.060  1.00 18.45 ? 106  MET A C   1 
ATOM   845  O  O   . MET A 1 106 ? 1.708   3.587   -7.199  1.00 18.18 ? 106  MET A O   1 
ATOM   846  C  CB  A MET A 1 106 ? -0.385  4.669   -5.356  0.70 18.09 ? 106  MET A CB  1 
ATOM   847  C  CB  B MET A 1 106 ? -0.201  4.734   -5.185  0.30 17.55 ? 106  MET A CB  1 
ATOM   848  C  CG  A MET A 1 106 ? 0.337   5.555   -4.341  0.70 18.42 ? 106  MET A CG  1 
ATOM   849  C  CG  B MET A 1 106 ? -1.643  5.022   -4.830  0.30 17.24 ? 106  MET A CG  1 
ATOM   850  S  SD  A MET A 1 106 ? -0.275  7.261   -4.322  0.70 20.39 ? 106  MET A SD  1 
ATOM   851  S  SD  B MET A 1 106 ? -1.847  6.708   -4.239  0.30 17.14 ? 106  MET A SD  1 
ATOM   852  C  CE  A MET A 1 106 ? -2.021  6.996   -4.572  0.70 19.64 ? 106  MET A CE  1 
ATOM   853  C  CE  B MET A 1 106 ? -1.320  6.542   -2.535  0.30 16.45 ? 106  MET A CE  1 
ATOM   854  N  N   . GLY A 1 107 ? 2.460   2.606   -5.317  1.00 19.52 ? 107  GLY A N   1 
ATOM   855  C  CA  . GLY A 1 107 ? 3.842   2.530   -5.784  1.00 21.48 ? 107  GLY A CA  1 
ATOM   856  C  C   . GLY A 1 107 ? 4.526   3.890   -5.794  1.00 22.96 ? 107  GLY A C   1 
ATOM   857  O  O   . GLY A 1 107 ? 3.892   4.932   -5.582  1.00 22.78 ? 107  GLY A O   1 
ATOM   858  N  N   . GLU A 1 108 ? 5.828   3.881   -6.055  1.00 24.46 ? 108  GLU A N   1 
ATOM   859  C  CA  . GLU A 1 108 ? 6.607   5.118   -6.129  1.00 26.11 ? 108  GLU A CA  1 
ATOM   860  C  C   . GLU A 1 108 ? 6.185   6.039   -7.282  1.00 26.98 ? 108  GLU A C   1 
ATOM   861  O  O   . GLU A 1 108 ? 6.233   7.262   -7.152  1.00 27.48 ? 108  GLU A O   1 
ATOM   862  C  CB  . GLU A 1 108 ? 8.096   4.799   -6.212  1.00 26.36 ? 108  GLU A CB  1 
ATOM   863  C  CG  . GLU A 1 108 ? 8.657   4.222   -4.930  1.00 27.07 ? 108  GLU A CG  1 
ATOM   864  C  CD  . GLU A 1 108 ? 10.048  3.657   -5.107  1.00 28.89 ? 108  GLU A CD  1 
ATOM   865  O  OE1 . GLU A 1 108 ? 10.258  2.502   -4.686  1.00 30.18 ? 108  GLU A OE1 1 
ATOM   866  O  OE2 . GLU A 1 108 ? 10.923  4.358   -5.668  1.00 28.49 ? 108  GLU A OE2 1 
ATOM   867  N  N   . THR A 1 109 ? 5.765   5.450   -8.400  1.00 28.01 ? 109  THR A N   1 
ATOM   868  C  CA  . THR A 1 109 ? 5.281   6.225   -9.550  1.00 28.92 ? 109  THR A CA  1 
ATOM   869  C  C   . THR A 1 109 ? 3.921   6.868   -9.267  1.00 29.05 ? 109  THR A C   1 
ATOM   870  O  O   . THR A 1 109 ? 3.655   7.995   -9.700  1.00 29.09 ? 109  THR A O   1 
ATOM   871  C  CB  . THR A 1 109 ? 5.186   5.371   -10.832 1.00 29.11 ? 109  THR A CB  1 
ATOM   872  O  OG1 . THR A 1 109 ? 4.416   4.190   -10.571 1.00 30.71 ? 109  THR A OG1 1 
ATOM   873  C  CG2 . THR A 1 109 ? 6.575   4.975   -11.321 1.00 29.41 ? 109  THR A CG2 1 
ATOM   874  N  N   . GLY A 1 110 ? 3.072   6.148   -8.532  1.00 28.94 ? 110  GLY A N   1 
ATOM   875  C  CA  . GLY A 1 110 ? 1.751   6.651   -8.156  1.00 28.86 ? 110  GLY A CA  1 
ATOM   876  C  C   . GLY A 1 110 ? 1.808   7.800   -7.169  1.00 28.73 ? 110  GLY A C   1 
ATOM   877  O  O   . GLY A 1 110 ? 0.842   8.556   -7.028  1.00 29.02 ? 110  GLY A O   1 
ATOM   878  N  N   . VAL A 1 111 ? 2.946   7.942   -6.492  1.00 28.43 ? 111  VAL A N   1 
ATOM   879  C  CA  . VAL A 1 111 ? 3.109   8.986   -5.482  1.00 28.22 ? 111  VAL A CA  1 
ATOM   880  C  C   . VAL A 1 111 ? 4.001   10.165  -5.922  1.00 27.82 ? 111  VAL A C   1 
ATOM   881  O  O   . VAL A 1 111 ? 4.204   11.117  -5.158  1.00 27.77 ? 111  VAL A O   1 
ATOM   882  C  CB  . VAL A 1 111 ? 3.563   8.391   -4.122  1.00 28.21 ? 111  VAL A CB  1 
ATOM   883  C  CG1 . VAL A 1 111 ? 5.004   7.897   -4.179  1.00 28.69 ? 111  VAL A CG1 1 
ATOM   884  C  CG2 . VAL A 1 111 ? 3.389   9.407   -3.036  1.00 28.94 ? 111  VAL A CG2 1 
ATOM   885  N  N   . ALA A 1 112 ? 4.513   10.110  -7.150  1.00 27.30 ? 112  ALA A N   1 
ATOM   886  C  CA  . ALA A 1 112 ? 5.393   11.168  -7.677  1.00 26.65 ? 112  ALA A CA  1 
ATOM   887  C  C   . ALA A 1 112 ? 4.809   12.582  -7.562  1.00 26.04 ? 112  ALA A C   1 
ATOM   888  O  O   . ALA A 1 112 ? 5.547   13.549  -7.358  1.00 26.01 ? 112  ALA A O   1 
ATOM   889  C  CB  . ALA A 1 112 ? 5.785   10.867  -9.119  1.00 26.69 ? 112  ALA A CB  1 
ATOM   890  N  N   . GLY A 1 113 ? 3.489   12.696  -7.693  1.00 25.27 ? 113  GLY A N   1 
ATOM   891  C  CA  . GLY A 1 113 ? 2.818   13.998  -7.648  1.00 24.21 ? 113  GLY A CA  1 
ATOM   892  C  C   . GLY A 1 113 ? 2.558   14.557  -6.259  1.00 23.25 ? 113  GLY A C   1 
ATOM   893  O  O   . GLY A 1 113 ? 1.998   15.649  -6.125  1.00 23.92 ? 113  GLY A O   1 
ATOM   894  N  N   . PHE A 1 114 ? 2.961   13.825  -5.220  1.00 21.88 ? 114  PHE A N   1 
ATOM   895  C  CA  . PHE A 1 114 ? 2.689   14.245  -3.842  1.00 20.41 ? 114  PHE A CA  1 
ATOM   896  C  C   . PHE A 1 114 ? 3.777   15.146  -3.236  1.00 19.69 ? 114  PHE A C   1 
ATOM   897  O  O   . PHE A 1 114 ? 3.877   15.261  -2.017  1.00 19.16 ? 114  PHE A O   1 
ATOM   898  C  CB  . PHE A 1 114 ? 2.406   13.029  -2.942  1.00 20.21 ? 114  PHE A CB  1 
ATOM   899  C  CG  . PHE A 1 114 ? 1.020   12.458  -3.108  1.00 19.78 ? 114  PHE A CG  1 
ATOM   900  C  CD1 . PHE A 1 114 ? 0.744   11.541  -4.119  1.00 20.09 ? 114  PHE A CD1 1 
ATOM   901  C  CD2 . PHE A 1 114 ? -0.015  12.847  -2.258  1.00 18.95 ? 114  PHE A CD2 1 
ATOM   902  C  CE1 . PHE A 1 114 ? -0.550  11.014  -4.283  1.00 19.84 ? 114  PHE A CE1 1 
ATOM   903  C  CE2 . PHE A 1 114 ? -1.304  12.326  -2.407  1.00 19.48 ? 114  PHE A CE2 1 
ATOM   904  C  CZ  . PHE A 1 114 ? -1.573  11.408  -3.426  1.00 19.48 ? 114  PHE A CZ  1 
ATOM   905  N  N   . THR A 1 115 ? 4.563   15.798  -4.094  1.00 19.09 ? 115  THR A N   1 
ATOM   906  C  CA  . THR A 1 115 ? 5.680   16.668  -3.675  1.00 18.49 ? 115  THR A CA  1 
ATOM   907  C  C   . THR A 1 115 ? 5.307   17.687  -2.587  1.00 17.96 ? 115  THR A C   1 
ATOM   908  O  O   . THR A 1 115 ? 6.007   17.821  -1.580  1.00 17.36 ? 115  THR A O   1 
ATOM   909  C  CB  . THR A 1 115 ? 6.299   17.409  -4.900  1.00 18.56 ? 115  THR A CB  1 
ATOM   910  O  OG1 . THR A 1 115 ? 6.560   16.469  -5.945  1.00 18.84 ? 115  THR A OG1 1 
ATOM   911  C  CG2 . THR A 1 115 ? 7.596   18.123  -4.522  1.00 19.48 ? 115  THR A CG2 1 
ATOM   912  N  N   . ASN A 1 116 ? 4.207   18.406  -2.798  1.00 17.37 ? 116  ASN A N   1 
ATOM   913  C  CA  . ASN A 1 116 ? 3.784   19.441  -1.865  1.00 17.28 ? 116  ASN A CA  1 
ATOM   914  C  C   . ASN A 1 116 ? 3.315   18.877  -0.518  1.00 16.53 ? 116  ASN A C   1 
ATOM   915  O  O   . ASN A 1 116 ? 3.628   19.440  0.533   1.00 16.47 ? 116  ASN A O   1 
ATOM   916  C  CB  . ASN A 1 116 ? 2.727   20.348  -2.504  1.00 17.56 ? 116  ASN A CB  1 
ATOM   917  C  CG  . ASN A 1 116 ? 3.228   21.006  -3.784  1.00 18.65 ? 116  ASN A CG  1 
ATOM   918  O  OD1 . ASN A 1 116 ? 4.370   21.473  -3.851  1.00 20.28 ? 116  ASN A OD1 1 
ATOM   919  N  ND2 . ASN A 1 116 ? 2.375   21.049  -4.806  1.00 18.97 ? 116  ASN A ND2 1 
ATOM   920  N  N   . SER A 1 117 ? 2.586   17.759  -0.566  1.00 15.88 ? 117  SER A N   1 
ATOM   921  C  CA  . SER A 1 117 ? 2.180   17.018  0.635   1.00 15.51 ? 117  SER A CA  1 
ATOM   922  C  C   . SER A 1 117 ? 3.407   16.585  1.430   1.00 14.74 ? 117  SER A C   1 
ATOM   923  O  O   . SER A 1 117 ? 3.451   16.744  2.649   1.00 14.16 ? 117  SER A O   1 
ATOM   924  C  CB  . SER A 1 117 ? 1.368   15.774  0.261   1.00 15.35 ? 117  SER A CB  1 
ATOM   925  O  OG  . SER A 1 117 ? 0.046   16.096  -0.121  1.00 17.45 ? 117  SER A OG  1 
ATOM   926  N  N   . LEU A 1 118 ? 4.400   16.052  0.715   1.00 14.76 ? 118  LEU A N   1 
ATOM   927  C  CA  . LEU A 1 118 ? 5.651   15.571  1.307   1.00 14.87 ? 118  LEU A CA  1 
ATOM   928  C  C   . LEU A 1 118 ? 6.387   16.676  2.061   1.00 15.02 ? 118  LEU A C   1 
ATOM   929  O  O   . LEU A 1 118 ? 6.858   16.465  3.186   1.00 14.29 ? 118  LEU A O   1 
ATOM   930  C  CB  . LEU A 1 118 ? 6.559   14.959  0.229   1.00 14.97 ? 118  LEU A CB  1 
ATOM   931  C  CG  . LEU A 1 118 ? 6.067   13.671  -0.444  1.00 15.66 ? 118  LEU A CG  1 
ATOM   932  C  CD1 . LEU A 1 118 ? 6.944   13.291  -1.638  1.00 17.09 ? 118  LEU A CD1 1 
ATOM   933  C  CD2 . LEU A 1 118 ? 6.035   12.547  0.549   1.00 17.79 ? 118  LEU A CD2 1 
ATOM   934  N  N   . ARG A 1 119 ? 6.478   17.849  1.436   1.00 14.97 ? 119  ARG A N   1 
ATOM   935  C  CA  . ARG A 1 119 ? 7.059   19.028  2.075   1.00 15.90 ? 119  ARG A CA  1 
ATOM   936  C  C   . ARG A 1 119 ? 6.331   19.368  3.374   1.00 15.29 ? 119  ARG A C   1 
ATOM   937  O  O   . ARG A 1 119 ? 6.965   19.545  4.415   1.00 14.89 ? 119  ARG A O   1 
ATOM   938  C  CB  . ARG A 1 119 ? 7.038   20.228  1.126   1.00 15.77 ? 119  ARG A CB  1 
ATOM   939  C  CG  . ARG A 1 119 ? 7.741   21.475  1.675   1.00 17.00 ? 119  ARG A CG  1 
ATOM   940  C  CD  . ARG A 1 119 ? 7.828   22.591  0.640   1.00 18.40 ? 119  ARG A CD  1 
ATOM   941  N  NE  . ARG A 1 119 ? 8.449   22.136  -0.606  1.00 23.97 ? 119  ARG A NE  1 
ATOM   942  C  CZ  . ARG A 1 119 ? 7.807   21.918  -1.754  1.00 25.13 ? 119  ARG A CZ  1 
ATOM   943  N  NH1 . ARG A 1 119 ? 6.495   22.122  -1.856  1.00 24.80 ? 119  ARG A NH1 1 
ATOM   944  N  NH2 . ARG A 1 119 ? 8.491   21.497  -2.813  1.00 25.71 ? 119  ARG A NH2 1 
ATOM   945  N  N   . MET A 1 120 ? 5.000   19.438  3.319   1.00 14.93 ? 120  MET A N   1 
ATOM   946  C  CA  . MET A 1 120 ? 4.214   19.789  4.504   1.00 15.00 ? 120  MET A CA  1 
ATOM   947  C  C   . MET A 1 120 ? 4.404   18.773  5.636   1.00 14.22 ? 120  MET A C   1 
ATOM   948  O  O   . MET A 1 120 ? 4.478   19.153  6.809   1.00 13.87 ? 120  MET A O   1 
ATOM   949  C  CB  . MET A 1 120 ? 2.729   19.936  4.160   1.00 15.22 ? 120  MET A CB  1 
ATOM   950  C  CG  . MET A 1 120 ? 2.433   21.077  3.199   1.00 16.08 ? 120  MET A CG  1 
ATOM   951  S  SD  . MET A 1 120 ? 0.683   21.145  2.775   1.00 17.31 ? 120  MET A SD  1 
ATOM   952  C  CE  . MET A 1 120 ? 0.710   22.308  1.417   1.00 18.31 ? 120  MET A CE  1 
ATOM   953  N  N   . LEU A 1 121 ? 4.489   17.494  5.278   1.00 13.55 ? 121  LEU A N   1 
ATOM   954  C  CA  . LEU A 1 121 ? 4.744   16.432  6.260   1.00 13.52 ? 121  LEU A CA  1 
ATOM   955  C  C   . LEU A 1 121 ? 6.124   16.566  6.908   1.00 13.45 ? 121  LEU A C   1 
ATOM   956  O  O   . LEU A 1 121 ? 6.249   16.421  8.127   1.00 13.15 ? 121  LEU A O   1 
ATOM   957  C  CB  . LEU A 1 121 ? 4.552   15.038  5.644   1.00 13.50 ? 121  LEU A CB  1 
ATOM   958  C  CG  . LEU A 1 121 ? 3.095   14.676  5.309   1.00 13.71 ? 121  LEU A CG  1 
ATOM   959  C  CD1 . LEU A 1 121 ? 3.036   13.496  4.364   1.00 15.84 ? 121  LEU A CD1 1 
ATOM   960  C  CD2 . LEU A 1 121 ? 2.260   14.402  6.559   1.00 14.93 ? 121  LEU A CD2 1 
ATOM   961  N  N   . GLN A 1 122 ? 7.148   16.857  6.102   1.00 13.56 ? 122  GLN A N   1 
ATOM   962  C  CA  . GLN A 1 122 ? 8.492   17.078  6.653   1.00 14.21 ? 122  GLN A CA  1 
ATOM   963  C  C   . GLN A 1 122 ? 8.537   18.325  7.546   1.00 14.06 ? 122  GLN A C   1 
ATOM   964  O  O   . GLN A 1 122 ? 9.278   18.364  8.535   1.00 13.80 ? 122  GLN A O   1 
ATOM   965  C  CB  . GLN A 1 122 ? 9.567   17.143  5.563   1.00 14.79 ? 122  GLN A CB  1 
ATOM   966  C  CG  . GLN A 1 122 ? 10.984  17.106  6.154   1.00 16.62 ? 122  GLN A CG  1 
ATOM   967  C  CD  . GLN A 1 122 ? 12.078  16.794  5.154   1.00 19.72 ? 122  GLN A CD  1 
ATOM   968  O  OE1 . GLN A 1 122 ? 11.817  16.378  4.024   1.00 21.01 ? 122  GLN A OE1 1 
ATOM   969  N  NE2 . GLN A 1 122 ? 13.325  16.987  5.576   1.00 20.48 ? 122  GLN A NE2 1 
ATOM   970  N  N   . GLN A 1 123 ? 7.723   19.324  7.207   1.00 14.10 ? 123  GLN A N   1 
ATOM   971  C  CA  . GLN A 1 123 ? 7.567   20.528  8.039   1.00 14.33 ? 123  GLN A CA  1 
ATOM   972  C  C   . GLN A 1 123 ? 6.741   20.271  9.310   1.00 13.68 ? 123  GLN A C   1 
ATOM   973  O  O   . GLN A 1 123 ? 6.670   21.129  10.198  1.00 13.77 ? 123  GLN A O   1 
ATOM   974  C  CB  . GLN A 1 123 ? 6.926   21.662  7.229   1.00 14.37 ? 123  GLN A CB  1 
ATOM   975  C  CG  . GLN A 1 123 ? 7.787   22.181  6.083   1.00 15.73 ? 123  GLN A CG  1 
ATOM   976  C  CD  . GLN A 1 123 ? 7.050   23.179  5.202   1.00 15.79 ? 123  GLN A CD  1 
ATOM   977  O  OE1 . GLN A 1 123 ? 7.588   24.232  4.863   1.00 20.51 ? 123  GLN A OE1 1 
ATOM   978  N  NE2 . GLN A 1 123 ? 5.815   22.853  4.831   1.00 17.43 ? 123  GLN A NE2 1 
ATOM   979  N  N   . LYS A 1 124 ? 6.126   19.091  9.394   1.00 12.75 ? 124  LYS A N   1 
ATOM   980  C  CA  . LYS A 1 124 ? 5.226   18.724  10.501  1.00 12.40 ? 124  LYS A CA  1 
ATOM   981  C  C   . LYS A 1 124 ? 4.021   19.671  10.637  1.00 12.43 ? 124  LYS A C   1 
ATOM   982  O  O   . LYS A 1 124 ? 3.554   19.965  11.741  1.00 11.97 ? 124  LYS A O   1 
ATOM   983  C  CB  . LYS A 1 124 ? 5.996   18.580  11.829  1.00 12.13 ? 124  LYS A CB  1 
ATOM   984  C  CG  . LYS A 1 124 ? 7.165   17.599  11.743  1.00 12.01 ? 124  LYS A CG  1 
ATOM   985  C  CD  . LYS A 1 124 ? 7.613   17.127  13.121  1.00 11.28 ? 124  LYS A CD  1 
ATOM   986  C  CE  . LYS A 1 124 ? 8.769   16.133  13.011  1.00 11.65 ? 124  LYS A CE  1 
ATOM   987  N  NZ  . LYS A 1 124 ? 8.348   14.873  12.338  1.00 11.08 ? 124  LYS A NZ  1 
ATOM   988  N  N   . ARG A 1 125 ? 3.520   20.135  9.493   1.00 12.65 ? 125  ARG A N   1 
ATOM   989  C  CA  . ARG A 1 125 ? 2.298   20.935  9.454   1.00 13.07 ? 125  ARG A CA  1 
ATOM   990  C  C   . ARG A 1 125 ? 1.142   19.984  9.168   1.00 12.87 ? 125  ARG A C   1 
ATOM   991  O  O   . ARG A 1 125 ? 0.669   19.880  8.031   1.00 12.54 ? 125  ARG A O   1 
ATOM   992  C  CB  . ARG A 1 125 ? 2.411   22.034  8.395   1.00 13.51 ? 125  ARG A CB  1 
ATOM   993  C  CG  . ARG A 1 125 ? 3.580   22.975  8.646   1.00 15.06 ? 125  ARG A CG  1 
ATOM   994  C  CD  . ARG A 1 125 ? 3.752   24.009  7.549   1.00 18.30 ? 125  ARG A CD  1 
ATOM   995  N  NE  . ARG A 1 125 ? 4.796   24.961  7.925   1.00 21.46 ? 125  ARG A NE  1 
ATOM   996  C  CZ  . ARG A 1 125 ? 5.082   26.080  7.265   1.00 23.52 ? 125  ARG A CZ  1 
ATOM   997  N  NH1 . ARG A 1 125 ? 4.405   26.409  6.172   1.00 24.56 ? 125  ARG A NH1 1 
ATOM   998  N  NH2 . ARG A 1 125 ? 6.057   26.868  7.702   1.00 24.10 ? 125  ARG A NH2 1 
ATOM   999  N  N   . TRP A 1 126 ? 0.711   19.283  10.215  1.00 12.30 ? 126  TRP A N   1 
ATOM   1000 C  CA  . TRP A 1 126 ? -0.130  18.094  10.067  1.00 12.09 ? 126  TRP A CA  1 
ATOM   1001 C  C   . TRP A 1 126 ? -1.511  18.388  9.476   1.00 12.20 ? 126  TRP A C   1 
ATOM   1002 O  O   . TRP A 1 126 ? -1.975  17.644  8.609   1.00 12.01 ? 126  TRP A O   1 
ATOM   1003 C  CB  . TRP A 1 126 ? -0.254  17.326  11.394  1.00 11.60 ? 126  TRP A CB  1 
ATOM   1004 C  CG  . TRP A 1 126 ? 1.063   16.954  12.063  1.00 11.33 ? 126  TRP A CG  1 
ATOM   1005 C  CD1 . TRP A 1 126 ? 1.451   17.279  13.333  1.00 10.37 ? 126  TRP A CD1 1 
ATOM   1006 C  CD2 . TRP A 1 126 ? 2.150   16.202  11.494  1.00 10.47 ? 126  TRP A CD2 1 
ATOM   1007 N  NE1 . TRP A 1 126 ? 2.705   16.774  13.596  1.00 10.08 ? 126  TRP A NE1 1 
ATOM   1008 C  CE2 . TRP A 1 126 ? 3.157   16.107  12.487  1.00 9.73  ? 126  TRP A CE2 1 
ATOM   1009 C  CE3 . TRP A 1 126 ? 2.368   15.593  10.248  1.00 10.22 ? 126  TRP A CE3 1 
ATOM   1010 C  CZ2 . TRP A 1 126 ? 4.364   15.422  12.277  1.00 10.71 ? 126  TRP A CZ2 1 
ATOM   1011 C  CZ3 . TRP A 1 126 ? 3.578   14.922  10.030  1.00 10.71 ? 126  TRP A CZ3 1 
ATOM   1012 C  CH2 . TRP A 1 126 ? 4.561   14.843  11.045  1.00 11.14 ? 126  TRP A CH2 1 
ATOM   1013 N  N   . ASP A 1 127 ? -2.164  19.456  9.936   1.00 12.44 ? 127  ASP A N   1 
ATOM   1014 C  CA  . ASP A 1 127 ? -3.493  19.803  9.413   1.00 12.95 ? 127  ASP A CA  1 
ATOM   1015 C  C   . ASP A 1 127 ? -3.429  20.235  7.944   1.00 12.80 ? 127  ASP A C   1 
ATOM   1016 O  O   . ASP A 1 127 ? -4.247  19.793  7.131   1.00 12.32 ? 127  ASP A O   1 
ATOM   1017 C  CB  . ASP A 1 127 ? -4.192  20.858  10.283  1.00 13.21 ? 127  ASP A CB  1 
ATOM   1018 C  CG  . ASP A 1 127 ? -4.752  20.276  11.583  1.00 14.41 ? 127  ASP A CG  1 
ATOM   1019 O  OD1 . ASP A 1 127 ? -4.263  19.224  12.051  1.00 16.48 ? 127  ASP A OD1 1 
ATOM   1020 O  OD2 . ASP A 1 127 ? -5.685  20.878  12.148  1.00 16.01 ? 127  ASP A OD2 1 
ATOM   1021 N  N   . GLU A 1 128 ? -2.441  21.065  7.609   1.00 12.85 ? 128  GLU A N   1 
ATOM   1022 C  CA  . GLU A 1 128 ? -2.229  21.504  6.227   1.00 13.58 ? 128  GLU A CA  1 
ATOM   1023 C  C   . GLU A 1 128 ? -1.896  20.329  5.310   1.00 13.19 ? 128  GLU A C   1 
ATOM   1024 O  O   . GLU A 1 128 ? -2.451  20.221  4.211   1.00 12.84 ? 128  GLU A O   1 
ATOM   1025 C  CB  . GLU A 1 128 ? -1.137  22.572  6.145   1.00 13.80 ? 128  GLU A CB  1 
ATOM   1026 C  CG  . GLU A 1 128 ? -1.577  23.941  6.639   1.00 16.80 ? 128  GLU A CG  1 
ATOM   1027 C  CD  . GLU A 1 128 ? -0.403  24.836  6.973   1.00 19.81 ? 128  GLU A CD  1 
ATOM   1028 O  OE1 . GLU A 1 128 ? -0.051  25.690  6.138   1.00 21.73 ? 128  GLU A OE1 1 
ATOM   1029 O  OE2 . GLU A 1 128 ? 0.179   24.682  8.066   1.00 21.53 ? 128  GLU A OE2 1 
ATOM   1030 N  N   . ALA A 1 129 ? -1.011  19.446  5.778   1.00 13.00 ? 129  ALA A N   1 
ATOM   1031 C  CA  . ALA A 1 129 ? -0.653  18.237  5.035   1.00 13.00 ? 129  ALA A CA  1 
ATOM   1032 C  C   . ALA A 1 129 ? -1.884  17.367  4.759   1.00 12.94 ? 129  ALA A C   1 
ATOM   1033 O  O   . ALA A 1 129 ? -2.063  16.880  3.641   1.00 12.68 ? 129  ALA A O   1 
ATOM   1034 C  CB  . ALA A 1 129 ? 0.414   17.439  5.786   1.00 13.05 ? 129  ALA A CB  1 
ATOM   1035 N  N   . ALA A 1 130 ? -2.721  17.186  5.783   1.00 12.79 ? 130  ALA A N   1 
ATOM   1036 C  CA  . ALA A 1 130 ? -3.955  16.389  5.673   1.00 13.12 ? 130  ALA A CA  1 
ATOM   1037 C  C   . ALA A 1 130 ? -4.902  16.951  4.612   1.00 13.11 ? 130  ALA A C   1 
ATOM   1038 O  O   . ALA A 1 130 ? -5.453  16.199  3.806   1.00 12.85 ? 130  ALA A O   1 
ATOM   1039 C  CB  . ALA A 1 130 ? -4.653  16.306  7.021   1.00 13.00 ? 130  ALA A CB  1 
ATOM   1040 N  N   . VAL A 1 131 ? -5.075  18.273  4.620   1.00 13.06 ? 131  VAL A N   1 
ATOM   1041 C  CA  . VAL A 1 131 ? -5.881  18.975  3.616   1.00 13.17 ? 131  VAL A CA  1 
ATOM   1042 C  C   . VAL A 1 131 ? -5.325  18.745  2.206   1.00 12.95 ? 131  VAL A C   1 
ATOM   1043 O  O   . VAL A 1 131 ? -6.074  18.406  1.286   1.00 12.97 ? 131  VAL A O   1 
ATOM   1044 C  CB  . VAL A 1 131 ? -6.007  20.494  3.944   1.00 13.24 ? 131  VAL A CB  1 
ATOM   1045 C  CG1 . VAL A 1 131 ? -6.542  21.284  2.744   1.00 13.64 ? 131  VAL A CG1 1 
ATOM   1046 C  CG2 . VAL A 1 131 ? -6.920  20.697  5.155   1.00 13.73 ? 131  VAL A CG2 1 
ATOM   1047 N  N   . ASN A 1 132 ? -4.009  18.893  2.056   1.00 12.76 ? 132  ASN A N   1 
ATOM   1048 C  CA  . ASN A 1 132 ? -3.357  18.717  0.755   1.00 12.68 ? 132  ASN A CA  1 
ATOM   1049 C  C   . ASN A 1 132 ? -3.432  17.286  0.205   1.00 12.31 ? 132  ASN A C   1 
ATOM   1050 O  O   . ASN A 1 132 ? -3.680  17.087  -0.991  1.00 12.20 ? 132  ASN A O   1 
ATOM   1051 C  CB  . ASN A 1 132 ? -1.910  19.208  0.799   1.00 12.84 ? 132  ASN A CB  1 
ATOM   1052 C  CG  . ASN A 1 132 ? -1.291  19.305  -0.577  1.00 14.01 ? 132  ASN A CG  1 
ATOM   1053 O  OD1 . ASN A 1 132 ? -0.593  18.397  -1.015  1.00 15.34 ? 132  ASN A OD1 1 
ATOM   1054 N  ND2 . ASN A 1 132 ? -1.569  20.402  -1.278  1.00 15.70 ? 132  ASN A ND2 1 
ATOM   1055 N  N   . LEU A 1 133 ? -3.236  16.303  1.083   1.00 11.92 ? 133  LEU A N   1 
ATOM   1056 C  CA  . LEU A 1 133 ? -3.309  14.882  0.712   1.00 12.00 ? 133  LEU A CA  1 
ATOM   1057 C  C   . LEU A 1 133 ? -4.663  14.487  0.110   1.00 12.00 ? 133  LEU A C   1 
ATOM   1058 O  O   . LEU A 1 133 ? -4.723  13.653  -0.802  1.00 12.25 ? 133  LEU A O   1 
ATOM   1059 C  CB  . LEU A 1 133 ? -3.001  13.999  1.931   1.00 11.65 ? 133  LEU A CB  1 
ATOM   1060 C  CG  . LEU A 1 133 ? -1.528  13.859  2.349   1.00 11.83 ? 133  LEU A CG  1 
ATOM   1061 C  CD1 . LEU A 1 133 ? -1.410  13.369  3.799   1.00 11.71 ? 133  LEU A CD1 1 
ATOM   1062 C  CD2 . LEU A 1 133 ? -0.758  12.932  1.406   1.00 12.77 ? 133  LEU A CD2 1 
ATOM   1063 N  N   . ALA A 1 134 ? -5.737  15.081  0.628   1.00 11.56 ? 134  ALA A N   1 
ATOM   1064 C  CA  . ALA A 1 134 ? -7.100  14.782  0.168   1.00 11.91 ? 134  ALA A CA  1 
ATOM   1065 C  C   . ALA A 1 134 ? -7.427  15.342  -1.229  1.00 12.00 ? 134  ALA A C   1 
ATOM   1066 O  O   . ALA A 1 134 ? -8.412  14.933  -1.852  1.00 12.08 ? 134  ALA A O   1 
ATOM   1067 C  CB  . ALA A 1 134 ? -8.131  15.261  1.200   1.00 11.62 ? 134  ALA A CB  1 
ATOM   1068 N  N   . LYS A 1 135 ? -6.604  16.273  -1.703  1.00 11.96 ? 135  LYS A N   1 
ATOM   1069 C  CA  . LYS A 1 135 ? -6.754  16.879  -3.026  1.00 12.55 ? 135  LYS A CA  1 
ATOM   1070 C  C   . LYS A 1 135 ? -6.050  16.008  -4.064  1.00 11.75 ? 135  LYS A C   1 
ATOM   1071 O  O   . LYS A 1 135 ? -5.045  16.415  -4.643  1.00 11.78 ? 135  LYS A O   1 
ATOM   1072 C  CB  . LYS A 1 135 ? -6.155  18.292  -3.026  1.00 12.78 ? 135  LYS A CB  1 
ATOM   1073 C  CG  . LYS A 1 135 ? -6.934  19.304  -2.192  1.00 15.52 ? 135  LYS A CG  1 
ATOM   1074 C  CD  . LYS A 1 135 ? -6.146  20.600  -2.054  1.00 18.85 ? 135  LYS A CD  1 
ATOM   1075 C  CE  . LYS A 1 135 ? -6.941  21.651  -1.315  1.00 21.39 ? 135  LYS A CE  1 
ATOM   1076 N  NZ  . LYS A 1 135 ? -6.166  22.920  -1.194  1.00 23.25 ? 135  LYS A NZ  1 
ATOM   1077 N  N   . SER A 1 136 ? -6.583  14.808  -4.288  1.00 11.52 ? 136  SER A N   1 
ATOM   1078 C  CA  . SER A 1 136 ? -5.879  13.776  -5.054  1.00 11.29 ? 136  SER A CA  1 
ATOM   1079 C  C   . SER A 1 136 ? -6.842  12.792  -5.713  1.00 11.23 ? 136  SER A C   1 
ATOM   1080 O  O   . SER A 1 136 ? -7.948  12.573  -5.213  1.00 11.01 ? 136  SER A O   1 
ATOM   1081 C  CB  . SER A 1 136 ? -4.928  12.996  -4.133  1.00 11.09 ? 136  SER A CB  1 
ATOM   1082 O  OG  . SER A 1 136 ? -5.631  12.391  -3.052  1.00 10.68 ? 136  SER A OG  1 
ATOM   1083 N  N   . ARG A 1 137 ? -6.410  12.190  -6.820  1.00 11.22 ? 137  ARG A N   1 
ATOM   1084 C  CA  . ARG A 1 137 ? -7.138  11.056  -7.387  1.00 11.64 ? 137  ARG A CA  1 
ATOM   1085 C  C   . ARG A 1 137 ? -7.287  9.961   -6.321  1.00 11.50 ? 137  ARG A C   1 
ATOM   1086 O  O   . ARG A 1 137 ? -8.362  9.386   -6.155  1.00 11.20 ? 137  ARG A O   1 
ATOM   1087 C  CB  . ARG A 1 137 ? -6.437  10.498  -8.632  1.00 11.50 ? 137  ARG A CB  1 
ATOM   1088 C  CG  . ARG A 1 137 ? -7.253  9.398   -9.301  1.00 12.44 ? 137  ARG A CG  1 
ATOM   1089 C  CD  . ARG A 1 137 ? -6.550  8.745   -10.485 1.00 12.39 ? 137  ARG A CD  1 
ATOM   1090 N  NE  . ARG A 1 137 ? -7.419  7.742   -11.104 1.00 14.83 ? 137  ARG A NE  1 
ATOM   1091 C  CZ  . ARG A 1 137 ? -7.510  6.470   -10.715 1.00 15.85 ? 137  ARG A CZ  1 
ATOM   1092 N  NH1 . ARG A 1 137 ? -6.769  6.017   -9.714  1.00 15.93 ? 137  ARG A NH1 1 
ATOM   1093 N  NH2 . ARG A 1 137 ? -8.339  5.641   -11.342 1.00 16.61 ? 137  ARG A NH2 1 
ATOM   1094 N  N   . TRP A 1 138 ? -6.201  9.709   -5.592  1.00 11.50 ? 138  TRP A N   1 
ATOM   1095 C  CA  . TRP A 1 138 ? -6.172  8.734   -4.492  1.00 12.03 ? 138  TRP A CA  1 
ATOM   1096 C  C   . TRP A 1 138 ? -7.368  8.861   -3.541  1.00 12.06 ? 138  TRP A C   1 
ATOM   1097 O  O   . TRP A 1 138 ? -8.108  7.895   -3.325  1.00 12.68 ? 138  TRP A O   1 
ATOM   1098 C  CB  . TRP A 1 138 ? -4.856  8.884   -3.728  1.00 12.13 ? 138  TRP A CB  1 
ATOM   1099 C  CG  . TRP A 1 138 ? -4.728  8.079   -2.458  1.00 11.91 ? 138  TRP A CG  1 
ATOM   1100 C  CD1 . TRP A 1 138 ? -4.874  6.721   -2.314  1.00 11.99 ? 138  TRP A CD1 1 
ATOM   1101 C  CD2 . TRP A 1 138 ? -4.374  8.583   -1.162  1.00 12.98 ? 138  TRP A CD2 1 
ATOM   1102 N  NE1 . TRP A 1 138 ? -4.651  6.356   -1.002  1.00 12.51 ? 138  TRP A NE1 1 
ATOM   1103 C  CE2 . TRP A 1 138 ? -4.348  7.478   -0.274  1.00 12.29 ? 138  TRP A CE2 1 
ATOM   1104 C  CE3 . TRP A 1 138 ? -4.092  9.867   -0.661  1.00 11.33 ? 138  TRP A CE3 1 
ATOM   1105 C  CZ2 . TRP A 1 138 ? -4.039  7.617   1.089   1.00 12.91 ? 138  TRP A CZ2 1 
ATOM   1106 C  CZ3 . TRP A 1 138 ? -3.791  10.006  0.691   1.00 12.22 ? 138  TRP A CZ3 1 
ATOM   1107 C  CH2 . TRP A 1 138 ? -3.763  8.880   1.551   1.00 12.25 ? 138  TRP A CH2 1 
ATOM   1108 N  N   . TYR A 1 139 ? -7.559  10.053  -2.985  1.00 12.05 ? 139  TYR A N   1 
ATOM   1109 C  CA  . TYR A 1 139 ? -8.650  10.307  -2.046  1.00 12.39 ? 139  TYR A CA  1 
ATOM   1110 C  C   . TYR A 1 139 ? -10.010 10.095  -2.711  1.00 12.00 ? 139  TYR A C   1 
ATOM   1111 O  O   . TYR A 1 139 ? -10.885 9.448   -2.147  1.00 12.06 ? 139  TYR A O   1 
ATOM   1112 C  CB  . TYR A 1 139 ? -8.539  11.723  -1.481  1.00 13.00 ? 139  TYR A CB  1 
ATOM   1113 C  CG  . TYR A 1 139 ? -9.616  12.121  -0.496  1.00 14.27 ? 139  TYR A CG  1 
ATOM   1114 C  CD1 . TYR A 1 139 ? -9.476  11.862  0.868   1.00 13.65 ? 139  TYR A CD1 1 
ATOM   1115 C  CD2 . TYR A 1 139 ? -10.761 12.788  -0.929  1.00 15.77 ? 139  TYR A CD2 1 
ATOM   1116 C  CE1 . TYR A 1 139 ? -10.466 12.249  1.780   1.00 16.16 ? 139  TYR A CE1 1 
ATOM   1117 C  CE2 . TYR A 1 139 ? -11.755 13.174  -0.039  1.00 16.43 ? 139  TYR A CE2 1 
ATOM   1118 C  CZ  . TYR A 1 139 ? -11.603 12.906  1.313   1.00 16.52 ? 139  TYR A CZ  1 
ATOM   1119 O  OH  . TYR A 1 139 ? -12.598 13.304  2.181   1.00 18.27 ? 139  TYR A OH  1 
ATOM   1120 N  N   . ASN A 1 140 ? -10.180 10.636  -3.916  1.00 11.57 ? 140  ASN A N   1 
ATOM   1121 C  CA  . ASN A 1 140 ? -11.455 10.536  -4.617  1.00 11.53 ? 140  ASN A CA  1 
ATOM   1122 C  C   . ASN A 1 140 ? -11.851 9.093   -4.947  1.00 11.25 ? 140  ASN A C   1 
ATOM   1123 O  O   . ASN A 1 140 ? -13.015 8.729   -4.805  1.00 11.48 ? 140  ASN A O   1 
ATOM   1124 C  CB  . ASN A 1 140 ? -11.448 11.401  -5.879  1.00 11.52 ? 140  ASN A CB  1 
ATOM   1125 C  CG  . ASN A 1 140 ? -11.654 12.880  -5.574  1.00 11.97 ? 140  ASN A CG  1 
ATOM   1126 O  OD1 . ASN A 1 140 ? -10.696 13.651  -5.483  1.00 13.79 ? 140  ASN A OD1 1 
ATOM   1127 N  ND2 . ASN A 1 140 ? -12.910 13.278  -5.399  1.00 11.29 ? 140  ASN A ND2 1 
ATOM   1128 N  N   . GLN A 1 141 ? -10.885 8.278   -5.364  1.00 10.99 ? 141  GLN A N   1 
ATOM   1129 C  CA  . GLN A 1 141 ? -11.174 6.899   -5.778  1.00 11.07 ? 141  GLN A CA  1 
ATOM   1130 C  C   . GLN A 1 141 ? -11.300 5.937   -4.590  1.00 11.05 ? 141  GLN A C   1 
ATOM   1131 O  O   . GLN A 1 141 ? -12.126 5.018   -4.618  1.00 11.10 ? 141  GLN A O   1 
ATOM   1132 C  CB  . GLN A 1 141 ? -10.145 6.390   -6.806  1.00 11.11 ? 141  GLN A CB  1 
ATOM   1133 C  CG  . GLN A 1 141 ? -10.031 7.223   -8.108  1.00 11.90 ? 141  GLN A CG  1 
ATOM   1134 C  CD  . GLN A 1 141 ? -11.333 7.354   -8.897  1.00 12.86 ? 141  GLN A CD  1 
ATOM   1135 O  OE1 . GLN A 1 141 ? -11.674 8.443   -9.366  1.00 14.12 ? 141  GLN A OE1 1 
ATOM   1136 N  NE2 . GLN A 1 141 ? -12.056 6.253   -9.052  1.00 11.93 ? 141  GLN A NE2 1 
ATOM   1137 N  N   . THR A 1 142 ? -10.492 6.145   -3.550  1.00 10.75 ? 142  THR A N   1 
ATOM   1138 C  CA  . THR A 1 142 ? -10.604 5.332   -2.323  1.00 10.50 ? 142  THR A CA  1 
ATOM   1139 C  C   . THR A 1 142 ? -10.712 6.217   -1.078  1.00 10.70 ? 142  THR A C   1 
ATOM   1140 O  O   . THR A 1 142 ? -9.766  6.298   -0.289  1.00 10.52 ? 142  THR A O   1 
ATOM   1141 C  CB  . THR A 1 142 ? -9.426  4.327   -2.178  1.00 10.75 ? 142  THR A CB  1 
ATOM   1142 O  OG1 . THR A 1 142 ? -8.177  5.021   -2.308  1.00 9.90  ? 142  THR A OG1 1 
ATOM   1143 C  CG2 . THR A 1 142 ? -9.519  3.229   -3.254  1.00 10.37 ? 142  THR A CG2 1 
ATOM   1144 N  N   . PRO A 1 143 ? -11.866 6.898   -0.907  1.00 11.05 ? 143  PRO A N   1 
ATOM   1145 C  CA  . PRO A 1 143 ? -11.989 7.893   0.156   1.00 10.83 ? 143  PRO A CA  1 
ATOM   1146 C  C   . PRO A 1 143 ? -11.928 7.324   1.573   1.00 10.99 ? 143  PRO A C   1 
ATOM   1147 O  O   . PRO A 1 143 ? -11.263 7.914   2.417   1.00 10.92 ? 143  PRO A O   1 
ATOM   1148 C  CB  . PRO A 1 143 ? -13.339 8.576   -0.136  1.00 10.95 ? 143  PRO A CB  1 
ATOM   1149 C  CG  . PRO A 1 143 ? -14.095 7.620   -0.959  1.00 11.10 ? 143  PRO A CG  1 
ATOM   1150 C  CD  . PRO A 1 143 ? -13.087 6.819   -1.734  1.00 10.97 ? 143  PRO A CD  1 
ATOM   1151 N  N   . ASN A 1 144 ? -12.578 6.188   1.833   1.00 10.78 ? 144  ASN A N   1 
ATOM   1152 C  CA  . ASN A 1 144 ? -12.584 5.636   3.194   1.00 11.52 ? 144  ASN A CA  1 
ATOM   1153 C  C   . ASN A 1 144 ? -11.196 5.198   3.673   1.00 11.18 ? 144  ASN A C   1 
ATOM   1154 O  O   . ASN A 1 144 ? -10.794 5.504   4.801   1.00 10.86 ? 144  ASN A O   1 
ATOM   1155 C  CB  . ASN A 1 144 ? -13.617 4.518   3.352   1.00 11.73 ? 144  ASN A CB  1 
ATOM   1156 C  CG  . ASN A 1 144 ? -15.056 5.051   3.409   1.00 13.46 ? 144  ASN A CG  1 
ATOM   1157 O  OD1 . ASN A 1 144 ? -15.285 6.260   3.399   1.00 16.69 ? 144  ASN A OD1 1 
ATOM   1158 N  ND2 . ASN A 1 144 ? -16.022 4.142   3.471   1.00 15.59 ? 144  ASN A ND2 1 
ATOM   1159 N  N   . ARG A 1 145 ? -10.461 4.512   2.803   1.00 10.85 ? 145  ARG A N   1 
ATOM   1160 C  CA  . ARG A 1 145 ? -9.074  4.161   3.098   1.00 11.09 ? 145  ARG A CA  1 
ATOM   1161 C  C   . ARG A 1 145 ? -8.175  5.396   3.206   1.00 10.87 ? 145  ARG A C   1 
ATOM   1162 O  O   . ARG A 1 145 ? -7.372  5.502   4.138   1.00 10.77 ? 145  ARG A O   1 
ATOM   1163 C  CB  . ARG A 1 145 ? -8.518  3.203   2.053   1.00 11.23 ? 145  ARG A CB  1 
ATOM   1164 C  CG  . ARG A 1 145 ? -7.179  2.597   2.467   1.00 12.49 ? 145  ARG A CG  1 
ATOM   1165 C  CD  . ARG A 1 145 ? -6.417  2.189   1.257   1.00 14.68 ? 145  ARG A CD  1 
ATOM   1166 N  NE  . ARG A 1 145 ? -5.082  1.666   1.549   1.00 13.78 ? 145  ARG A NE  1 
ATOM   1167 C  CZ  . ARG A 1 145 ? -4.574  0.598   0.939   1.00 14.77 ? 145  ARG A CZ  1 
ATOM   1168 N  NH1 . ARG A 1 145 ? -5.301  -0.055  0.039   1.00 15.03 ? 145  ARG A NH1 1 
ATOM   1169 N  NH2 . ARG A 1 145 ? -3.354  0.167   1.229   1.00 13.49 ? 145  ARG A NH2 1 
ATOM   1170 N  N   . ALA A 1 146 ? -8.296  6.321   2.253   1.00 10.76 ? 146  ALA A N   1 
ATOM   1171 C  CA  . ALA A 1 146 ? -7.488  7.542   2.271   1.00 11.23 ? 146  ALA A CA  1 
ATOM   1172 C  C   . ALA A 1 146 ? -7.710  8.323   3.562   1.00 11.38 ? 146  ALA A C   1 
ATOM   1173 O  O   . ALA A 1 146 ? -6.749  8.803   4.175   1.00 11.26 ? 146  ALA A O   1 
ATOM   1174 C  CB  . ALA A 1 146 ? -7.771  8.414   1.058   1.00 11.30 ? 146  ALA A CB  1 
ATOM   1175 N  N   . LYS A 1 147 ? -8.973  8.425   3.977   1.00 11.60 ? 147  LYS A N   1 
ATOM   1176 C  CA  . LYS A 1 147 ? -9.336  9.077   5.235   1.00 11.91 ? 147  LYS A CA  1 
ATOM   1177 C  C   . LYS A 1 147 ? -8.624  8.452   6.444   1.00 11.60 ? 147  LYS A C   1 
ATOM   1178 O  O   . LYS A 1 147 ? -8.156  9.174   7.326   1.00 11.32 ? 147  LYS A O   1 
ATOM   1179 C  CB  . LYS A 1 147 ? -10.855 9.076   5.431   1.00 11.82 ? 147  LYS A CB  1 
ATOM   1180 C  CG  . LYS A 1 147 ? -11.572 10.170  4.646   1.00 13.05 ? 147  LYS A CG  1 
ATOM   1181 C  CD  . LYS A 1 147 ? -13.083 10.116  4.848   1.00 14.07 ? 147  LYS A CD  1 
ATOM   1182 C  CE  . LYS A 1 147 ? -13.785 10.996  3.826   1.00 17.07 ? 147  LYS A CE  1 
ATOM   1183 N  NZ  . LYS A 1 147 ? -15.264 10.950  3.947   1.00 18.69 ? 147  LYS A NZ  1 
ATOM   1184 N  N   . ARG A 1 148 ? -8.533  7.121   6.476   1.00 11.19 ? 148  ARG A N   1 
ATOM   1185 C  CA  . ARG A 1 148 ? -7.815  6.429   7.558   1.00 11.07 ? 148  ARG A CA  1 
ATOM   1186 C  C   . ARG A 1 148 ? -6.319  6.749   7.548   1.00 10.86 ? 148  ARG A C   1 
ATOM   1187 O  O   . ARG A 1 148 ? -5.733  7.049   8.586   1.00 10.92 ? 148  ARG A O   1 
ATOM   1188 C  CB  . ARG A 1 148 ? -8.019  4.915   7.478   1.00 10.77 ? 148  ARG A CB  1 
ATOM   1189 C  CG  . ARG A 1 148 ? -9.430  4.466   7.819   1.00 10.53 ? 148  ARG A CG  1 
ATOM   1190 C  CD  . ARG A 1 148 ? -9.468  2.968   8.076   1.00 9.50  ? 148  ARG A CD  1 
ATOM   1191 N  NE  . ARG A 1 148 ? -9.338  2.190   6.843   1.00 8.89  ? 148  ARG A NE  1 
ATOM   1192 C  CZ  . ARG A 1 148 ? -10.346 1.885   6.024   1.00 10.67 ? 148  ARG A CZ  1 
ATOM   1193 N  NH1 . ARG A 1 148 ? -11.586 2.289   6.291   1.00 12.17 ? 148  ARG A NH1 1 
ATOM   1194 N  NH2 . ARG A 1 148 ? -10.113 1.168   4.929   1.00 10.21 ? 148  ARG A NH2 1 
ATOM   1195 N  N   . VAL A 1 149 ? -5.715  6.684   6.366   1.00 10.97 ? 149  VAL A N   1 
ATOM   1196 C  CA  . VAL A 1 149 ? -4.284  6.970   6.207   1.00 10.89 ? 149  VAL A CA  1 
ATOM   1197 C  C   . VAL A 1 149 ? -3.994  8.439   6.560   1.00 10.95 ? 149  VAL A C   1 
ATOM   1198 O  O   . VAL A 1 149 ? -3.042  8.731   7.281   1.00 10.68 ? 149  VAL A O   1 
ATOM   1199 C  CB  . VAL A 1 149 ? -3.785  6.582   4.781   1.00 10.74 ? 149  VAL A CB  1 
ATOM   1200 C  CG1 . VAL A 1 149 ? -2.334  7.022   4.551   1.00 11.35 ? 149  VAL A CG1 1 
ATOM   1201 C  CG2 . VAL A 1 149 ? -3.919  5.065   4.573   1.00 11.14 ? 149  VAL A CG2 1 
ATOM   1202 N  N   . ILE A 1 150 ? -4.845  9.347   6.080   1.00 11.06 ? 150  ILE A N   1 
ATOM   1203 C  CA  . ILE A 1 150 ? -4.716  10.787  6.356   1.00 11.44 ? 150  ILE A CA  1 
ATOM   1204 C  C   . ILE A 1 150 ? -4.845  11.103  7.853   1.00 11.28 ? 150  ILE A C   1 
ATOM   1205 O  O   . ILE A 1 150 ? -4.060  11.889  8.394   1.00 11.28 ? 150  ILE A O   1 
ATOM   1206 C  CB  . ILE A 1 150 ? -5.723  11.623  5.504   1.00 11.16 ? 150  ILE A CB  1 
ATOM   1207 C  CG1 . ILE A 1 150 ? -5.316  11.580  4.021   1.00 11.61 ? 150  ILE A CG1 1 
ATOM   1208 C  CG2 . ILE A 1 150 ? -5.823  13.067  6.013   1.00 11.98 ? 150  ILE A CG2 1 
ATOM   1209 C  CD1 . ILE A 1 150 ? -6.349  12.175  3.069   1.00 11.88 ? 150  ILE A CD1 1 
ATOM   1210 N  N   . THR A 1 151 ? -5.821  10.479  8.516   1.00 11.50 ? 151  THR A N   1 
ATOM   1211 C  CA  . THR A 1 151 ? -5.987  10.625  9.969   1.00 11.71 ? 151  THR A CA  1 
ATOM   1212 C  C   . THR A 1 151 ? -4.722  10.192  10.711  1.00 11.51 ? 151  THR A C   1 
ATOM   1213 O  O   . THR A 1 151 ? -4.305  10.845  11.671  1.00 11.52 ? 151  THR A O   1 
ATOM   1214 C  CB  . THR A 1 151 ? -7.219  9.845   10.480  1.00 11.92 ? 151  THR A CB  1 
ATOM   1215 O  OG1 . THR A 1 151 ? -8.402  10.532  10.058  1.00 12.40 ? 151  THR A OG1 1 
ATOM   1216 C  CG2 . THR A 1 151 ? -7.233  9.728   12.013  1.00 12.65 ? 151  THR A CG2 1 
ATOM   1217 N  N   . THR A 1 152 ? -4.114  9.103   10.246  1.00 11.42 ? 152  THR A N   1 
ATOM   1218 C  CA  . THR A 1 152 ? -2.858  8.609   10.818  1.00 11.18 ? 152  THR A CA  1 
ATOM   1219 C  C   . THR A 1 152 ? -1.733  9.660   10.672  1.00 11.41 ? 152  THR A C   1 
ATOM   1220 O  O   . THR A 1 152 ? -1.003  9.928   11.630  1.00 11.30 ? 152  THR A O   1 
ATOM   1221 C  CB  . THR A 1 152 ? -2.471  7.228   10.215  1.00 11.32 ? 152  THR A CB  1 
ATOM   1222 O  OG1 . THR A 1 152 ? -3.608  6.352   10.260  1.00 10.90 ? 152  THR A OG1 1 
ATOM   1223 C  CG2 . THR A 1 152 ? -1.307  6.583   10.986  1.00 11.02 ? 152  THR A CG2 1 
ATOM   1224 N  N   . PHE A 1 153 ? -1.628  10.284  9.493   1.00 11.26 ? 153  PHE A N   1 
ATOM   1225 C  CA  . PHE A 1 153 ? -0.661  11.373  9.276   1.00 11.58 ? 153  PHE A CA  1 
ATOM   1226 C  C   . PHE A 1 153 ? -0.974  12.620  10.104  1.00 12.01 ? 153  PHE A C   1 
ATOM   1227 O  O   . PHE A 1 153 ? -0.061  13.299  10.579  1.00 11.74 ? 153  PHE A O   1 
ATOM   1228 C  CB  . PHE A 1 153 ? -0.608  11.794  7.800   1.00 11.46 ? 153  PHE A CB  1 
ATOM   1229 C  CG  . PHE A 1 153 ? 0.279   10.941  6.932   1.00 11.45 ? 153  PHE A CG  1 
ATOM   1230 C  CD1 . PHE A 1 153 ? 1.623   10.740  7.245   1.00 11.75 ? 153  PHE A CD1 1 
ATOM   1231 C  CD2 . PHE A 1 153 ? -0.221  10.398  5.751   1.00 11.71 ? 153  PHE A CD2 1 
ATOM   1232 C  CE1 . PHE A 1 153 ? 2.444   9.970   6.413   1.00 12.18 ? 153  PHE A CE1 1 
ATOM   1233 C  CE2 . PHE A 1 153 ? 0.585   9.623   4.910   1.00 11.78 ? 153  PHE A CE2 1 
ATOM   1234 C  CZ  . PHE A 1 153 ? 1.925   9.410   5.239   1.00 11.80 ? 153  PHE A CZ  1 
ATOM   1235 N  N   . ARG A 1 154 ? -2.260  12.939  10.245  1.00 12.26 ? 154  ARG A N   1 
ATOM   1236 C  CA  . ARG A 1 154 ? -2.682  14.136  10.979  1.00 12.66 ? 154  ARG A CA  1 
ATOM   1237 C  C   . ARG A 1 154 ? -2.386  14.036  12.485  1.00 12.66 ? 154  ARG A C   1 
ATOM   1238 O  O   . ARG A 1 154 ? -1.867  14.989  13.077  1.00 11.78 ? 154  ARG A O   1 
ATOM   1239 C  CB  . ARG A 1 154 ? -4.171  14.440  10.737  1.00 12.72 ? 154  ARG A CB  1 
ATOM   1240 C  CG  . ARG A 1 154 ? -4.631  15.796  11.287  1.00 13.34 ? 154  ARG A CG  1 
ATOM   1241 C  CD  . ARG A 1 154 ? -6.131  16.055  11.091  1.00 14.11 ? 154  ARG A CD  1 
ATOM   1242 N  NE  . ARG A 1 154 ? -6.995  14.998  11.632  1.00 17.83 ? 154  ARG A NE  1 
ATOM   1243 C  CZ  . ARG A 1 154 ? -7.387  14.892  12.906  1.00 19.43 ? 154  ARG A CZ  1 
ATOM   1244 N  NH1 . ARG A 1 154 ? -6.993  15.766  13.827  1.00 20.83 ? 154  ARG A NH1 1 
ATOM   1245 N  NH2 . ARG A 1 154 ? -8.175  13.890  13.269  1.00 21.27 ? 154  ARG A NH2 1 
ATOM   1246 N  N   . THR A 1 155 ? -2.684  12.871  13.072  1.00 12.77 ? 155  THR A N   1 
ATOM   1247 C  CA  . THR A 1 155 ? -2.667  12.680  14.532  1.00 12.92 ? 155  THR A CA  1 
ATOM   1248 C  C   . THR A 1 155 ? -1.438  11.956  15.084  1.00 12.87 ? 155  THR A C   1 
ATOM   1249 O  O   . THR A 1 155 ? -1.090  12.131  16.258  1.00 12.98 ? 155  THR A O   1 
ATOM   1250 C  CB  . THR A 1 155 ? -3.909  11.895  15.027  1.00 12.79 ? 155  THR A CB  1 
ATOM   1251 O  OG1 . THR A 1 155 ? -3.874  10.553  14.515  1.00 12.95 ? 155  THR A OG1 1 
ATOM   1252 C  CG2 . THR A 1 155 ? -5.212  12.586  14.613  1.00 13.50 ? 155  THR A CG2 1 
ATOM   1253 N  N   . GLY A 1 156 ? -0.801  11.125  14.258  1.00 12.72 ? 156  GLY A N   1 
ATOM   1254 C  CA  . GLY A 1 156 ? 0.299   10.282  14.719  1.00 12.84 ? 156  GLY A CA  1 
ATOM   1255 C  C   . GLY A 1 156 ? -0.182  9.208   15.690  1.00 12.95 ? 156  GLY A C   1 
ATOM   1256 O  O   . GLY A 1 156 ? 0.602   8.685   16.495  1.00 12.56 ? 156  GLY A O   1 
ATOM   1257 N  N   . THR A 1 157 ? -1.478  8.896   15.610  1.00 12.88 ? 157  THR A N   1 
ATOM   1258 C  CA  . THR A 1 157 ? -2.106  7.841   16.411  1.00 12.95 ? 157  THR A CA  1 
ATOM   1259 C  C   . THR A 1 157 ? -2.719  6.769   15.507  1.00 13.19 ? 157  THR A C   1 
ATOM   1260 O  O   . THR A 1 157 ? -2.828  6.952   14.291  1.00 13.05 ? 157  THR A O   1 
ATOM   1261 C  CB  . THR A 1 157 ? -3.242  8.381   17.316  1.00 13.19 ? 157  THR A CB  1 
ATOM   1262 O  OG1 . THR A 1 157 ? -4.411  8.652   16.522  1.00 12.60 ? 157  THR A OG1 1 
ATOM   1263 C  CG2 . THR A 1 157 ? -2.813  9.637   18.090  1.00 13.40 ? 157  THR A CG2 1 
ATOM   1264 N  N   . TRP A 1 158 ? -3.130  5.662   16.120  1.00 13.22 ? 158  TRP A N   1 
ATOM   1265 C  CA  . TRP A 1 158 ? -3.815  4.573   15.418  1.00 13.74 ? 158  TRP A CA  1 
ATOM   1266 C  C   . TRP A 1 158 ? -5.348  4.666   15.534  1.00 14.03 ? 158  TRP A C   1 
ATOM   1267 O  O   . TRP A 1 158 ? -6.050  3.673   15.316  1.00 14.06 ? 158  TRP A O   1 
ATOM   1268 C  CB  . TRP A 1 158 ? -3.346  3.223   15.969  1.00 13.71 ? 158  TRP A CB  1 
ATOM   1269 C  CG  . TRP A 1 158 ? -1.935  2.857   15.612  1.00 13.58 ? 158  TRP A CG  1 
ATOM   1270 C  CD1 . TRP A 1 158 ? -0.874  2.739   16.464  1.00 14.08 ? 158  TRP A CD1 1 
ATOM   1271 C  CD2 . TRP A 1 158 ? -1.437  2.548   14.304  1.00 13.59 ? 158  TRP A CD2 1 
ATOM   1272 N  NE1 . TRP A 1 158 ? 0.258   2.376   15.765  1.00 14.62 ? 158  TRP A NE1 1 
ATOM   1273 C  CE2 . TRP A 1 158 ? -0.062  2.247   14.440  1.00 13.94 ? 158  TRP A CE2 1 
ATOM   1274 C  CE3 . TRP A 1 158 ? -2.023  2.489   13.031  1.00 13.83 ? 158  TRP A CE3 1 
ATOM   1275 C  CZ2 . TRP A 1 158 ? 0.741   1.896   13.344  1.00 13.99 ? 158  TRP A CZ2 1 
ATOM   1276 C  CZ3 . TRP A 1 158 ? -1.227  2.130   11.944  1.00 14.63 ? 158  TRP A CZ3 1 
ATOM   1277 C  CH2 . TRP A 1 158 ? 0.142   1.845   12.111  1.00 13.88 ? 158  TRP A CH2 1 
ATOM   1278 N  N   . ASP A 1 159 ? -5.861  5.848   15.874  1.00 14.62 ? 159  ASP A N   1 
ATOM   1279 C  CA  . ASP A 1 159 ? -7.300  6.027   16.142  1.00 15.07 ? 159  ASP A CA  1 
ATOM   1280 C  C   . ASP A 1 159 ? -8.219  5.577   14.992  1.00 14.83 ? 159  ASP A C   1 
ATOM   1281 O  O   . ASP A 1 159 ? -9.318  5.075   15.235  1.00 14.77 ? 159  ASP A O   1 
ATOM   1282 C  CB  . ASP A 1 159 ? -7.610  7.478   16.539  1.00 15.54 ? 159  ASP A CB  1 
ATOM   1283 C  CG  . ASP A 1 159 ? -7.090  7.844   17.937  1.00 16.94 ? 159  ASP A CG  1 
ATOM   1284 O  OD1 . ASP A 1 159 ? -6.545  6.978   18.655  1.00 18.44 ? 159  ASP A OD1 1 
ATOM   1285 O  OD2 . ASP A 1 159 ? -7.234  9.022   18.317  1.00 20.84 ? 159  ASP A OD2 1 
ATOM   1286 N  N   . ALA A 1 160 ? -7.766  5.742   13.749  1.00 14.79 ? 160  ALA A N   1 
ATOM   1287 C  CA  . ALA A 1 160 ? -8.577  5.384   12.576  1.00 15.34 ? 160  ALA A CA  1 
ATOM   1288 C  C   . ALA A 1 160 ? -8.713  3.868   12.358  1.00 16.03 ? 160  ALA A C   1 
ATOM   1289 O  O   . ALA A 1 160 ? -9.542  3.429   11.550  1.00 15.55 ? 160  ALA A O   1 
ATOM   1290 C  CB  . ALA A 1 160 ? -8.034  6.068   11.304  1.00 14.94 ? 160  ALA A CB  1 
ATOM   1291 N  N   . TYR A 1 161 ? -7.908  3.088   13.086  1.00 16.90 ? 161  TYR A N   1 
ATOM   1292 C  CA  . TYR A 1 161 ? -7.837  1.626   12.939  1.00 18.80 ? 161  TYR A CA  1 
ATOM   1293 C  C   . TYR A 1 161 ? -8.175  0.840   14.212  1.00 21.06 ? 161  TYR A C   1 
ATOM   1294 O  O   . TYR A 1 161 ? -8.393  -0.374  14.151  1.00 21.05 ? 161  TYR A O   1 
ATOM   1295 C  CB  . TYR A 1 161 ? -6.434  1.208   12.475  1.00 17.47 ? 161  TYR A CB  1 
ATOM   1296 C  CG  . TYR A 1 161 ? -6.095  1.626   11.062  1.00 15.69 ? 161  TYR A CG  1 
ATOM   1297 C  CD1 . TYR A 1 161 ? -5.535  2.872   10.806  1.00 14.26 ? 161  TYR A CD1 1 
ATOM   1298 C  CD2 . TYR A 1 161 ? -6.343  0.775   9.981   1.00 13.93 ? 161  TYR A CD2 1 
ATOM   1299 C  CE1 . TYR A 1 161 ? -5.224  3.268   9.513   1.00 13.87 ? 161  TYR A CE1 1 
ATOM   1300 C  CE2 . TYR A 1 161 ? -6.036  1.163   8.670   1.00 13.59 ? 161  TYR A CE2 1 
ATOM   1301 C  CZ  . TYR A 1 161 ? -5.476  2.415   8.450   1.00 14.59 ? 161  TYR A CZ  1 
ATOM   1302 O  OH  . TYR A 1 161 ? -5.162  2.820   7.174   1.00 14.03 ? 161  TYR A OH  1 
ATOM   1303 N  N   . LYS A 1 162 ? -8.198  1.517   15.360  1.00 24.31 ? 162  LYS A N   1 
ATOM   1304 C  CA  . LYS A 1 162 ? -8.321  0.829   16.655  1.00 27.37 ? 162  LYS A CA  1 
ATOM   1305 C  C   . LYS A 1 162 ? -9.673  0.130   16.839  1.00 28.91 ? 162  LYS A C   1 
ATOM   1306 O  O   . LYS A 1 162 ? -9.749  -0.925  17.481  1.00 29.79 ? 162  LYS A O   1 
ATOM   1307 C  CB  . LYS A 1 162 ? -8.038  1.792   17.819  1.00 27.79 ? 162  LYS A CB  1 
ATOM   1308 C  CG  . LYS A 1 162 ? -7.297  1.156   19.004  1.00 28.97 ? 162  LYS A CG  1 
ATOM   1309 C  CD  . LYS A 1 162 ? -8.245  0.528   20.029  1.00 30.34 ? 162  LYS A CD  1 
ATOM   1310 C  CE  . LYS A 1 162 ? -7.486  -0.240  21.108  1.00 30.29 ? 162  LYS A CE  1 
ATOM   1311 N  NZ  . LYS A 1 162 ? -6.762  0.664   22.056  1.00 31.07 ? 162  LYS A NZ  1 
ATOM   1312 N  N   . ASN A 1 163 ? -10.723 0.719   16.269  1.00 30.66 ? 163  ASN A N   1 
ATOM   1313 C  CA  . ASN A 1 163 ? -12.064 0.130   16.258  1.00 32.25 ? 163  ASN A CA  1 
ATOM   1314 C  C   . ASN A 1 163 ? -12.195 -1.055  15.285  1.00 32.85 ? 163  ASN A C   1 
ATOM   1315 O  O   . ASN A 1 163 ? -13.036 -1.936  15.477  1.00 33.27 ? 163  ASN A O   1 
ATOM   1316 C  CB  . ASN A 1 163 ? -13.097 1.227   15.936  1.00 32.67 ? 163  ASN A CB  1 
ATOM   1317 C  CG  . ASN A 1 163 ? -14.510 0.685   15.731  1.00 33.84 ? 163  ASN A CG  1 
ATOM   1318 O  OD1 . ASN A 1 163 ? -14.971 -0.195  16.460  1.00 36.20 ? 163  ASN A OD1 1 
ATOM   1319 N  ND2 . ASN A 1 163 ? -15.206 1.226   14.737  1.00 34.34 ? 163  ASN A ND2 1 
ATOM   1320 N  N   . LEU A 1 164 ? -11.347 -1.082  14.259  1.00 33.44 ? 164  LEU A N   1 
ATOM   1321 C  CA  . LEU A 1 164 ? -11.462 -2.059  13.171  1.00 33.77 ? 164  LEU A CA  1 
ATOM   1322 C  C   . LEU A 1 164 ? -10.691 -3.352  13.440  1.00 34.08 ? 164  LEU A C   1 
ATOM   1323 O  O   . LEU A 1 164 ? -10.708 -4.291  12.634  1.00 34.16 ? 164  LEU A O   1 
ATOM   1324 C  CB  . LEU A 1 164 ? -11.004 -1.437  11.849  1.00 33.82 ? 164  LEU A CB  1 
ATOM   1325 C  CG  . LEU A 1 164 ? -11.452 -0.011  11.517  1.00 33.92 ? 164  LEU A CG  1 
ATOM   1326 C  CD1 . LEU A 1 164 ? -10.810 0.430   10.222  1.00 33.70 ? 164  LEU A CD1 1 
ATOM   1327 C  CD2 . LEU A 1 164 ? -12.974 0.106   11.429  1.00 34.49 ? 164  LEU A CD2 1 
ATOM   1328 O  OXT . LEU A 1 164 ? -10.029 -3.492  14.467  1.00 34.27 ? 164  LEU A OXT 1 
HETATM 1329 P  P   . PO4 B 2 .   ? -0.800  22.984  10.989  1.00 23.19 ? 901  PO4 A P   1 
HETATM 1330 O  O1  . PO4 B 2 .   ? 0.631   23.314  11.368  1.00 20.44 ? 901  PO4 A O1  1 
HETATM 1331 O  O2  . PO4 B 2 .   ? -1.266  21.718  11.667  1.00 20.05 ? 901  PO4 A O2  1 
HETATM 1332 O  O3  . PO4 B 2 .   ? -0.861  22.736  9.494   1.00 20.59 ? 901  PO4 A O3  1 
HETATM 1333 O  O4  . PO4 B 2 .   ? -1.675  24.166  11.372  1.00 20.94 ? 901  PO4 A O4  1 
HETATM 1334 P  P   . PO4 C 2 .   ? -14.898 0.896   4.701   1.00 33.75 ? 902  PO4 A P   1 
HETATM 1335 O  O1  . PO4 C 2 .   ? -13.425 0.750   4.420   1.00 33.93 ? 902  PO4 A O1  1 
HETATM 1336 O  O2  . PO4 C 2 .   ? -15.096 1.877   5.829   1.00 33.87 ? 902  PO4 A O2  1 
HETATM 1337 O  O3  . PO4 C 2 .   ? -15.483 -0.439  5.099   1.00 34.40 ? 902  PO4 A O3  1 
HETATM 1338 O  O4  . PO4 C 2 .   ? -15.602 1.391   3.457   1.00 33.14 ? 902  PO4 A O4  1 
HETATM 1339 CL CL6 A F3B D 3 .   ? 3.246   9.122   -0.043  0.55 63.24 ? 900  F3B A CL6 1 
HETATM 1340 CL CL6 B F3B D 3 .   ? 2.604   11.227  2.177   0.25 15.45 ? 900  F3B A CL6 1 
HETATM 1341 C  C6  A F3B D 3 .   ? 4.533   9.259   1.191   0.55 63.20 ? 900  F3B A C6  1 
HETATM 1342 C  C6  B F3B D 3 .   ? 4.034   10.189  1.934   0.25 15.02 ? 900  F3B A C6  1 
HETATM 1343 C  C1  A F3B D 3 .   ? 5.718   8.564   1.021   0.55 63.18 ? 900  F3B A C1  1 
HETATM 1344 C  C1  B F3B D 3 .   ? 4.066   9.397   0.808   0.25 15.14 ? 900  F3B A C1  1 
HETATM 1345 F  F1  A F3B D 3 .   ? 5.894   7.792   -0.065  0.55 63.16 ? 900  F3B A F1  1 
HETATM 1346 F  F1  B F3B D 3 .   ? 3.038   9.423   -0.055  0.25 15.07 ? 900  F3B A F1  1 
HETATM 1347 C  C5  A F3B D 3 .   ? 4.343   10.055  2.309   0.55 63.14 ? 900  F3B A C5  1 
HETATM 1348 C  C5  B F3B D 3 .   ? 5.094   10.169  2.829   0.25 14.95 ? 900  F3B A C5  1 
HETATM 1349 F  F5  A F3B D 3 .   ? 3.190   10.728  2.464   0.55 63.11 ? 900  F3B A F5  1 
HETATM 1350 F  F5  B F3B D 3 .   ? 5.086   10.937  3.930   0.25 14.55 ? 900  F3B A F5  1 
HETATM 1351 C  C4  A F3B D 3 .   ? 5.349   10.157  3.258   0.55 63.16 ? 900  F3B A C4  1 
HETATM 1352 C  C4  B F3B D 3 .   ? 6.180   9.350   2.580   0.25 15.01 ? 900  F3B A C4  1 
HETATM 1353 CL CL4 A F3B D 3 .   ? 5.138   11.176  4.714   0.55 63.24 ? 900  F3B A CL4 1 
HETATM 1354 CL CL4 B F3B D 3 .   ? 7.542   9.327   3.732   0.25 15.28 ? 900  F3B A CL4 1 
HETATM 1355 C  C3  A F3B D 3 .   ? 6.535   9.465   3.089   0.55 63.15 ? 900  F3B A C3  1 
HETATM 1356 C  C3  B F3B D 3 .   ? 6.215   8.547   1.455   0.25 14.99 ? 900  F3B A C3  1 
HETATM 1357 F  F3  A F3B D 3 .   ? 7.503   9.564   4.015   0.55 63.22 ? 900  F3B A F3  1 
HETATM 1358 F  F3  B F3B D 3 .   ? 7.272   7.749   1.226   0.25 14.81 ? 900  F3B A F3  1 
HETATM 1359 C  C2  A F3B D 3 .   ? 6.718   8.669   1.973   0.55 63.16 ? 900  F3B A C2  1 
HETATM 1360 C  C2  B F3B D 3 .   ? 5.149   8.580   0.572   0.25 15.06 ? 900  F3B A C2  1 
HETATM 1361 CL CL2 A F3B D 3 .   ? 8.253   7.775   1.767   0.55 63.17 ? 900  F3B A CL2 1 
HETATM 1362 CL CL2 B F3B D 3 .   ? 5.143   7.569   -0.893  0.25 15.31 ? 900  F3B A CL2 1 
HETATM 1363 C  C1  . HED E 4 .   ? 6.981   1.775   11.133  1.00 58.92 ? 904  HED A C1  1 
HETATM 1364 O  O1  . HED E 4 .   ? 8.301   2.246   10.980  1.00 58.97 ? 904  HED A O1  1 
HETATM 1365 C  C2  . HED E 4 .   ? 6.745   0.627   10.164  1.00 59.35 ? 904  HED A C2  1 
HETATM 1366 S  S3  . HED E 4 .   ? 7.776   -0.812  10.539  1.00 59.60 ? 904  HED A S3  1 
HETATM 1367 S  S4  . HED E 4 .   ? 8.937   -0.988  8.875   1.00 60.25 ? 904  HED A S4  1 
HETATM 1368 C  C5  . HED E 4 .   ? 10.583  -1.400  9.508   1.00 60.08 ? 904  HED A C5  1 
HETATM 1369 C  C6  . HED E 4 .   ? 10.551  -2.444  10.619  1.00 60.22 ? 904  HED A C6  1 
HETATM 1370 O  O6  . HED E 4 .   ? 9.703   -3.516  10.267  1.00 60.27 ? 904  HED A O6  1 
HETATM 1371 C  C1  . HED F 4 .   ? 3.457   -6.009  -6.361  1.00 47.60 ? 905  HED A C1  1 
HETATM 1372 O  O1  . HED F 4 .   ? 3.059   -6.932  -7.344  1.00 46.86 ? 905  HED A O1  1 
HETATM 1373 C  C2  . HED F 4 .   ? 2.832   -6.403  -5.031  1.00 47.90 ? 905  HED A C2  1 
HETATM 1374 S  S3  . HED F 4 .   ? 1.600   -5.195  -4.494  1.00 48.02 ? 905  HED A S3  1 
HETATM 1375 S  S4  . HED F 4 .   ? 2.590   -4.024  -3.143  1.00 49.06 ? 905  HED A S4  1 
HETATM 1376 C  C5  . HED F 4 .   ? 4.050   -3.381  -4.003  1.00 49.06 ? 905  HED A C5  1 
HETATM 1377 C  C6  . HED F 4 .   ? 5.099   -2.810  -3.054  1.00 49.02 ? 905  HED A C6  1 
HETATM 1378 O  O6  . HED F 4 .   ? 5.512   -1.545  -3.526  1.00 48.83 ? 905  HED A O6  1 
HETATM 1379 O  O   . HOH G 5 .   ? -8.004  -7.533  10.179  1.00 25.09 ? 906  HOH A O   1 
HETATM 1380 O  O   . HOH G 5 .   ? -5.215  23.275  7.163   1.00 22.92 ? 907  HOH A O   1 
HETATM 1381 O  O   . HOH G 5 .   ? -10.756 8.325   13.177  1.00 30.92 ? 908  HOH A O   1 
HETATM 1382 O  O   . HOH G 5 .   ? 6.934   -14.159 5.944   1.00 23.45 ? 909  HOH A O   1 
HETATM 1383 O  O   . HOH G 5 .   ? -11.693 11.760  8.371   1.00 32.53 ? 910  HOH A O   1 
HETATM 1384 O  O   . HOH G 5 .   ? 5.435   -8.231  -7.347  1.00 36.51 ? 911  HOH A O   1 
HETATM 1385 O  O   . HOH G 5 .   ? -16.804 -2.392  3.402   1.00 34.95 ? 912  HOH A O   1 
HETATM 1386 O  O   . HOH G 5 .   ? -4.760  5.484   -5.922  1.00 34.84 ? 913  HOH A O   1 
HETATM 1387 O  O   . HOH G 5 .   ? 13.762  7.547   14.349  1.00 28.47 ? 914  HOH A O   1 
HETATM 1388 O  O   . HOH G 5 .   ? -10.633 18.335  -0.820  1.00 30.46 ? 915  HOH A O   1 
HETATM 1389 O  O   . HOH G 5 .   ? -5.836  -11.252 10.910  1.00 39.63 ? 916  HOH A O   1 
HETATM 1390 O  O   . HOH G 5 .   ? -11.633 -1.630  -0.976  1.00 31.46 ? 917  HOH A O   1 
HETATM 1391 O  O   . HOH G 5 .   ? -2.873  -26.942 0.536   1.00 32.90 ? 918  HOH A O   1 
HETATM 1392 O  O   . HOH G 5 .   ? -1.983  -27.601 -3.989  1.00 33.74 ? 919  HOH A O   1 
HETATM 1393 O  O   . HOH G 5 .   ? 6.840   23.993  10.115  1.00 24.33 ? 920  HOH A O   1 
HETATM 1394 O  O   . HOH G 5 .   ? 11.576  13.441  0.764   1.00 40.26 ? 921  HOH A O   1 
HETATM 1395 O  O   . HOH G 5 .   ? -7.884  0.318   -1.172  1.00 20.90 ? 922  HOH A O   1 
HETATM 1396 O  O   A HOH G 5 .   ? 5.034   -10.811 -7.923  0.50 22.44 ? 923  HOH A O   1 
HETATM 1397 O  O   B HOH G 5 .   ? 3.424   -11.327 -8.668  0.50 22.17 ? 923  HOH A O   1 
HETATM 1398 O  O   . HOH G 5 .   ? -5.057  6.455   12.806  1.00 13.35 ? 924  HOH A O   1 
HETATM 1399 O  O   . HOH G 5 .   ? -2.199  19.058  14.075  1.00 14.63 ? 925  HOH A O   1 
HETATM 1400 O  O   . HOH G 5 .   ? -5.520  -6.411  11.097  1.00 11.49 ? 926  HOH A O   1 
HETATM 1401 O  O   . HOH G 5 .   ? 4.035   -17.366 5.463   1.00 18.97 ? 927  HOH A O   1 
HETATM 1402 O  O   . HOH G 5 .   ? 11.278  8.812   14.354  1.00 11.21 ? 928  HOH A O   1 
HETATM 1403 O  O   . HOH G 5 .   ? 6.848   -11.548 -5.703  1.00 18.13 ? 929  HOH A O   1 
HETATM 1404 O  O   . HOH G 5 .   ? 9.846   -16.113 -2.213  1.00 15.84 ? 930  HOH A O   1 
HETATM 1405 O  O   . HOH G 5 .   ? -3.053  22.585  2.919   1.00 18.80 ? 931  HOH A O   1 
HETATM 1406 O  O   . HOH G 5 .   ? 7.320   -17.152 -2.762  1.00 15.83 ? 932  HOH A O   1 
HETATM 1407 O  O   . HOH G 5 .   ? -3.466  -1.864  -3.163  1.00 18.33 ? 933  HOH A O   1 
HETATM 1408 O  O   . HOH G 5 .   ? -4.887  -6.998  -14.463 1.00 14.40 ? 934  HOH A O   1 
HETATM 1409 O  O   . HOH G 5 .   ? -8.178  16.565  7.488   1.00 16.63 ? 935  HOH A O   1 
HETATM 1410 O  O   . HOH G 5 .   ? -1.845  -25.750 -1.989  1.00 17.62 ? 936  HOH A O   1 
HETATM 1411 O  O   . HOH G 5 .   ? -16.541 14.122  -5.285  1.00 18.63 ? 937  HOH A O   1 
HETATM 1412 O  O   . HOH G 5 .   ? 10.003  -14.711 2.092   1.00 16.54 ? 938  HOH A O   1 
HETATM 1413 O  O   . HOH G 5 .   ? -9.266  13.241  5.028   1.00 16.60 ? 939  HOH A O   1 
HETATM 1414 O  O   . HOH G 5 .   ? 13.320  3.456   -4.895  1.00 20.57 ? 940  HOH A O   1 
HETATM 1415 O  O   . HOH G 5 .   ? 2.067   -9.051  17.031  1.00 18.97 ? 941  HOH A O   1 
HETATM 1416 O  O   . HOH G 5 .   ? -5.977  -24.242 -1.674  1.00 24.01 ? 942  HOH A O   1 
HETATM 1417 O  O   . HOH G 5 .   ? 0.783   -24.948 -1.116  1.00 16.52 ? 943  HOH A O   1 
HETATM 1418 O  O   . HOH G 5 .   ? 3.358   8.962   16.704  1.00 18.61 ? 944  HOH A O   1 
HETATM 1419 O  O   . HOH G 5 .   ? -3.806  -4.731  -6.234  1.00 16.96 ? 945  HOH A O   1 
HETATM 1420 O  O   . HOH G 5 .   ? 0.896   -23.600 2.280   1.00 23.45 ? 946  HOH A O   1 
HETATM 1421 O  O   . HOH G 5 .   ? 3.477   -2.247  17.596  1.00 18.25 ? 947  HOH A O   1 
HETATM 1422 O  O   . HOH G 5 .   ? -7.147  5.281   -5.128  1.00 17.76 ? 948  HOH A O   1 
HETATM 1423 O  O   . HOH G 5 .   ? -2.434  13.531  18.087  1.00 21.89 ? 949  HOH A O   1 
HETATM 1424 O  O   . HOH G 5 .   ? -11.150 -9.801  3.167   1.00 20.76 ? 950  HOH A O   1 
HETATM 1425 O  O   . HOH G 5 .   ? 0.022   4.688   19.862  1.00 19.76 ? 951  HOH A O   1 
HETATM 1426 O  O   . HOH G 5 .   ? -10.566 16.457  -4.501  1.00 24.30 ? 952  HOH A O   1 
HETATM 1427 O  O   . HOH G 5 .   ? -9.631  -7.825  -17.122 1.00 21.71 ? 953  HOH A O   1 
HETATM 1428 O  O   . HOH G 5 .   ? -10.854 -2.378  4.097   1.00 25.38 ? 954  HOH A O   1 
HETATM 1429 O  O   . HOH G 5 .   ? -8.314  2.975   -6.541  1.00 21.01 ? 955  HOH A O   1 
HETATM 1430 O  O   . HOH G 5 .   ? -12.431 -10.017 -17.002 1.00 22.95 ? 956  HOH A O   1 
HETATM 1431 O  O   . HOH G 5 .   ? 5.777   -20.718 0.071   1.00 20.88 ? 957  HOH A O   1 
HETATM 1432 O  O   . HOH G 5 .   ? -11.257 2.698   -6.557  1.00 17.92 ? 958  HOH A O   1 
HETATM 1433 O  O   . HOH G 5 .   ? -7.829  -6.968  -15.332 1.00 21.09 ? 959  HOH A O   1 
HETATM 1434 O  O   . HOH G 5 .   ? -5.033  -21.656 3.740   1.00 19.16 ? 960  HOH A O   1 
HETATM 1435 O  O   . HOH G 5 .   ? 10.522  -8.542  -1.702  1.00 19.95 ? 961  HOH A O   1 
HETATM 1436 O  O   . HOH G 5 .   ? -12.144 4.447   -13.334 1.00 20.50 ? 962  HOH A O   1 
HETATM 1437 O  O   . HOH G 5 .   ? 5.973   -23.180 -3.541  1.00 27.71 ? 963  HOH A O   1 
HETATM 1438 O  O   . HOH G 5 .   ? -9.817  17.563  3.761   1.00 25.45 ? 964  HOH A O   1 
HETATM 1439 O  O   . HOH G 5 .   ? -10.856 -5.159  -15.201 1.00 22.04 ? 965  HOH A O   1 
HETATM 1440 O  O   . HOH G 5 .   ? 15.082  13.783  6.866   1.00 17.14 ? 966  HOH A O   1 
HETATM 1441 O  O   . HOH G 5 .   ? 1.556   -5.001  -15.228 1.00 25.43 ? 967  HOH A O   1 
HETATM 1442 O  O   . HOH G 5 .   ? -12.273 -14.223 -7.070  1.00 27.44 ? 968  HOH A O   1 
HETATM 1443 O  O   . HOH G 5 .   ? 8.796   17.330  -1.405  1.00 27.92 ? 969  HOH A O   1 
HETATM 1444 O  O   . HOH G 5 .   ? -10.578 9.266   10.294  1.00 26.96 ? 970  HOH A O   1 
HETATM 1445 O  O   . HOH G 5 .   ? -9.119  11.990  7.349   1.00 18.43 ? 971  HOH A O   1 
HETATM 1446 O  O   . HOH G 5 .   ? -3.602  7.141   20.779  1.00 30.75 ? 972  HOH A O   1 
HETATM 1447 O  O   . HOH G 5 .   ? -5.449  -12.427 8.586   1.00 29.97 ? 973  HOH A O   1 
HETATM 1448 O  O   . HOH G 5 .   ? -8.371  1.545   -13.242 1.00 28.47 ? 974  HOH A O   1 
HETATM 1449 O  O   . HOH G 5 .   ? 0.821   11.318  -7.831  1.00 26.40 ? 975  HOH A O   1 
HETATM 1450 O  O   . HOH G 5 .   ? -1.405  -10.196 8.224   1.00 27.00 ? 976  HOH A O   1 
HETATM 1451 O  O   . HOH G 5 .   ? -3.474  22.346  -0.030  1.00 21.68 ? 977  HOH A O   1 
HETATM 1452 O  O   . HOH G 5 .   ? -6.468  -4.936  -16.659 1.00 26.01 ? 978  HOH A O   1 
HETATM 1453 O  O   . HOH G 5 .   ? -8.659  -13.156 -19.559 1.00 23.32 ? 979  HOH A O   1 
HETATM 1454 O  O   . HOH G 5 .   ? 4.074   -27.181 -9.409  1.00 26.26 ? 980  HOH A O   1 
HETATM 1455 O  O   . HOH G 5 .   ? -15.952 13.962  2.501   1.00 36.36 ? 981  HOH A O   1 
HETATM 1456 O  O   . HOH G 5 .   ? -10.430 -5.947  5.698   1.00 28.57 ? 982  HOH A O   1 
HETATM 1457 O  O   . HOH G 5 .   ? -6.185  -24.605 -8.711  1.00 33.29 ? 983  HOH A O   1 
HETATM 1458 O  O   . HOH G 5 .   ? 10.463  20.288  10.438  1.00 30.10 ? 984  HOH A O   1 
HETATM 1459 O  O   . HOH G 5 .   ? -7.781  13.982  9.020   1.00 23.00 ? 985  HOH A O   1 
HETATM 1460 O  O   . HOH G 5 .   ? 3.252   -23.730 5.428   1.00 35.70 ? 986  HOH A O   1 
HETATM 1461 O  O   . HOH G 5 .   ? 6.829   -19.535 -1.989  1.00 21.13 ? 987  HOH A O   1 
HETATM 1462 O  O   . HOH G 5 .   ? 4.882   -12.520 -10.367 1.00 23.38 ? 988  HOH A O   1 
HETATM 1463 O  O   . HOH G 5 .   ? -7.949  -9.158  -0.247  1.00 27.36 ? 989  HOH A O   1 
HETATM 1464 O  O   . HOH G 5 .   ? 0.228   8.411   21.050  1.00 32.29 ? 990  HOH A O   1 
HETATM 1465 O  O   . HOH G 5 .   ? 16.983  5.635   6.696   1.00 30.58 ? 991  HOH A O   1 
HETATM 1466 O  O   . HOH G 5 .   ? 3.166   -21.850 -14.635 1.00 26.70 ? 992  HOH A O   1 
HETATM 1467 O  O   . HOH G 5 .   ? -6.561  23.182  11.458  1.00 33.53 ? 993  HOH A O   1 
HETATM 1468 O  O   . HOH G 5 .   ? -10.492 0.762   -0.417  1.00 25.53 ? 994  HOH A O   1 
HETATM 1469 O  O   . HOH G 5 .   ? 15.078  4.887   -6.762  1.00 34.84 ? 995  HOH A O   1 
HETATM 1470 O  O   . HOH G 5 .   ? -5.464  17.903  14.051  1.00 22.39 ? 996  HOH A O   1 
HETATM 1471 O  O   . HOH G 5 .   ? -5.671  -5.590  13.990  1.00 24.16 ? 997  HOH A O   1 
HETATM 1472 O  O   . HOH G 5 .   ? -11.633 7.152   9.110   1.00 32.86 ? 998  HOH A O   1 
HETATM 1473 O  O   . HOH G 5 .   ? -9.966  -7.537  -1.198  1.00 36.42 ? 999  HOH A O   1 
HETATM 1474 O  O   A HOH G 5 .   ? 6.697   -13.926 -16.274 0.50 10.33 ? 1000 HOH A O   1 
HETATM 1475 O  O   B HOH G 5 .   ? 5.543   -14.781 -16.205 0.50 14.70 ? 1000 HOH A O   1 
HETATM 1476 O  O   . HOH G 5 .   ? -7.399  22.034  8.177   1.00 35.68 ? 1001 HOH A O   1 
HETATM 1477 O  O   . HOH G 5 .   ? -7.052  -1.993  -2.110  1.00 25.61 ? 1002 HOH A O   1 
HETATM 1478 O  O   . HOH G 5 .   ? -11.412 -12.571 -15.213 1.00 29.57 ? 1003 HOH A O   1 
HETATM 1479 O  O   . HOH G 5 .   ? -2.187  -8.672  16.815  1.00 38.80 ? 1004 HOH A O   1 
HETATM 1480 O  O   . HOH G 5 .   ? 17.732  7.471   -1.331  1.00 30.47 ? 1005 HOH A O   1 
HETATM 1481 O  O   . HOH G 5 .   ? -1.781  -15.716 10.676  1.00 32.12 ? 1006 HOH A O   1 
HETATM 1482 O  O   . HOH G 5 .   ? 3.034   24.163  -2.387  1.00 40.74 ? 1007 HOH A O   1 
HETATM 1483 O  O   A HOH G 5 .   ? -0.380  -3.538  -3.407  0.50 7.84  ? 1008 HOH A O   1 
HETATM 1484 O  O   B HOH G 5 .   ? -1.737  -3.775  -4.450  0.50 5.53  ? 1008 HOH A O   1 
HETATM 1485 O  O   . HOH G 5 .   ? -12.062 0.857   2.338   1.00 35.70 ? 1009 HOH A O   1 
HETATM 1486 O  O   . HOH G 5 .   ? -4.146  -8.839  11.504  1.00 16.64 ? 1010 HOH A O   1 
HETATM 1487 O  O   . HOH G 5 .   ? -12.638 -1.666  5.835   1.00 36.56 ? 1011 HOH A O   1 
HETATM 1488 O  O   . HOH G 5 .   ? -10.899 -12.493 -10.953 1.00 29.81 ? 1012 HOH A O   1 
HETATM 1489 O  O   . HOH G 5 .   ? 3.456   -22.732 2.964   1.00 26.81 ? 1013 HOH A O   1 
HETATM 1490 O  O   . HOH G 5 .   ? 4.443   -20.189 2.512   1.00 22.68 ? 1014 HOH A O   1 
HETATM 1491 O  O   . HOH G 5 .   ? 9.533   16.516  0.873   1.00 34.87 ? 1015 HOH A O   1 
HETATM 1492 O  O   . HOH G 5 .   ? -10.080 -10.069 -18.332 1.00 11.56 ? 1016 HOH A O   1 
HETATM 1493 O  O   . HOH G 5 .   ? -2.756  4.246   1.158   1.00 12.48 ? 1017 HOH A O   1 
HETATM 1494 O  O   . HOH G 5 .   ? 11.988  15.198  11.920  1.00 8.90  ? 1018 HOH A O   1 
HETATM 1495 O  O   . HOH G 5 .   ? 0.704   -8.941  -0.323  1.00 10.43 ? 1019 HOH A O   1 
HETATM 1496 O  O   . HOH G 5 .   ? -11.541 3.394   0.363   1.00 11.06 ? 1020 HOH A O   1 
HETATM 1497 O  O   . HOH G 5 .   ? 0.749   -7.989  14.704  1.00 10.81 ? 1021 HOH A O   1 
HETATM 1498 O  O   . HOH G 5 .   ? -0.535  -11.538 -0.180  1.00 9.45  ? 1022 HOH A O   1 
HETATM 1499 O  O   . HOH G 5 .   ? -7.473  -5.439  -1.763  1.00 12.55 ? 1023 HOH A O   1 
HETATM 1500 O  O   . HOH G 5 .   ? 8.486   -10.050 9.027   1.00 12.56 ? 1024 HOH A O   1 
HETATM 1501 O  O   . HOH G 5 .   ? 1.135   7.328   18.918  1.00 13.55 ? 1025 HOH A O   1 
HETATM 1502 O  O   . HOH G 5 .   ? -0.252  -4.704  17.457  1.00 18.50 ? 1026 HOH A O   1 
HETATM 1503 O  O   . HOH G 5 .   ? -12.836 3.708   8.474   1.00 15.83 ? 1027 HOH A O   1 
HETATM 1504 O  O   . HOH G 5 .   ? -14.365 4.276   -5.854  1.00 12.88 ? 1028 HOH A O   1 
HETATM 1505 O  O   . HOH G 5 .   ? 7.828   -13.964 -4.725  1.00 13.52 ? 1029 HOH A O   1 
HETATM 1506 O  O   . HOH G 5 .   ? -12.567 6.211   6.779   1.00 11.93 ? 1030 HOH A O   1 
HETATM 1507 O  O   . HOH G 5 .   ? -15.142 11.818  -5.770  1.00 14.72 ? 1031 HOH A O   1 
HETATM 1508 O  O   . HOH G 5 .   ? 10.192  -18.028 -9.174  1.00 11.25 ? 1032 HOH A O   1 
HETATM 1509 O  O   . HOH G 5 .   ? -12.153 0.488   -11.225 1.00 13.17 ? 1033 HOH A O   1 
HETATM 1510 O  O   . HOH G 5 .   ? 8.018   14.945  9.617   1.00 12.93 ? 1034 HOH A O   1 
HETATM 1511 O  O   . HOH G 5 .   ? -15.071 1.685   0.837   1.00 14.31 ? 1035 HOH A O   1 
HETATM 1512 O  O   . HOH G 5 .   ? -9.557  -0.378  2.065   1.00 17.47 ? 1036 HOH A O   1 
HETATM 1513 O  O   . HOH G 5 .   ? -1.896  -22.024 5.055   1.00 16.25 ? 1037 HOH A O   1 
HETATM 1514 O  O   . HOH G 5 .   ? -8.118  15.815  4.735   1.00 18.07 ? 1038 HOH A O   1 
HETATM 1515 O  O   . HOH G 5 .   ? -11.751 4.674   10.768  1.00 16.83 ? 1039 HOH A O   1 
HETATM 1516 O  O   . HOH G 5 .   ? 4.382   -22.858 -1.156  1.00 16.76 ? 1040 HOH A O   1 
HETATM 1517 O  O   . HOH G 5 .   ? -6.704  18.826  8.437   1.00 17.48 ? 1041 HOH A O   1 
HETATM 1518 O  O   . HOH G 5 .   ? 5.956   -10.907 -3.113  1.00 13.14 ? 1042 HOH A O   1 
HETATM 1519 O  O   . HOH G 5 .   ? -5.406  -4.553  -3.715  1.00 15.98 ? 1043 HOH A O   1 
HETATM 1520 O  O   . HOH G 5 .   ? 7.884   -13.649 3.470   1.00 15.40 ? 1044 HOH A O   1 
HETATM 1521 O  O   . HOH G 5 .   ? 0.154   20.272  13.294  1.00 19.14 ? 1045 HOH A O   1 
HETATM 1522 O  O   . HOH G 5 .   ? -3.104  -24.186 -6.043  1.00 17.60 ? 1046 HOH A O   1 
HETATM 1523 O  O   . HOH G 5 .   ? 2.583   -4.777  17.257  1.00 16.51 ? 1047 HOH A O   1 
HETATM 1524 O  O   . HOH G 5 .   ? -8.864  18.952  1.185   1.00 15.78 ? 1048 HOH A O   1 
HETATM 1525 O  O   . HOH G 5 .   ? -1.677  16.483  15.272  1.00 17.06 ? 1049 HOH A O   1 
HETATM 1526 O  O   . HOH G 5 .   ? -11.875 13.971  4.631   1.00 21.97 ? 1050 HOH A O   1 
HETATM 1527 O  O   . HOH G 5 .   ? -11.494 -5.192  -5.268  1.00 19.16 ? 1051 HOH A O   1 
HETATM 1528 O  O   . HOH G 5 .   ? -10.582 -16.418 -0.065  1.00 21.94 ? 1052 HOH A O   1 
HETATM 1529 O  O   . HOH G 5 .   ? -2.585  5.184   18.882  1.00 15.84 ? 1053 HOH A O   1 
HETATM 1530 O  O   . HOH G 5 .   ? 2.740   -17.086 7.848   1.00 18.79 ? 1054 HOH A O   1 
HETATM 1531 O  O   . HOH G 5 .   ? -3.755  -1.167  -8.113  1.00 24.20 ? 1055 HOH A O   1 
HETATM 1532 O  O   . HOH G 5 .   ? -11.893 3.476   -9.151  1.00 20.24 ? 1056 HOH A O   1 
HETATM 1533 O  O   . HOH G 5 .   ? -2.945  -12.348 7.611   1.00 25.42 ? 1057 HOH A O   1 
HETATM 1534 O  O   . HOH G 5 .   ? -3.712  -23.851 -2.888  1.00 23.47 ? 1058 HOH A O   1 
HETATM 1535 O  O   . HOH G 5 .   ? -1.174  -19.088 -17.330 1.00 20.43 ? 1059 HOH A O   1 
HETATM 1536 O  O   . HOH G 5 .   ? -6.719  -22.051 -0.458  1.00 23.68 ? 1060 HOH A O   1 
HETATM 1537 O  O   . HOH G 5 .   ? -10.696 2.851   -11.582 1.00 23.40 ? 1061 HOH A O   1 
HETATM 1538 O  O   . HOH G 5 .   ? 4.362   -14.924 6.448   1.00 22.01 ? 1062 HOH A O   1 
HETATM 1539 O  O   . HOH G 5 .   ? 11.491  -2.334  -3.756  1.00 29.81 ? 1063 HOH A O   1 
HETATM 1540 O  O   . HOH G 5 .   ? 7.100   11.179  -4.759  1.00 28.54 ? 1064 HOH A O   1 
HETATM 1541 O  O   . HOH G 5 .   ? 1.123   -26.929 -7.142  1.00 32.94 ? 1065 HOH A O   1 
HETATM 1542 O  O   . HOH G 5 .   ? -8.783  -1.818  -15.181 1.00 26.66 ? 1066 HOH A O   1 
HETATM 1543 O  O   . HOH G 5 .   ? -11.249 -8.803  5.960   1.00 38.41 ? 1067 HOH A O   1 
HETATM 1544 O  O   . HOH G 5 .   ? -10.083 -6.784  8.617   1.00 39.35 ? 1068 HOH A O   1 
HETATM 1545 O  O   . HOH G 5 .   ? -0.949  -18.466 8.675   1.00 32.78 ? 1069 HOH A O   1 
HETATM 1546 O  O   . HOH G 5 .   ? -4.466  7.310   -7.836  1.00 35.80 ? 1070 HOH A O   1 
HETATM 1547 O  O   . HOH G 5 .   ? -0.566  -24.321 4.435   1.00 34.02 ? 1071 HOH A O   1 
HETATM 1548 O  O   . HOH G 5 .   ? 5.317   16.104  -8.665  1.00 37.46 ? 1072 HOH A O   1 
HETATM 1549 O  O   . HOH G 5 .   ? -4.003  0.800   18.478  1.00 30.06 ? 1073 HOH A O   1 
HETATM 1550 O  O   . HOH G 5 .   ? 0.637   11.131  -10.370 1.00 33.73 ? 1074 HOH A O   1 
HETATM 1551 O  O   . HOH G 5 .   ? -5.078  24.022  4.388   1.00 26.42 ? 1075 HOH A O   1 
HETATM 1552 O  O   . HOH G 5 .   ? -11.182 -15.921 -2.623  1.00 31.58 ? 1076 HOH A O   1 
HETATM 1553 O  O   . HOH G 5 .   ? -13.017 -10.777 -11.004 1.00 32.00 ? 1077 HOH A O   1 
HETATM 1554 O  O   . HOH G 5 .   ? -4.345  -0.490  -5.244  1.00 26.52 ? 1078 HOH A O   1 
HETATM 1555 O  O   . HOH G 5 .   ? -4.289  3.286   19.740  1.00 32.25 ? 1079 HOH A O   1 
HETATM 1556 O  O   . HOH G 5 .   ? -15.918 8.790   2.398   1.00 29.42 ? 1080 HOH A O   1 
HETATM 1557 O  O   . HOH G 5 .   ? 0.253   23.365  -3.031  1.00 29.08 ? 1081 HOH A O   1 
HETATM 1558 O  O   . HOH G 5 .   ? 0.734   -17.272 11.532  1.00 28.89 ? 1082 HOH A O   1 
HETATM 1559 O  O   . HOH G 5 .   ? -9.078  -2.998  -0.455  1.00 30.79 ? 1083 HOH A O   1 
HETATM 1560 O  O   . HOH G 5 .   ? 16.390  15.710  5.618   1.00 25.43 ? 1084 HOH A O   1 
HETATM 1561 O  O   . HOH G 5 .   ? 6.290   2.762   -8.736  1.00 33.92 ? 1085 HOH A O   1 
HETATM 1562 O  O   . HOH G 5 .   ? -7.751  -3.326  -4.113  1.00 27.13 ? 1086 HOH A O   1 
HETATM 1563 O  O   . HOH G 5 .   ? 4.224   22.173  0.240   1.00 29.87 ? 1087 HOH A O   1 
HETATM 1564 O  O   . HOH G 5 .   ? 5.134   -24.513 1.103   1.00 28.82 ? 1088 HOH A O   1 
HETATM 1565 O  O   . HOH G 5 .   ? 4.798   23.966  2.510   1.00 29.26 ? 1089 HOH A O   1 
HETATM 1566 O  O   . HOH G 5 .   ? -3.470  16.016  17.303  1.00 37.43 ? 1090 HOH A O   1 
HETATM 1567 O  O   . HOH G 5 .   ? -2.021  26.369  9.750   1.00 28.59 ? 1091 HOH A O   1 
HETATM 1568 O  O   . HOH G 5 .   ? -10.901 15.862  -1.855  1.00 32.23 ? 1092 HOH A O   1 
HETATM 1569 O  O   . HOH G 5 .   ? -10.435 -16.537 -9.107  1.00 33.59 ? 1093 HOH A O   1 
HETATM 1570 O  O   . HOH G 5 .   ? -9.467  -21.123 -1.071  1.00 34.04 ? 1094 HOH A O   1 
HETATM 1571 O  O   . HOH G 5 .   ? -11.856 -7.587  -2.981  1.00 28.65 ? 1095 HOH A O   1 
HETATM 1572 O  O   . HOH G 5 .   ? 21.052  -0.433  -0.918  1.00 46.63 ? 1096 HOH A O   1 
HETATM 1573 O  O   . HOH G 5 .   ? -4.349  -9.220  14.195  1.00 31.49 ? 1097 HOH A O   1 
HETATM 1574 O  O   . HOH G 5 .   ? 17.295  12.567  -0.741  1.00 35.67 ? 1098 HOH A O   1 
HETATM 1575 O  O   . HOH G 5 .   ? -10.894 -14.105 -4.501  1.00 31.06 ? 1099 HOH A O   1 
HETATM 1576 O  O   . HOH G 5 .   ? -6.705  -15.242 -20.323 1.00 35.67 ? 1100 HOH A O   1 
HETATM 1577 O  O   . HOH G 5 .   ? 9.729   25.044  11.394  1.00 38.45 ? 1101 HOH A O   1 
HETATM 1578 O  O   . HOH G 5 .   ? 10.494  -20.638 -9.879  1.00 36.00 ? 1102 HOH A O   1 
HETATM 1579 O  O   . HOH G 5 .   ? -5.676  -14.270 -22.598 1.00 49.23 ? 1103 HOH A O   1 
HETATM 1580 O  O   . HOH G 5 .   ? -1.315  -1.609  -6.087  1.00 38.04 ? 1104 HOH A O   1 
HETATM 1581 O  O   . HOH G 5 .   ? -5.769  8.781   20.765  1.00 37.21 ? 1105 HOH A O   1 
HETATM 1582 O  O   . HOH G 5 .   ? -1.434  24.611  2.984   1.00 36.13 ? 1106 HOH A O   1 
HETATM 1583 O  O   . HOH G 5 .   ? -11.566 -14.283 -12.761 1.00 38.96 ? 1107 HOH A O   1 
HETATM 1584 O  O   . HOH G 5 .   ? -9.446  -6.718  12.541  1.00 34.40 ? 1108 HOH A O   1 
HETATM 1585 O  O   . HOH G 5 .   ? -10.802 -19.104 0.460   1.00 32.85 ? 1109 HOH A O   1 
HETATM 1586 O  O   . HOH G 5 .   ? 0.476   -20.390 -15.651 1.00 38.16 ? 1110 HOH A O   1 
HETATM 1587 O  O   . HOH G 5 .   ? 17.164  11.519  5.400   1.00 36.38 ? 1111 HOH A O   1 
HETATM 1588 O  O   . HOH G 5 .   ? 16.065  8.210   -6.139  1.00 31.16 ? 1112 HOH A O   1 
HETATM 1589 O  O   . HOH G 5 .   ? -17.344 7.580   5.004   1.00 41.47 ? 1113 HOH A O   1 
HETATM 1590 O  O   . HOH G 5 .   ? -0.716  -25.835 -16.224 1.00 33.91 ? 1114 HOH A O   1 
HETATM 1591 O  O   . HOH G 5 .   ? 10.692  18.289  2.428   1.00 39.95 ? 1115 HOH A O   1 
HETATM 1592 O  O   . HOH G 5 .   ? -9.894  -4.413  -3.107  1.00 39.90 ? 1116 HOH A O   1 
HETATM 1593 O  O   . HOH G 5 .   ? -11.579 -4.667  9.599   1.00 36.07 ? 1117 HOH A O   1 
HETATM 1594 O  O   . HOH G 5 .   ? -0.470  4.232   -8.905  1.00 47.24 ? 1118 HOH A O   1 
HETATM 1595 O  O   . HOH G 5 .   ? 9.750   14.920  -2.700  1.00 34.67 ? 1119 HOH A O   1 
HETATM 1596 O  O   . HOH G 5 .   ? -2.207  9.034   21.970  1.00 39.08 ? 1120 HOH A O   1 
HETATM 1597 O  O   . HOH G 5 .   ? -8.240  18.991  12.066  1.00 41.44 ? 1121 HOH A O   1 
HETATM 1598 O  O   . HOH G 5 .   ? 14.479  1.164   -5.730  1.00 32.18 ? 1122 HOH A O   1 
HETATM 1599 O  O   . HOH G 5 .   ? -7.207  -18.968 -17.310 1.00 38.60 ? 1123 HOH A O   1 
HETATM 1600 O  O   . HOH G 5 .   ? -8.962  -10.380 -21.569 1.00 36.92 ? 1124 HOH A O   1 
HETATM 1601 O  O   . HOH G 5 .   ? 14.120  -1.334  -3.724  1.00 41.94 ? 1125 HOH A O   1 
HETATM 1602 O  O   . HOH G 5 .   ? 2.880   11.963  -11.488 1.00 40.99 ? 1126 HOH A O   1 
HETATM 1603 O  O   . HOH G 5 .   ? -4.361  3.490   -7.753  1.00 36.74 ? 1127 HOH A O   1 
HETATM 1604 O  O   . HOH G 5 .   ? 12.869  15.068  -0.719  1.00 38.55 ? 1128 HOH A O   1 
HETATM 1605 O  O   . HOH G 5 .   ? 13.012  -7.162  -0.865  1.00 47.94 ? 1129 HOH A O   1 
HETATM 1606 O  O   . HOH G 5 .   ? -12.890 18.100  -5.290  1.00 26.87 ? 1130 HOH A O   1 
HETATM 1607 O  O   . HOH G 5 .   ? -13.345 13.544  6.888   1.00 41.93 ? 1131 HOH A O   1 
HETATM 1608 O  O   . HOH G 5 .   ? 19.832  -2.681  -4.287  1.00 51.69 ? 1132 HOH A O   1 
HETATM 1609 O  O   . HOH G 5 .   ? -7.519  -3.828  15.084  1.00 37.21 ? 1133 HOH A O   1 
HETATM 1610 O  O   . HOH G 5 .   ? 7.328   -6.383  -6.690  1.00 36.37 ? 1134 HOH A O   1 
HETATM 1611 O  O   . HOH G 5 .   ? -11.060 5.799   17.485  1.00 34.68 ? 1135 HOH A O   1 
HETATM 1612 O  O   . HOH G 5 .   ? -2.174  0.226   -9.754  1.00 42.13 ? 1136 HOH A O   1 
HETATM 1613 O  O   A HOH G 5 .   ? -8.601  -17.893 -11.208 0.50 18.21 ? 1137 HOH A O   1 
HETATM 1614 O  O   B HOH G 5 .   ? -8.974  -18.788 -8.937  0.50 14.71 ? 1137 HOH A O   1 
HETATM 1615 O  O   A HOH G 5 .   ? 1.475   -15.414 -19.518 0.50 20.83 ? 1138 HOH A O   1 
HETATM 1616 O  O   B HOH G 5 .   ? 0.211   -16.787 -20.008 0.50 17.74 ? 1138 HOH A O   1 
HETATM 1617 O  O   . HOH G 5 .   ? -8.024  -17.843 5.152   1.00 36.83 ? 1139 HOH A O   1 
HETATM 1618 O  O   . HOH G 5 .   ? 4.218   -17.819 -1.183  1.00 45.58 ? 1140 HOH A O   1 
HETATM 1619 O  O   . HOH G 5 .   ? 13.067  -5.122  -2.510  1.00 34.67 ? 1141 HOH A O   1 
HETATM 1620 O  O   . HOH G 5 .   ? 8.297   14.371  -4.946  1.00 38.88 ? 1142 HOH A O   1 
HETATM 1621 O  O   . HOH G 5 .   ? 7.020   1.321   -6.300  1.00 39.11 ? 1143 HOH A O   1 
HETATM 1622 O  O   . HOH G 5 .   ? -4.794  24.917  9.180   1.00 32.35 ? 1144 HOH A O   1 
HETATM 1623 O  O   . HOH G 5 .   ? -12.243 16.503  2.476   1.00 36.76 ? 1145 HOH A O   1 
# 
loop_
_pdbx_poly_seq_scheme.asym_id 
_pdbx_poly_seq_scheme.entity_id 
_pdbx_poly_seq_scheme.seq_id 
_pdbx_poly_seq_scheme.mon_id 
_pdbx_poly_seq_scheme.ndb_seq_num 
_pdbx_poly_seq_scheme.pdb_seq_num 
_pdbx_poly_seq_scheme.auth_seq_num 
_pdbx_poly_seq_scheme.pdb_mon_id 
_pdbx_poly_seq_scheme.auth_mon_id 
_pdbx_poly_seq_scheme.pdb_strand_id 
_pdbx_poly_seq_scheme.pdb_ins_code 
_pdbx_poly_seq_scheme.hetero 
A 1 1   MET 1   1   1   MET MET A . n 
A 1 2   ASN 2   2   2   ASN ASN A . n 
A 1 3   ILE 3   3   3   ILE ILE A . n 
A 1 4   PHE 4   4   4   PHE PHE A . n 
A 1 5   GLU 5   5   5   GLU GLU A . n 
A 1 6   MET 6   6   6   MET MET A . n 
A 1 7   LEU 7   7   7   LEU LEU A . n 
A 1 8   ARG 8   8   8   ARG ARG A . n 
A 1 9   ILE 9   9   9   ILE ILE A . n 
A 1 10  ASP 10  10  10  ASP ASP A . n 
A 1 11  GLU 11  11  11  GLU GLU A . n 
A 1 12  GLY 12  12  12  GLY GLY A . n 
A 1 13  LEU 13  13  13  LEU LEU A . n 
A 1 14  ARG 14  14  14  ARG ARG A . n 
A 1 15  LEU 15  15  15  LEU LEU A . n 
A 1 16  LYS 16  16  16  LYS LYS A . n 
A 1 17  ILE 17  17  17  ILE ILE A . n 
A 1 18  TYR 18  18  18  TYR TYR A . n 
A 1 19  LYS 19  19  19  LYS LYS A . n 
A 1 20  ASP 20  20  20  ASP ASP A . n 
A 1 21  THR 21  21  21  THR THR A . n 
A 1 22  GLU 22  22  22  GLU GLU A . n 
A 1 23  GLY 23  23  23  GLY GLY A . n 
A 1 24  TYR 24  24  24  TYR TYR A . n 
A 1 25  TYR 25  25  25  TYR TYR A . n 
A 1 26  THR 26  26  26  THR THR A . n 
A 1 27  ILE 27  27  27  ILE ILE A . n 
A 1 28  GLY 28  28  28  GLY GLY A . n 
A 1 29  ILE 29  29  29  ILE ILE A . n 
A 1 30  GLY 30  30  30  GLY GLY A . n 
A 1 31  HIS 31  31  31  HIS HIS A . n 
A 1 32  LEU 32  32  32  LEU LEU A . n 
A 1 33  LEU 33  33  33  LEU LEU A . n 
A 1 34  THR 34  34  34  THR THR A . n 
A 1 35  LYS 35  35  35  LYS LYS A . n 
A 1 36  SER 36  36  36  SER SER A . n 
A 1 37  PRO 37  37  37  PRO PRO A . n 
A 1 38  SER 38  38  38  SER SER A . n 
A 1 39  LEU 39  39  39  LEU LEU A . n 
A 1 40  ASN 40  40  40  ASN ASN A . n 
A 1 41  ALA 41  41  41  ALA ALA A . n 
A 1 42  ALA 42  42  42  ALA ALA A . n 
A 1 43  LYS 43  43  43  LYS LYS A . n 
A 1 44  SER 44  44  44  SER SER A . n 
A 1 45  GLU 45  45  45  GLU GLU A . n 
A 1 46  LEU 46  46  46  LEU LEU A . n 
A 1 47  ASP 47  47  47  ASP ASP A . n 
A 1 48  LYS 48  48  48  LYS LYS A . n 
A 1 49  ALA 49  49  49  ALA ALA A . n 
A 1 50  ILE 50  50  50  ILE ILE A . n 
A 1 51  GLY 51  51  51  GLY GLY A . n 
A 1 52  ARG 52  52  52  ARG ARG A . n 
A 1 53  ASN 53  53  53  ASN ASN A . n 
A 1 54  THR 54  54  54  THR THR A . n 
A 1 55  ASN 55  55  55  ASN ASN A . n 
A 1 56  GLY 56  56  56  GLY GLY A . n 
A 1 57  VAL 57  57  57  VAL VAL A . n 
A 1 58  ILE 58  58  58  ILE ILE A . n 
A 1 59  THR 59  59  59  THR THR A . n 
A 1 60  LYS 60  60  60  LYS LYS A . n 
A 1 61  ASP 61  61  61  ASP ASP A . n 
A 1 62  GLU 62  62  62  GLU GLU A . n 
A 1 63  ALA 63  63  63  ALA ALA A . n 
A 1 64  GLU 64  64  64  GLU GLU A . n 
A 1 65  LYS 65  65  65  LYS LYS A . n 
A 1 66  LEU 66  66  66  LEU LEU A . n 
A 1 67  PHE 67  67  67  PHE PHE A . n 
A 1 68  ASN 68  68  68  ASN ASN A . n 
A 1 69  GLN 69  69  69  GLN GLN A . n 
A 1 70  ASP 70  70  70  ASP ASP A . n 
A 1 71  VAL 71  71  71  VAL VAL A . n 
A 1 72  ASP 72  72  72  ASP ASP A . n 
A 1 73  ALA 73  73  73  ALA ALA A . n 
A 1 74  ALA 74  74  74  ALA ALA A . n 
A 1 75  VAL 75  75  75  VAL VAL A . n 
A 1 76  ARG 76  76  76  ARG ARG A . n 
A 1 77  GLY 77  77  77  GLY GLY A . n 
A 1 78  ILE 78  78  78  ILE ILE A . n 
A 1 79  LEU 79  79  79  LEU LEU A . n 
A 1 80  ARG 80  80  80  ARG ARG A . n 
A 1 81  ASN 81  81  81  ASN ASN A . n 
A 1 82  ALA 82  82  82  ALA ALA A . n 
A 1 83  LYS 83  83  83  LYS LYS A . n 
A 1 84  LEU 84  84  84  LEU LEU A . n 
A 1 85  LYS 85  85  85  LYS LYS A . n 
A 1 86  PRO 86  86  86  PRO PRO A . n 
A 1 87  VAL 87  87  87  VAL VAL A . n 
A 1 88  TYR 88  88  88  TYR TYR A . n 
A 1 89  ASP 89  89  89  ASP ASP A . n 
A 1 90  SER 90  90  90  SER SER A . n 
A 1 91  LEU 91  91  91  LEU LEU A . n 
A 1 92  ASP 92  92  92  ASP ASP A . n 
A 1 93  ALA 93  93  93  ALA ALA A . n 
A 1 94  VAL 94  94  94  VAL VAL A . n 
A 1 95  ARG 95  95  95  ARG ARG A . n 
A 1 96  ARG 96  96  96  ARG ARG A . n 
A 1 97  ALA 97  97  97  ALA ALA A . n 
A 1 98  ALA 98  98  98  ALA ALA A . n 
A 1 99  ALA 99  99  99  ALA ALA A . n 
A 1 100 ILE 100 100 100 ILE ILE A . n 
A 1 101 ASN 101 101 101 ASN ASN A . n 
A 1 102 MET 102 102 102 MET MET A . n 
A 1 103 VAL 103 103 103 VAL VAL A . n 
A 1 104 PHE 104 104 104 PHE PHE A . n 
A 1 105 GLN 105 105 105 GLN GLN A . n 
A 1 106 MET 106 106 106 MET MET A . n 
A 1 107 GLY 107 107 107 GLY GLY A . n 
A 1 108 GLU 108 108 108 GLU GLU A . n 
A 1 109 THR 109 109 109 THR THR A . n 
A 1 110 GLY 110 110 110 GLY GLY A . n 
A 1 111 VAL 111 111 111 VAL VAL A . n 
A 1 112 ALA 112 112 112 ALA ALA A . n 
A 1 113 GLY 113 113 113 GLY GLY A . n 
A 1 114 PHE 114 114 114 PHE PHE A . n 
A 1 115 THR 115 115 115 THR THR A . n 
A 1 116 ASN 116 116 116 ASN ASN A . n 
A 1 117 SER 117 117 117 SER SER A . n 
A 1 118 LEU 118 118 118 LEU LEU A . n 
A 1 119 ARG 119 119 119 ARG ARG A . n 
A 1 120 MET 120 120 120 MET MET A . n 
A 1 121 LEU 121 121 121 LEU LEU A . n 
A 1 122 GLN 122 122 122 GLN GLN A . n 
A 1 123 GLN 123 123 123 GLN GLN A . n 
A 1 124 LYS 124 124 124 LYS LYS A . n 
A 1 125 ARG 125 125 125 ARG ARG A . n 
A 1 126 TRP 126 126 126 TRP TRP A . n 
A 1 127 ASP 127 127 127 ASP ASP A . n 
A 1 128 GLU 128 128 128 GLU GLU A . n 
A 1 129 ALA 129 129 129 ALA ALA A . n 
A 1 130 ALA 130 130 130 ALA ALA A . n 
A 1 131 VAL 131 131 131 VAL VAL A . n 
A 1 132 ASN 132 132 132 ASN ASN A . n 
A 1 133 LEU 133 133 133 LEU LEU A . n 
A 1 134 ALA 134 134 134 ALA ALA A . n 
A 1 135 LYS 135 135 135 LYS LYS A . n 
A 1 136 SER 136 136 136 SER SER A . n 
A 1 137 ARG 137 137 137 ARG ARG A . n 
A 1 138 TRP 138 138 138 TRP TRP A . n 
A 1 139 TYR 139 139 139 TYR TYR A . n 
A 1 140 ASN 140 140 140 ASN ASN A . n 
A 1 141 GLN 141 141 141 GLN GLN A . n 
A 1 142 THR 142 142 142 THR THR A . n 
A 1 143 PRO 143 143 143 PRO PRO A . n 
A 1 144 ASN 144 144 144 ASN ASN A . n 
A 1 145 ARG 145 145 145 ARG ARG A . n 
A 1 146 ALA 146 146 146 ALA ALA A . n 
A 1 147 LYS 147 147 147 LYS LYS A . n 
A 1 148 ARG 148 148 148 ARG ARG A . n 
A 1 149 VAL 149 149 149 VAL VAL A . n 
A 1 150 ILE 150 150 150 ILE ILE A . n 
A 1 151 THR 151 151 151 THR THR A . n 
A 1 152 THR 152 152 152 THR THR A . n 
A 1 153 PHE 153 153 153 PHE PHE A . n 
A 1 154 ARG 154 154 154 ARG ARG A . n 
A 1 155 THR 155 155 155 THR THR A . n 
A 1 156 GLY 156 156 156 GLY GLY A . n 
A 1 157 THR 157 157 157 THR THR A . n 
A 1 158 TRP 158 158 158 TRP TRP A . n 
A 1 159 ASP 159 159 159 ASP ASP A . n 
A 1 160 ALA 160 160 160 ALA ALA A . n 
A 1 161 TYR 161 161 161 TYR TYR A . n 
A 1 162 LYS 162 162 162 LYS LYS A . n 
A 1 163 ASN 163 163 163 ASN ASN A . n 
A 1 164 LEU 164 164 164 LEU LEU A . n 
# 
loop_
_pdbx_nonpoly_scheme.asym_id 
_pdbx_nonpoly_scheme.entity_id 
_pdbx_nonpoly_scheme.mon_id 
_pdbx_nonpoly_scheme.ndb_seq_num 
_pdbx_nonpoly_scheme.pdb_seq_num 
_pdbx_nonpoly_scheme.auth_seq_num 
_pdbx_nonpoly_scheme.pdb_mon_id 
_pdbx_nonpoly_scheme.auth_mon_id 
_pdbx_nonpoly_scheme.pdb_strand_id 
_pdbx_nonpoly_scheme.pdb_ins_code 
B 2 PO4 1   901  901 PO4 PO4 A . 
C 2 PO4 1   902  902 PO4 PO4 A . 
D 3 F3B 1   900  900 F3B F3B A . 
E 4 HED 1   904  904 HED HED A . 
F 4 HED 1   905  905 HED HED A . 
G 5 HOH 1   906  1   HOH HOH A . 
G 5 HOH 2   907  2   HOH HOH A . 
G 5 HOH 3   908  3   HOH HOH A . 
G 5 HOH 4   909  4   HOH HOH A . 
G 5 HOH 5   910  5   HOH HOH A . 
G 5 HOH 6   911  6   HOH HOH A . 
G 5 HOH 7   912  7   HOH HOH A . 
G 5 HOH 8   913  8   HOH HOH A . 
G 5 HOH 9   914  9   HOH HOH A . 
G 5 HOH 10  915  10  HOH HOH A . 
G 5 HOH 11  916  11  HOH HOH A . 
G 5 HOH 12  917  12  HOH HOH A . 
G 5 HOH 13  918  13  HOH HOH A . 
G 5 HOH 14  919  14  HOH HOH A . 
G 5 HOH 15  920  15  HOH HOH A . 
G 5 HOH 16  921  16  HOH HOH A . 
G 5 HOH 17  922  17  HOH HOH A . 
G 5 HOH 18  923  18  HOH HOH A . 
G 5 HOH 19  924  19  HOH HOH A . 
G 5 HOH 20  925  20  HOH HOH A . 
G 5 HOH 21  926  21  HOH HOH A . 
G 5 HOH 22  927  22  HOH HOH A . 
G 5 HOH 23  928  23  HOH HOH A . 
G 5 HOH 24  929  24  HOH HOH A . 
G 5 HOH 25  930  25  HOH HOH A . 
G 5 HOH 26  931  26  HOH HOH A . 
G 5 HOH 27  932  27  HOH HOH A . 
G 5 HOH 28  933  28  HOH HOH A . 
G 5 HOH 29  934  29  HOH HOH A . 
G 5 HOH 30  935  30  HOH HOH A . 
G 5 HOH 31  936  31  HOH HOH A . 
G 5 HOH 32  937  32  HOH HOH A . 
G 5 HOH 33  938  33  HOH HOH A . 
G 5 HOH 34  939  34  HOH HOH A . 
G 5 HOH 35  940  35  HOH HOH A . 
G 5 HOH 36  941  36  HOH HOH A . 
G 5 HOH 37  942  37  HOH HOH A . 
G 5 HOH 38  943  38  HOH HOH A . 
G 5 HOH 39  944  39  HOH HOH A . 
G 5 HOH 40  945  40  HOH HOH A . 
G 5 HOH 41  946  41  HOH HOH A . 
G 5 HOH 42  947  42  HOH HOH A . 
G 5 HOH 43  948  43  HOH HOH A . 
G 5 HOH 44  949  44  HOH HOH A . 
G 5 HOH 45  950  45  HOH HOH A . 
G 5 HOH 46  951  46  HOH HOH A . 
G 5 HOH 47  952  47  HOH HOH A . 
G 5 HOH 48  953  48  HOH HOH A . 
G 5 HOH 49  954  49  HOH HOH A . 
G 5 HOH 50  955  50  HOH HOH A . 
G 5 HOH 51  956  51  HOH HOH A . 
G 5 HOH 52  957  52  HOH HOH A . 
G 5 HOH 53  958  53  HOH HOH A . 
G 5 HOH 54  959  54  HOH HOH A . 
G 5 HOH 55  960  55  HOH HOH A . 
G 5 HOH 56  961  56  HOH HOH A . 
G 5 HOH 57  962  57  HOH HOH A . 
G 5 HOH 58  963  58  HOH HOH A . 
G 5 HOH 59  964  59  HOH HOH A . 
G 5 HOH 60  965  60  HOH HOH A . 
G 5 HOH 61  966  61  HOH HOH A . 
G 5 HOH 62  967  62  HOH HOH A . 
G 5 HOH 63  968  63  HOH HOH A . 
G 5 HOH 64  969  64  HOH HOH A . 
G 5 HOH 65  970  65  HOH HOH A . 
G 5 HOH 66  971  66  HOH HOH A . 
G 5 HOH 67  972  67  HOH HOH A . 
G 5 HOH 68  973  68  HOH HOH A . 
G 5 HOH 69  974  69  HOH HOH A . 
G 5 HOH 70  975  70  HOH HOH A . 
G 5 HOH 71  976  71  HOH HOH A . 
G 5 HOH 72  977  72  HOH HOH A . 
G 5 HOH 73  978  73  HOH HOH A . 
G 5 HOH 74  979  74  HOH HOH A . 
G 5 HOH 75  980  75  HOH HOH A . 
G 5 HOH 76  981  76  HOH HOH A . 
G 5 HOH 77  982  77  HOH HOH A . 
G 5 HOH 78  983  78  HOH HOH A . 
G 5 HOH 79  984  79  HOH HOH A . 
G 5 HOH 80  985  80  HOH HOH A . 
G 5 HOH 81  986  81  HOH HOH A . 
G 5 HOH 82  987  82  HOH HOH A . 
G 5 HOH 83  988  83  HOH HOH A . 
G 5 HOH 84  989  84  HOH HOH A . 
G 5 HOH 85  990  85  HOH HOH A . 
G 5 HOH 86  991  86  HOH HOH A . 
G 5 HOH 87  992  87  HOH HOH A . 
G 5 HOH 88  993  88  HOH HOH A . 
G 5 HOH 89  994  89  HOH HOH A . 
G 5 HOH 90  995  90  HOH HOH A . 
G 5 HOH 91  996  91  HOH HOH A . 
G 5 HOH 92  997  92  HOH HOH A . 
G 5 HOH 93  998  93  HOH HOH A . 
G 5 HOH 94  999  94  HOH HOH A . 
G 5 HOH 95  1000 95  HOH HOH A . 
G 5 HOH 96  1001 96  HOH HOH A . 
G 5 HOH 97  1002 97  HOH HOH A . 
G 5 HOH 98  1003 98  HOH HOH A . 
G 5 HOH 99  1004 99  HOH HOH A . 
G 5 HOH 100 1005 100 HOH HOH A . 
G 5 HOH 101 1006 101 HOH HOH A . 
G 5 HOH 102 1007 102 HOH HOH A . 
G 5 HOH 103 1008 103 HOH HOH A . 
G 5 HOH 104 1009 104 HOH HOH A . 
G 5 HOH 105 1010 105 HOH HOH A . 
G 5 HOH 106 1011 106 HOH HOH A . 
G 5 HOH 107 1012 107 HOH HOH A . 
G 5 HOH 108 1013 108 HOH HOH A . 
G 5 HOH 109 1014 109 HOH HOH A . 
G 5 HOH 110 1015 110 HOH HOH A . 
G 5 HOH 111 1016 111 HOH HOH A . 
G 5 HOH 112 1017 112 HOH HOH A . 
G 5 HOH 113 1018 113 HOH HOH A . 
G 5 HOH 114 1019 114 HOH HOH A . 
G 5 HOH 115 1020 115 HOH HOH A . 
G 5 HOH 116 1021 116 HOH HOH A . 
G 5 HOH 117 1022 117 HOH HOH A . 
G 5 HOH 118 1023 118 HOH HOH A . 
G 5 HOH 119 1024 119 HOH HOH A . 
G 5 HOH 120 1025 120 HOH HOH A . 
G 5 HOH 121 1026 121 HOH HOH A . 
G 5 HOH 122 1027 122 HOH HOH A . 
G 5 HOH 123 1028 123 HOH HOH A . 
G 5 HOH 124 1029 124 HOH HOH A . 
G 5 HOH 125 1030 125 HOH HOH A . 
G 5 HOH 126 1031 126 HOH HOH A . 
G 5 HOH 127 1032 127 HOH HOH A . 
G 5 HOH 128 1033 128 HOH HOH A . 
G 5 HOH 129 1034 129 HOH HOH A . 
G 5 HOH 130 1035 130 HOH HOH A . 
G 5 HOH 131 1036 131 HOH HOH A . 
G 5 HOH 132 1037 132 HOH HOH A . 
G 5 HOH 133 1038 133 HOH HOH A . 
G 5 HOH 134 1039 134 HOH HOH A . 
G 5 HOH 135 1040 135 HOH HOH A . 
G 5 HOH 136 1041 136 HOH HOH A . 
G 5 HOH 137 1042 137 HOH HOH A . 
G 5 HOH 138 1043 138 HOH HOH A . 
G 5 HOH 139 1044 139 HOH HOH A . 
G 5 HOH 140 1045 140 HOH HOH A . 
G 5 HOH 141 1046 141 HOH HOH A . 
G 5 HOH 142 1047 142 HOH HOH A . 
G 5 HOH 143 1048 143 HOH HOH A . 
G 5 HOH 144 1049 144 HOH HOH A . 
G 5 HOH 145 1050 145 HOH HOH A . 
G 5 HOH 146 1051 146 HOH HOH A . 
G 5 HOH 147 1052 147 HOH HOH A . 
G 5 HOH 148 1053 148 HOH HOH A . 
G 5 HOH 149 1054 149 HOH HOH A . 
G 5 HOH 150 1055 150 HOH HOH A . 
G 5 HOH 151 1056 151 HOH HOH A . 
G 5 HOH 152 1057 152 HOH HOH A . 
G 5 HOH 153 1058 153 HOH HOH A . 
G 5 HOH 154 1059 154 HOH HOH A . 
G 5 HOH 155 1060 155 HOH HOH A . 
G 5 HOH 156 1061 156 HOH HOH A . 
G 5 HOH 157 1062 157 HOH HOH A . 
G 5 HOH 158 1063 158 HOH HOH A . 
G 5 HOH 159 1064 159 HOH HOH A . 
G 5 HOH 160 1065 160 HOH HOH A . 
G 5 HOH 161 1066 161 HOH HOH A . 
G 5 HOH 162 1067 162 HOH HOH A . 
G 5 HOH 163 1068 163 HOH HOH A . 
G 5 HOH 164 1069 164 HOH HOH A . 
G 5 HOH 165 1070 165 HOH HOH A . 
G 5 HOH 166 1071 166 HOH HOH A . 
G 5 HOH 167 1072 167 HOH HOH A . 
G 5 HOH 168 1073 168 HOH HOH A . 
G 5 HOH 169 1074 169 HOH HOH A . 
G 5 HOH 170 1075 170 HOH HOH A . 
G 5 HOH 171 1076 171 HOH HOH A . 
G 5 HOH 172 1077 172 HOH HOH A . 
G 5 HOH 173 1078 173 HOH HOH A . 
G 5 HOH 174 1079 174 HOH HOH A . 
G 5 HOH 175 1080 175 HOH HOH A . 
G 5 HOH 176 1081 176 HOH HOH A . 
G 5 HOH 177 1082 177 HOH HOH A . 
G 5 HOH 178 1083 178 HOH HOH A . 
G 5 HOH 179 1084 179 HOH HOH A . 
G 5 HOH 180 1085 180 HOH HOH A . 
G 5 HOH 181 1086 181 HOH HOH A . 
G 5 HOH 182 1087 182 HOH HOH A . 
G 5 HOH 183 1088 183 HOH HOH A . 
G 5 HOH 184 1089 184 HOH HOH A . 
G 5 HOH 185 1090 185 HOH HOH A . 
G 5 HOH 186 1091 186 HOH HOH A . 
G 5 HOH 187 1092 187 HOH HOH A . 
G 5 HOH 188 1093 188 HOH HOH A . 
G 5 HOH 189 1094 189 HOH HOH A . 
G 5 HOH 190 1095 190 HOH HOH A . 
G 5 HOH 191 1096 191 HOH HOH A . 
G 5 HOH 192 1097 192 HOH HOH A . 
G 5 HOH 193 1098 193 HOH HOH A . 
G 5 HOH 194 1099 194 HOH HOH A . 
G 5 HOH 195 1100 195 HOH HOH A . 
G 5 HOH 196 1101 196 HOH HOH A . 
G 5 HOH 197 1102 197 HOH HOH A . 
G 5 HOH 198 1103 198 HOH HOH A . 
G 5 HOH 199 1104 199 HOH HOH A . 
G 5 HOH 200 1105 200 HOH HOH A . 
G 5 HOH 201 1106 201 HOH HOH A . 
G 5 HOH 202 1107 202 HOH HOH A . 
G 5 HOH 203 1108 203 HOH HOH A . 
G 5 HOH 204 1109 204 HOH HOH A . 
G 5 HOH 205 1110 205 HOH HOH A . 
G 5 HOH 206 1111 206 HOH HOH A . 
G 5 HOH 207 1112 207 HOH HOH A . 
G 5 HOH 208 1113 208 HOH HOH A . 
G 5 HOH 209 1114 209 HOH HOH A . 
G 5 HOH 210 1115 210 HOH HOH A . 
G 5 HOH 211 1116 211 HOH HOH A . 
G 5 HOH 212 1117 212 HOH HOH A . 
G 5 HOH 213 1118 213 HOH HOH A . 
G 5 HOH 214 1119 214 HOH HOH A . 
G 5 HOH 215 1120 215 HOH HOH A . 
G 5 HOH 216 1121 216 HOH HOH A . 
G 5 HOH 217 1122 217 HOH HOH A . 
G 5 HOH 218 1123 218 HOH HOH A . 
G 5 HOH 219 1124 219 HOH HOH A . 
G 5 HOH 220 1125 220 HOH HOH A . 
G 5 HOH 221 1126 221 HOH HOH A . 
G 5 HOH 222 1127 222 HOH HOH A . 
G 5 HOH 223 1128 223 HOH HOH A . 
G 5 HOH 224 1129 224 HOH HOH A . 
G 5 HOH 225 1130 225 HOH HOH A . 
G 5 HOH 226 1131 226 HOH HOH A . 
G 5 HOH 227 1132 227 HOH HOH A . 
G 5 HOH 228 1133 228 HOH HOH A . 
G 5 HOH 229 1134 229 HOH HOH A . 
G 5 HOH 230 1135 230 HOH HOH A . 
G 5 HOH 231 1136 231 HOH HOH A . 
G 5 HOH 232 1137 232 HOH HOH A . 
G 5 HOH 233 1138 233 HOH HOH A . 
G 5 HOH 234 1139 234 HOH HOH A . 
G 5 HOH 235 1140 235 HOH HOH A . 
G 5 HOH 236 1141 236 HOH HOH A . 
G 5 HOH 237 1142 237 HOH HOH A . 
G 5 HOH 238 1143 238 HOH HOH A . 
G 5 HOH 239 1144 239 HOH HOH A . 
G 5 HOH 240 1145 240 HOH HOH A . 
# 
_pdbx_struct_assembly.id                   1 
_pdbx_struct_assembly.details              author_and_software_defined_assembly 
_pdbx_struct_assembly.method_details       PISA 
_pdbx_struct_assembly.oligomeric_details   monomeric 
_pdbx_struct_assembly.oligomeric_count     1 
# 
_pdbx_struct_assembly_gen.assembly_id       1 
_pdbx_struct_assembly_gen.oper_expression   1 
_pdbx_struct_assembly_gen.asym_id_list      A,B,C,D,E,F,G 
# 
_pdbx_struct_oper_list.id                   1 
_pdbx_struct_oper_list.type                 'identity operation' 
_pdbx_struct_oper_list.name                 1_555 
_pdbx_struct_oper_list.symmetry_operation   x,y,z 
_pdbx_struct_oper_list.matrix[1][1]         1.0000000000 
_pdbx_struct_oper_list.matrix[1][2]         0.0000000000 
_pdbx_struct_oper_list.matrix[1][3]         0.0000000000 
_pdbx_struct_oper_list.vector[1]            0.0000000000 
_pdbx_struct_oper_list.matrix[2][1]         0.0000000000 
_pdbx_struct_oper_list.matrix[2][2]         1.0000000000 
_pdbx_struct_oper_list.matrix[2][3]         0.0000000000 
_pdbx_struct_oper_list.vector[2]            0.0000000000 
_pdbx_struct_oper_list.matrix[3][1]         0.0000000000 
_pdbx_struct_oper_list.matrix[3][2]         0.0000000000 
_pdbx_struct_oper_list.matrix[3][3]         1.0000000000 
_pdbx_struct_oper_list.vector[3]            0.0000000000 
# 
loop_
_pdbx_audit_revision_history.ordinal 
_pdbx_audit_revision_history.data_content_type 
_pdbx_audit_revision_history.major_revision 
_pdbx_audit_revision_history.minor_revision 
_pdbx_audit_revision_history.revision_date 
1 'Structure model' 1 0 2008-11-11 
2 'Structure model' 1 1 2011-07-13 
3 'Structure model' 1 2 2021-10-20 
4 'Structure model' 1 3 2023-08-30 
# 
_pdbx_audit_revision_details.ordinal             1 
_pdbx_audit_revision_details.revision_ordinal    1 
_pdbx_audit_revision_details.data_content_type   'Structure model' 
_pdbx_audit_revision_details.provider            repository 
_pdbx_audit_revision_details.type                'Initial release' 
_pdbx_audit_revision_details.description         ? 
_pdbx_audit_revision_details.details             ? 
# 
loop_
_pdbx_audit_revision_group.ordinal 
_pdbx_audit_revision_group.revision_ordinal 
_pdbx_audit_revision_group.data_content_type 
_pdbx_audit_revision_group.group 
1 2 'Structure model' 'Version format compliance' 
2 3 'Structure model' 'Database references'       
3 3 'Structure model' 'Derived calculations'      
4 4 'Structure model' 'Data collection'           
5 4 'Structure model' 'Refinement description'    
# 
loop_
_pdbx_audit_revision_category.ordinal 
_pdbx_audit_revision_category.revision_ordinal 
_pdbx_audit_revision_category.data_content_type 
_pdbx_audit_revision_category.category 
1 3 'Structure model' database_2                    
2 3 'Structure model' struct_ref_seq_dif            
3 3 'Structure model' struct_site                   
4 4 'Structure model' chem_comp_atom                
5 4 'Structure model' chem_comp_bond                
6 4 'Structure model' pdbx_initial_refinement_model 
# 
loop_
_pdbx_audit_revision_item.ordinal 
_pdbx_audit_revision_item.revision_ordinal 
_pdbx_audit_revision_item.data_content_type 
_pdbx_audit_revision_item.item 
1 3 'Structure model' '_database_2.pdbx_DOI'                
2 3 'Structure model' '_database_2.pdbx_database_accession' 
3 3 'Structure model' '_struct_ref_seq_dif.details'         
4 3 'Structure model' '_struct_site.pdbx_auth_asym_id'      
5 3 'Structure model' '_struct_site.pdbx_auth_comp_id'      
6 3 'Structure model' '_struct_site.pdbx_auth_seq_id'       
# 
loop_
_software.name 
_software.classification 
_software.version 
_software.citation_id 
_software.pdbx_ordinal 
REFMAC   refinement        5.2.0019 ? 1 
HKL-2000 'data collection' .        ? 2 
HKL-2000 'data reduction'  .        ? 3 
HKL-2000 'data scaling'    .        ? 4 
AMoRE    phasing           .        ? 5 
# 
_pdbx_validate_torsion.id              1 
_pdbx_validate_torsion.PDB_model_num   1 
_pdbx_validate_torsion.auth_comp_id    ILE 
_pdbx_validate_torsion.auth_asym_id    A 
_pdbx_validate_torsion.auth_seq_id     29 
_pdbx_validate_torsion.PDB_ins_code    ? 
_pdbx_validate_torsion.label_alt_id    ? 
_pdbx_validate_torsion.phi             -104.18 
_pdbx_validate_torsion.psi             74.34 
# 
loop_
_chem_comp_atom.comp_id 
_chem_comp_atom.atom_id 
_chem_comp_atom.type_symbol 
_chem_comp_atom.pdbx_aromatic_flag 
_chem_comp_atom.pdbx_stereo_config 
_chem_comp_atom.pdbx_ordinal 
ALA N    N  N N 1   
ALA CA   C  N S 2   
ALA C    C  N N 3   
ALA O    O  N N 4   
ALA CB   C  N N 5   
ALA OXT  O  N N 6   
ALA H    H  N N 7   
ALA H2   H  N N 8   
ALA HA   H  N N 9   
ALA HB1  H  N N 10  
ALA HB2  H  N N 11  
ALA HB3  H  N N 12  
ALA HXT  H  N N 13  
ARG N    N  N N 14  
ARG CA   C  N S 15  
ARG C    C  N N 16  
ARG O    O  N N 17  
ARG CB   C  N N 18  
ARG CG   C  N N 19  
ARG CD   C  N N 20  
ARG NE   N  N N 21  
ARG CZ   C  N N 22  
ARG NH1  N  N N 23  
ARG NH2  N  N N 24  
ARG OXT  O  N N 25  
ARG H    H  N N 26  
ARG H2   H  N N 27  
ARG HA   H  N N 28  
ARG HB2  H  N N 29  
ARG HB3  H  N N 30  
ARG HG2  H  N N 31  
ARG HG3  H  N N 32  
ARG HD2  H  N N 33  
ARG HD3  H  N N 34  
ARG HE   H  N N 35  
ARG HH11 H  N N 36  
ARG HH12 H  N N 37  
ARG HH21 H  N N 38  
ARG HH22 H  N N 39  
ARG HXT  H  N N 40  
ASN N    N  N N 41  
ASN CA   C  N S 42  
ASN C    C  N N 43  
ASN O    O  N N 44  
ASN CB   C  N N 45  
ASN CG   C  N N 46  
ASN OD1  O  N N 47  
ASN ND2  N  N N 48  
ASN OXT  O  N N 49  
ASN H    H  N N 50  
ASN H2   H  N N 51  
ASN HA   H  N N 52  
ASN HB2  H  N N 53  
ASN HB3  H  N N 54  
ASN HD21 H  N N 55  
ASN HD22 H  N N 56  
ASN HXT  H  N N 57  
ASP N    N  N N 58  
ASP CA   C  N S 59  
ASP C    C  N N 60  
ASP O    O  N N 61  
ASP CB   C  N N 62  
ASP CG   C  N N 63  
ASP OD1  O  N N 64  
ASP OD2  O  N N 65  
ASP OXT  O  N N 66  
ASP H    H  N N 67  
ASP H2   H  N N 68  
ASP HA   H  N N 69  
ASP HB2  H  N N 70  
ASP HB3  H  N N 71  
ASP HD2  H  N N 72  
ASP HXT  H  N N 73  
CYS N    N  N N 74  
CYS CA   C  N R 75  
CYS C    C  N N 76  
CYS O    O  N N 77  
CYS CB   C  N N 78  
CYS SG   S  N N 79  
CYS OXT  O  N N 80  
CYS H    H  N N 81  
CYS H2   H  N N 82  
CYS HA   H  N N 83  
CYS HB2  H  N N 84  
CYS HB3  H  N N 85  
CYS HG   H  N N 86  
CYS HXT  H  N N 87  
F3B CL6  CL N N 88  
F3B C6   C  Y N 89  
F3B C1   C  Y N 90  
F3B F1   F  N N 91  
F3B C5   C  Y N 92  
F3B F5   F  N N 93  
F3B C4   C  Y N 94  
F3B CL4  CL N N 95  
F3B C3   C  Y N 96  
F3B F3   F  N N 97  
F3B C2   C  Y N 98  
F3B CL2  CL N N 99  
GLN N    N  N N 100 
GLN CA   C  N S 101 
GLN C    C  N N 102 
GLN O    O  N N 103 
GLN CB   C  N N 104 
GLN CG   C  N N 105 
GLN CD   C  N N 106 
GLN OE1  O  N N 107 
GLN NE2  N  N N 108 
GLN OXT  O  N N 109 
GLN H    H  N N 110 
GLN H2   H  N N 111 
GLN HA   H  N N 112 
GLN HB2  H  N N 113 
GLN HB3  H  N N 114 
GLN HG2  H  N N 115 
GLN HG3  H  N N 116 
GLN HE21 H  N N 117 
GLN HE22 H  N N 118 
GLN HXT  H  N N 119 
GLU N    N  N N 120 
GLU CA   C  N S 121 
GLU C    C  N N 122 
GLU O    O  N N 123 
GLU CB   C  N N 124 
GLU CG   C  N N 125 
GLU CD   C  N N 126 
GLU OE1  O  N N 127 
GLU OE2  O  N N 128 
GLU OXT  O  N N 129 
GLU H    H  N N 130 
GLU H2   H  N N 131 
GLU HA   H  N N 132 
GLU HB2  H  N N 133 
GLU HB3  H  N N 134 
GLU HG2  H  N N 135 
GLU HG3  H  N N 136 
GLU HE2  H  N N 137 
GLU HXT  H  N N 138 
GLY N    N  N N 139 
GLY CA   C  N N 140 
GLY C    C  N N 141 
GLY O    O  N N 142 
GLY OXT  O  N N 143 
GLY H    H  N N 144 
GLY H2   H  N N 145 
GLY HA2  H  N N 146 
GLY HA3  H  N N 147 
GLY HXT  H  N N 148 
HED C1   C  N N 149 
HED O1   O  N N 150 
HED C2   C  N N 151 
HED S3   S  N N 152 
HED S4   S  N N 153 
HED C5   C  N N 154 
HED C6   C  N N 155 
HED O6   O  N N 156 
HED H11  H  N N 157 
HED H12  H  N N 158 
HED HO1  H  N N 159 
HED H21  H  N N 160 
HED H22  H  N N 161 
HED H51  H  N N 162 
HED H52  H  N N 163 
HED H61  H  N N 164 
HED H62  H  N N 165 
HED HO6  H  N N 166 
HIS N    N  N N 167 
HIS CA   C  N S 168 
HIS C    C  N N 169 
HIS O    O  N N 170 
HIS CB   C  N N 171 
HIS CG   C  Y N 172 
HIS ND1  N  Y N 173 
HIS CD2  C  Y N 174 
HIS CE1  C  Y N 175 
HIS NE2  N  Y N 176 
HIS OXT  O  N N 177 
HIS H    H  N N 178 
HIS H2   H  N N 179 
HIS HA   H  N N 180 
HIS HB2  H  N N 181 
HIS HB3  H  N N 182 
HIS HD1  H  N N 183 
HIS HD2  H  N N 184 
HIS HE1  H  N N 185 
HIS HE2  H  N N 186 
HIS HXT  H  N N 187 
HOH O    O  N N 188 
HOH H1   H  N N 189 
HOH H2   H  N N 190 
ILE N    N  N N 191 
ILE CA   C  N S 192 
ILE C    C  N N 193 
ILE O    O  N N 194 
ILE CB   C  N S 195 
ILE CG1  C  N N 196 
ILE CG2  C  N N 197 
ILE CD1  C  N N 198 
ILE OXT  O  N N 199 
ILE H    H  N N 200 
ILE H2   H  N N 201 
ILE HA   H  N N 202 
ILE HB   H  N N 203 
ILE HG12 H  N N 204 
ILE HG13 H  N N 205 
ILE HG21 H  N N 206 
ILE HG22 H  N N 207 
ILE HG23 H  N N 208 
ILE HD11 H  N N 209 
ILE HD12 H  N N 210 
ILE HD13 H  N N 211 
ILE HXT  H  N N 212 
LEU N    N  N N 213 
LEU CA   C  N S 214 
LEU C    C  N N 215 
LEU O    O  N N 216 
LEU CB   C  N N 217 
LEU CG   C  N N 218 
LEU CD1  C  N N 219 
LEU CD2  C  N N 220 
LEU OXT  O  N N 221 
LEU H    H  N N 222 
LEU H2   H  N N 223 
LEU HA   H  N N 224 
LEU HB2  H  N N 225 
LEU HB3  H  N N 226 
LEU HG   H  N N 227 
LEU HD11 H  N N 228 
LEU HD12 H  N N 229 
LEU HD13 H  N N 230 
LEU HD21 H  N N 231 
LEU HD22 H  N N 232 
LEU HD23 H  N N 233 
LEU HXT  H  N N 234 
LYS N    N  N N 235 
LYS CA   C  N S 236 
LYS C    C  N N 237 
LYS O    O  N N 238 
LYS CB   C  N N 239 
LYS CG   C  N N 240 
LYS CD   C  N N 241 
LYS CE   C  N N 242 
LYS NZ   N  N N 243 
LYS OXT  O  N N 244 
LYS H    H  N N 245 
LYS H2   H  N N 246 
LYS HA   H  N N 247 
LYS HB2  H  N N 248 
LYS HB3  H  N N 249 
LYS HG2  H  N N 250 
LYS HG3  H  N N 251 
LYS HD2  H  N N 252 
LYS HD3  H  N N 253 
LYS HE2  H  N N 254 
LYS HE3  H  N N 255 
LYS HZ1  H  N N 256 
LYS HZ2  H  N N 257 
LYS HZ3  H  N N 258 
LYS HXT  H  N N 259 
MET N    N  N N 260 
MET CA   C  N S 261 
MET C    C  N N 262 
MET O    O  N N 263 
MET CB   C  N N 264 
MET CG   C  N N 265 
MET SD   S  N N 266 
MET CE   C  N N 267 
MET OXT  O  N N 268 
MET H    H  N N 269 
MET H2   H  N N 270 
MET HA   H  N N 271 
MET HB2  H  N N 272 
MET HB3  H  N N 273 
MET HG2  H  N N 274 
MET HG3  H  N N 275 
MET HE1  H  N N 276 
MET HE2  H  N N 277 
MET HE3  H  N N 278 
MET HXT  H  N N 279 
PHE N    N  N N 280 
PHE CA   C  N S 281 
PHE C    C  N N 282 
PHE O    O  N N 283 
PHE CB   C  N N 284 
PHE CG   C  Y N 285 
PHE CD1  C  Y N 286 
PHE CD2  C  Y N 287 
PHE CE1  C  Y N 288 
PHE CE2  C  Y N 289 
PHE CZ   C  Y N 290 
PHE OXT  O  N N 291 
PHE H    H  N N 292 
PHE H2   H  N N 293 
PHE HA   H  N N 294 
PHE HB2  H  N N 295 
PHE HB3  H  N N 296 
PHE HD1  H  N N 297 
PHE HD2  H  N N 298 
PHE HE1  H  N N 299 
PHE HE2  H  N N 300 
PHE HZ   H  N N 301 
PHE HXT  H  N N 302 
PO4 P    P  N N 303 
PO4 O1   O  N N 304 
PO4 O2   O  N N 305 
PO4 O3   O  N N 306 
PO4 O4   O  N N 307 
PRO N    N  N N 308 
PRO CA   C  N S 309 
PRO C    C  N N 310 
PRO O    O  N N 311 
PRO CB   C  N N 312 
PRO CG   C  N N 313 
PRO CD   C  N N 314 
PRO OXT  O  N N 315 
PRO H    H  N N 316 
PRO HA   H  N N 317 
PRO HB2  H  N N 318 
PRO HB3  H  N N 319 
PRO HG2  H  N N 320 
PRO HG3  H  N N 321 
PRO HD2  H  N N 322 
PRO HD3  H  N N 323 
PRO HXT  H  N N 324 
SER N    N  N N 325 
SER CA   C  N S 326 
SER C    C  N N 327 
SER O    O  N N 328 
SER CB   C  N N 329 
SER OG   O  N N 330 
SER OXT  O  N N 331 
SER H    H  N N 332 
SER H2   H  N N 333 
SER HA   H  N N 334 
SER HB2  H  N N 335 
SER HB3  H  N N 336 
SER HG   H  N N 337 
SER HXT  H  N N 338 
THR N    N  N N 339 
THR CA   C  N S 340 
THR C    C  N N 341 
THR O    O  N N 342 
THR CB   C  N R 343 
THR OG1  O  N N 344 
THR CG2  C  N N 345 
THR OXT  O  N N 346 
THR H    H  N N 347 
THR H2   H  N N 348 
THR HA   H  N N 349 
THR HB   H  N N 350 
THR HG1  H  N N 351 
THR HG21 H  N N 352 
THR HG22 H  N N 353 
THR HG23 H  N N 354 
THR HXT  H  N N 355 
TRP N    N  N N 356 
TRP CA   C  N S 357 
TRP C    C  N N 358 
TRP O    O  N N 359 
TRP CB   C  N N 360 
TRP CG   C  Y N 361 
TRP CD1  C  Y N 362 
TRP CD2  C  Y N 363 
TRP NE1  N  Y N 364 
TRP CE2  C  Y N 365 
TRP CE3  C  Y N 366 
TRP CZ2  C  Y N 367 
TRP CZ3  C  Y N 368 
TRP CH2  C  Y N 369 
TRP OXT  O  N N 370 
TRP H    H  N N 371 
TRP H2   H  N N 372 
TRP HA   H  N N 373 
TRP HB2  H  N N 374 
TRP HB3  H  N N 375 
TRP HD1  H  N N 376 
TRP HE1  H  N N 377 
TRP HE3  H  N N 378 
TRP HZ2  H  N N 379 
TRP HZ3  H  N N 380 
TRP HH2  H  N N 381 
TRP HXT  H  N N 382 
TYR N    N  N N 383 
TYR CA   C  N S 384 
TYR C    C  N N 385 
TYR O    O  N N 386 
TYR CB   C  N N 387 
TYR CG   C  Y N 388 
TYR CD1  C  Y N 389 
TYR CD2  C  Y N 390 
TYR CE1  C  Y N 391 
TYR CE2  C  Y N 392 
TYR CZ   C  Y N 393 
TYR OH   O  N N 394 
TYR OXT  O  N N 395 
TYR H    H  N N 396 
TYR H2   H  N N 397 
TYR HA   H  N N 398 
TYR HB2  H  N N 399 
TYR HB3  H  N N 400 
TYR HD1  H  N N 401 
TYR HD2  H  N N 402 
TYR HE1  H  N N 403 
TYR HE2  H  N N 404 
TYR HH   H  N N 405 
TYR HXT  H  N N 406 
VAL N    N  N N 407 
VAL CA   C  N S 408 
VAL C    C  N N 409 
VAL O    O  N N 410 
VAL CB   C  N N 411 
VAL CG1  C  N N 412 
VAL CG2  C  N N 413 
VAL OXT  O  N N 414 
VAL H    H  N N 415 
VAL H2   H  N N 416 
VAL HA   H  N N 417 
VAL HB   H  N N 418 
VAL HG11 H  N N 419 
VAL HG12 H  N N 420 
VAL HG13 H  N N 421 
VAL HG21 H  N N 422 
VAL HG22 H  N N 423 
VAL HG23 H  N N 424 
VAL HXT  H  N N 425 
# 
loop_
_chem_comp_bond.comp_id 
_chem_comp_bond.atom_id_1 
_chem_comp_bond.atom_id_2 
_chem_comp_bond.value_order 
_chem_comp_bond.pdbx_aromatic_flag 
_chem_comp_bond.pdbx_stereo_config 
_chem_comp_bond.pdbx_ordinal 
ALA N   CA   sing N N 1   
ALA N   H    sing N N 2   
ALA N   H2   sing N N 3   
ALA CA  C    sing N N 4   
ALA CA  CB   sing N N 5   
ALA CA  HA   sing N N 6   
ALA C   O    doub N N 7   
ALA C   OXT  sing N N 8   
ALA CB  HB1  sing N N 9   
ALA CB  HB2  sing N N 10  
ALA CB  HB3  sing N N 11  
ALA OXT HXT  sing N N 12  
ARG N   CA   sing N N 13  
ARG N   H    sing N N 14  
ARG N   H2   sing N N 15  
ARG CA  C    sing N N 16  
ARG CA  CB   sing N N 17  
ARG CA  HA   sing N N 18  
ARG C   O    doub N N 19  
ARG C   OXT  sing N N 20  
ARG CB  CG   sing N N 21  
ARG CB  HB2  sing N N 22  
ARG CB  HB3  sing N N 23  
ARG CG  CD   sing N N 24  
ARG CG  HG2  sing N N 25  
ARG CG  HG3  sing N N 26  
ARG CD  NE   sing N N 27  
ARG CD  HD2  sing N N 28  
ARG CD  HD3  sing N N 29  
ARG NE  CZ   sing N N 30  
ARG NE  HE   sing N N 31  
ARG CZ  NH1  sing N N 32  
ARG CZ  NH2  doub N N 33  
ARG NH1 HH11 sing N N 34  
ARG NH1 HH12 sing N N 35  
ARG NH2 HH21 sing N N 36  
ARG NH2 HH22 sing N N 37  
ARG OXT HXT  sing N N 38  
ASN N   CA   sing N N 39  
ASN N   H    sing N N 40  
ASN N   H2   sing N N 41  
ASN CA  C    sing N N 42  
ASN CA  CB   sing N N 43  
ASN CA  HA   sing N N 44  
ASN C   O    doub N N 45  
ASN C   OXT  sing N N 46  
ASN CB  CG   sing N N 47  
ASN CB  HB2  sing N N 48  
ASN CB  HB3  sing N N 49  
ASN CG  OD1  doub N N 50  
ASN CG  ND2  sing N N 51  
ASN ND2 HD21 sing N N 52  
ASN ND2 HD22 sing N N 53  
ASN OXT HXT  sing N N 54  
ASP N   CA   sing N N 55  
ASP N   H    sing N N 56  
ASP N   H2   sing N N 57  
ASP CA  C    sing N N 58  
ASP CA  CB   sing N N 59  
ASP CA  HA   sing N N 60  
ASP C   O    doub N N 61  
ASP C   OXT  sing N N 62  
ASP CB  CG   sing N N 63  
ASP CB  HB2  sing N N 64  
ASP CB  HB3  sing N N 65  
ASP CG  OD1  doub N N 66  
ASP CG  OD2  sing N N 67  
ASP OD2 HD2  sing N N 68  
ASP OXT HXT  sing N N 69  
CYS N   CA   sing N N 70  
CYS N   H    sing N N 71  
CYS N   H2   sing N N 72  
CYS CA  C    sing N N 73  
CYS CA  CB   sing N N 74  
CYS CA  HA   sing N N 75  
CYS C   O    doub N N 76  
CYS C   OXT  sing N N 77  
CYS CB  SG   sing N N 78  
CYS CB  HB2  sing N N 79  
CYS CB  HB3  sing N N 80  
CYS SG  HG   sing N N 81  
CYS OXT HXT  sing N N 82  
F3B CL6 C6   sing N N 83  
F3B C6  C1   doub Y N 84  
F3B C6  C5   sing Y N 85  
F3B C1  F1   sing N N 86  
F3B C1  C2   sing Y N 87  
F3B C5  F5   sing N N 88  
F3B C5  C4   doub Y N 89  
F3B C4  CL4  sing N N 90  
F3B C4  C3   sing Y N 91  
F3B C3  F3   sing N N 92  
F3B C3  C2   doub Y N 93  
F3B C2  CL2  sing N N 94  
GLN N   CA   sing N N 95  
GLN N   H    sing N N 96  
GLN N   H2   sing N N 97  
GLN CA  C    sing N N 98  
GLN CA  CB   sing N N 99  
GLN CA  HA   sing N N 100 
GLN C   O    doub N N 101 
GLN C   OXT  sing N N 102 
GLN CB  CG   sing N N 103 
GLN CB  HB2  sing N N 104 
GLN CB  HB3  sing N N 105 
GLN CG  CD   sing N N 106 
GLN CG  HG2  sing N N 107 
GLN CG  HG3  sing N N 108 
GLN CD  OE1  doub N N 109 
GLN CD  NE2  sing N N 110 
GLN NE2 HE21 sing N N 111 
GLN NE2 HE22 sing N N 112 
GLN OXT HXT  sing N N 113 
GLU N   CA   sing N N 114 
GLU N   H    sing N N 115 
GLU N   H2   sing N N 116 
GLU CA  C    sing N N 117 
GLU CA  CB   sing N N 118 
GLU CA  HA   sing N N 119 
GLU C   O    doub N N 120 
GLU C   OXT  sing N N 121 
GLU CB  CG   sing N N 122 
GLU CB  HB2  sing N N 123 
GLU CB  HB3  sing N N 124 
GLU CG  CD   sing N N 125 
GLU CG  HG2  sing N N 126 
GLU CG  HG3  sing N N 127 
GLU CD  OE1  doub N N 128 
GLU CD  OE2  sing N N 129 
GLU OE2 HE2  sing N N 130 
GLU OXT HXT  sing N N 131 
GLY N   CA   sing N N 132 
GLY N   H    sing N N 133 
GLY N   H2   sing N N 134 
GLY CA  C    sing N N 135 
GLY CA  HA2  sing N N 136 
GLY CA  HA3  sing N N 137 
GLY C   O    doub N N 138 
GLY C   OXT  sing N N 139 
GLY OXT HXT  sing N N 140 
HED C1  O1   sing N N 141 
HED C1  C2   sing N N 142 
HED C1  H11  sing N N 143 
HED C1  H12  sing N N 144 
HED O1  HO1  sing N N 145 
HED C2  S3   sing N N 146 
HED C2  H21  sing N N 147 
HED C2  H22  sing N N 148 
HED S3  S4   sing N N 149 
HED S4  C5   sing N N 150 
HED C5  C6   sing N N 151 
HED C5  H51  sing N N 152 
HED C5  H52  sing N N 153 
HED C6  O6   sing N N 154 
HED C6  H61  sing N N 155 
HED C6  H62  sing N N 156 
HED O6  HO6  sing N N 157 
HIS N   CA   sing N N 158 
HIS N   H    sing N N 159 
HIS N   H2   sing N N 160 
HIS CA  C    sing N N 161 
HIS CA  CB   sing N N 162 
HIS CA  HA   sing N N 163 
HIS C   O    doub N N 164 
HIS C   OXT  sing N N 165 
HIS CB  CG   sing N N 166 
HIS CB  HB2  sing N N 167 
HIS CB  HB3  sing N N 168 
HIS CG  ND1  sing Y N 169 
HIS CG  CD2  doub Y N 170 
HIS ND1 CE1  doub Y N 171 
HIS ND1 HD1  sing N N 172 
HIS CD2 NE2  sing Y N 173 
HIS CD2 HD2  sing N N 174 
HIS CE1 NE2  sing Y N 175 
HIS CE1 HE1  sing N N 176 
HIS NE2 HE2  sing N N 177 
HIS OXT HXT  sing N N 178 
HOH O   H1   sing N N 179 
HOH O   H2   sing N N 180 
ILE N   CA   sing N N 181 
ILE N   H    sing N N 182 
ILE N   H2   sing N N 183 
ILE CA  C    sing N N 184 
ILE CA  CB   sing N N 185 
ILE CA  HA   sing N N 186 
ILE C   O    doub N N 187 
ILE C   OXT  sing N N 188 
ILE CB  CG1  sing N N 189 
ILE CB  CG2  sing N N 190 
ILE CB  HB   sing N N 191 
ILE CG1 CD1  sing N N 192 
ILE CG1 HG12 sing N N 193 
ILE CG1 HG13 sing N N 194 
ILE CG2 HG21 sing N N 195 
ILE CG2 HG22 sing N N 196 
ILE CG2 HG23 sing N N 197 
ILE CD1 HD11 sing N N 198 
ILE CD1 HD12 sing N N 199 
ILE CD1 HD13 sing N N 200 
ILE OXT HXT  sing N N 201 
LEU N   CA   sing N N 202 
LEU N   H    sing N N 203 
LEU N   H2   sing N N 204 
LEU CA  C    sing N N 205 
LEU CA  CB   sing N N 206 
LEU CA  HA   sing N N 207 
LEU C   O    doub N N 208 
LEU C   OXT  sing N N 209 
LEU CB  CG   sing N N 210 
LEU CB  HB2  sing N N 211 
LEU CB  HB3  sing N N 212 
LEU CG  CD1  sing N N 213 
LEU CG  CD2  sing N N 214 
LEU CG  HG   sing N N 215 
LEU CD1 HD11 sing N N 216 
LEU CD1 HD12 sing N N 217 
LEU CD1 HD13 sing N N 218 
LEU CD2 HD21 sing N N 219 
LEU CD2 HD22 sing N N 220 
LEU CD2 HD23 sing N N 221 
LEU OXT HXT  sing N N 222 
LYS N   CA   sing N N 223 
LYS N   H    sing N N 224 
LYS N   H2   sing N N 225 
LYS CA  C    sing N N 226 
LYS CA  CB   sing N N 227 
LYS CA  HA   sing N N 228 
LYS C   O    doub N N 229 
LYS C   OXT  sing N N 230 
LYS CB  CG   sing N N 231 
LYS CB  HB2  sing N N 232 
LYS CB  HB3  sing N N 233 
LYS CG  CD   sing N N 234 
LYS CG  HG2  sing N N 235 
LYS CG  HG3  sing N N 236 
LYS CD  CE   sing N N 237 
LYS CD  HD2  sing N N 238 
LYS CD  HD3  sing N N 239 
LYS CE  NZ   sing N N 240 
LYS CE  HE2  sing N N 241 
LYS CE  HE3  sing N N 242 
LYS NZ  HZ1  sing N N 243 
LYS NZ  HZ2  sing N N 244 
LYS NZ  HZ3  sing N N 245 
LYS OXT HXT  sing N N 246 
MET N   CA   sing N N 247 
MET N   H    sing N N 248 
MET N   H2   sing N N 249 
MET CA  C    sing N N 250 
MET CA  CB   sing N N 251 
MET CA  HA   sing N N 252 
MET C   O    doub N N 253 
MET C   OXT  sing N N 254 
MET CB  CG   sing N N 255 
MET CB  HB2  sing N N 256 
MET CB  HB3  sing N N 257 
MET CG  SD   sing N N 258 
MET CG  HG2  sing N N 259 
MET CG  HG3  sing N N 260 
MET SD  CE   sing N N 261 
MET CE  HE1  sing N N 262 
MET CE  HE2  sing N N 263 
MET CE  HE3  sing N N 264 
MET OXT HXT  sing N N 265 
PHE N   CA   sing N N 266 
PHE N   H    sing N N 267 
PHE N   H2   sing N N 268 
PHE CA  C    sing N N 269 
PHE CA  CB   sing N N 270 
PHE CA  HA   sing N N 271 
PHE C   O    doub N N 272 
PHE C   OXT  sing N N 273 
PHE CB  CG   sing N N 274 
PHE CB  HB2  sing N N 275 
PHE CB  HB3  sing N N 276 
PHE CG  CD1  doub Y N 277 
PHE CG  CD2  sing Y N 278 
PHE CD1 CE1  sing Y N 279 
PHE CD1 HD1  sing N N 280 
PHE CD2 CE2  doub Y N 281 
PHE CD2 HD2  sing N N 282 
PHE CE1 CZ   doub Y N 283 
PHE CE1 HE1  sing N N 284 
PHE CE2 CZ   sing Y N 285 
PHE CE2 HE2  sing N N 286 
PHE CZ  HZ   sing N N 287 
PHE OXT HXT  sing N N 288 
PO4 P   O1   doub N N 289 
PO4 P   O2   sing N N 290 
PO4 P   O3   sing N N 291 
PO4 P   O4   sing N N 292 
PRO N   CA   sing N N 293 
PRO N   CD   sing N N 294 
PRO N   H    sing N N 295 
PRO CA  C    sing N N 296 
PRO CA  CB   sing N N 297 
PRO CA  HA   sing N N 298 
PRO C   O    doub N N 299 
PRO C   OXT  sing N N 300 
PRO CB  CG   sing N N 301 
PRO CB  HB2  sing N N 302 
PRO CB  HB3  sing N N 303 
PRO CG  CD   sing N N 304 
PRO CG  HG2  sing N N 305 
PRO CG  HG3  sing N N 306 
PRO CD  HD2  sing N N 307 
PRO CD  HD3  sing N N 308 
PRO OXT HXT  sing N N 309 
SER N   CA   sing N N 310 
SER N   H    sing N N 311 
SER N   H2   sing N N 312 
SER CA  C    sing N N 313 
SER CA  CB   sing N N 314 
SER CA  HA   sing N N 315 
SER C   O    doub N N 316 
SER C   OXT  sing N N 317 
SER CB  OG   sing N N 318 
SER CB  HB2  sing N N 319 
SER CB  HB3  sing N N 320 
SER OG  HG   sing N N 321 
SER OXT HXT  sing N N 322 
THR N   CA   sing N N 323 
THR N   H    sing N N 324 
THR N   H2   sing N N 325 
THR CA  C    sing N N 326 
THR CA  CB   sing N N 327 
THR CA  HA   sing N N 328 
THR C   O    doub N N 329 
THR C   OXT  sing N N 330 
THR CB  OG1  sing N N 331 
THR CB  CG2  sing N N 332 
THR CB  HB   sing N N 333 
THR OG1 HG1  sing N N 334 
THR CG2 HG21 sing N N 335 
THR CG2 HG22 sing N N 336 
THR CG2 HG23 sing N N 337 
THR OXT HXT  sing N N 338 
TRP N   CA   sing N N 339 
TRP N   H    sing N N 340 
TRP N   H2   sing N N 341 
TRP CA  C    sing N N 342 
TRP CA  CB   sing N N 343 
TRP CA  HA   sing N N 344 
TRP C   O    doub N N 345 
TRP C   OXT  sing N N 346 
TRP CB  CG   sing N N 347 
TRP CB  HB2  sing N N 348 
TRP CB  HB3  sing N N 349 
TRP CG  CD1  doub Y N 350 
TRP CG  CD2  sing Y N 351 
TRP CD1 NE1  sing Y N 352 
TRP CD1 HD1  sing N N 353 
TRP CD2 CE2  doub Y N 354 
TRP CD2 CE3  sing Y N 355 
TRP NE1 CE2  sing Y N 356 
TRP NE1 HE1  sing N N 357 
TRP CE2 CZ2  sing Y N 358 
TRP CE3 CZ3  doub Y N 359 
TRP CE3 HE3  sing N N 360 
TRP CZ2 CH2  doub Y N 361 
TRP CZ2 HZ2  sing N N 362 
TRP CZ3 CH2  sing Y N 363 
TRP CZ3 HZ3  sing N N 364 
TRP CH2 HH2  sing N N 365 
TRP OXT HXT  sing N N 366 
TYR N   CA   sing N N 367 
TYR N   H    sing N N 368 
TYR N   H2   sing N N 369 
TYR CA  C    sing N N 370 
TYR CA  CB   sing N N 371 
TYR CA  HA   sing N N 372 
TYR C   O    doub N N 373 
TYR C   OXT  sing N N 374 
TYR CB  CG   sing N N 375 
TYR CB  HB2  sing N N 376 
TYR CB  HB3  sing N N 377 
TYR CG  CD1  doub Y N 378 
TYR CG  CD2  sing Y N 379 
TYR CD1 CE1  sing Y N 380 
TYR CD1 HD1  sing N N 381 
TYR CD2 CE2  doub Y N 382 
TYR CD2 HD2  sing N N 383 
TYR CE1 CZ   doub Y N 384 
TYR CE1 HE1  sing N N 385 
TYR CE2 CZ   sing Y N 386 
TYR CE2 HE2  sing N N 387 
TYR CZ  OH   sing N N 388 
TYR OH  HH   sing N N 389 
TYR OXT HXT  sing N N 390 
VAL N   CA   sing N N 391 
VAL N   H    sing N N 392 
VAL N   H2   sing N N 393 
VAL CA  C    sing N N 394 
VAL CA  CB   sing N N 395 
VAL CA  HA   sing N N 396 
VAL C   O    doub N N 397 
VAL C   OXT  sing N N 398 
VAL CB  CG1  sing N N 399 
VAL CB  CG2  sing N N 400 
VAL CB  HB   sing N N 401 
VAL CG1 HG11 sing N N 402 
VAL CG1 HG12 sing N N 403 
VAL CG1 HG13 sing N N 404 
VAL CG2 HG21 sing N N 405 
VAL CG2 HG22 sing N N 406 
VAL CG2 HG23 sing N N 407 
VAL OXT HXT  sing N N 408 
# 
loop_
_pdbx_entity_nonpoly.entity_id 
_pdbx_entity_nonpoly.name 
_pdbx_entity_nonpoly.comp_id 
2 'PHOSPHATE ION'                        PO4 
3 1,3,5-trichloro-2,4,6-trifluorobenzene F3B 
4 '2-HYDROXYETHYL DISULFIDE'             HED 
5 water                                  HOH 
# 
_pdbx_initial_refinement_model.id               1 
_pdbx_initial_refinement_model.entity_id_list   ? 
_pdbx_initial_refinement_model.type             'experimental model' 
_pdbx_initial_refinement_model.source_name      PDB 
_pdbx_initial_refinement_model.accession_code   3DMV 
_pdbx_initial_refinement_model.details          'PDB entry 3DMV' 
# 
